data_1E0K
#
_entry.id   1E0K
#
_cell.length_a   120.650
_cell.length_b   120.650
_cell.length_c   284.500
_cell.angle_alpha   90.00
_cell.angle_beta   90.00
_cell.angle_gamma   90.00
#
_symmetry.space_group_name_H-M   'P 41 21 2'
#
_entity_poly.entity_id   1
_entity_poly.type   'polypeptide(L)'
_entity_poly.pdbx_seq_one_letter_code
;IPDGVVSALSLRERIREHLSSEESVGLLFSGCTGINDKTLGARGGEVIMVTSGSGMGKSTFVRQQALQWGTAMGKKVGLA
MLEESVEETAEDLIGLHNRVRLRQSDSLKREIIENGKFDQWFDELFGNDTFHLYDSFAEAETDRLLAKLAYMRSGLGCDV
IILDHISIVVSASGESDERKMIDNLMTKLKGFAKSTGVVLVVICHLKNPDKGKAHEEGRPVSITDLRGSGALRQLSDTII
ALERNQQGDMPNLVLVRILKCRFTGDTGIAGYMEYNKETGWLEPSSYSG
;
_entity_poly.pdbx_strand_id   A,B,C,D,E,F
#
# COMPACT_ATOMS: atom_id res chain seq x y z
N PRO A 2 -50.05 2.99 7.62
CA PRO A 2 -49.25 3.19 8.85
C PRO A 2 -50.05 4.04 9.86
N ASP A 3 -50.78 3.36 10.75
CA ASP A 3 -51.62 4.08 11.72
C ASP A 3 -51.14 4.14 13.17
N GLY A 4 -51.16 5.36 13.69
CA GLY A 4 -50.77 5.67 15.06
C GLY A 4 -51.21 7.12 15.24
N VAL A 5 -52.27 7.43 14.52
CA VAL A 5 -52.87 8.76 14.50
C VAL A 5 -54.11 8.78 15.38
N VAL A 6 -53.90 9.01 16.68
CA VAL A 6 -55.01 9.05 17.61
C VAL A 6 -55.78 10.36 17.56
N SER A 7 -57.08 10.27 17.84
CA SER A 7 -57.96 11.43 17.87
C SER A 7 -58.03 11.97 19.29
N ALA A 8 -58.15 13.27 19.42
CA ALA A 8 -58.15 13.87 20.75
C ALA A 8 -59.30 13.56 21.69
N LEU A 9 -60.37 12.91 21.25
CA LEU A 9 -61.46 12.60 22.20
C LEU A 9 -61.19 11.28 22.88
N SER A 10 -60.68 10.32 22.14
CA SER A 10 -60.38 9.01 22.68
C SER A 10 -59.17 9.08 23.54
N LEU A 11 -58.61 10.27 23.72
CA LEU A 11 -57.43 10.40 24.55
C LEU A 11 -57.84 10.66 25.99
N ARG A 12 -59.15 10.75 26.21
CA ARG A 12 -59.71 11.02 27.52
C ARG A 12 -59.14 10.24 28.69
N GLU A 13 -59.22 8.92 28.63
CA GLU A 13 -58.71 8.19 29.77
C GLU A 13 -57.18 8.29 29.95
N ARG A 14 -56.45 8.60 28.88
CA ARG A 14 -55.01 8.72 29.03
C ARG A 14 -54.63 10.07 29.61
N ILE A 15 -55.42 11.10 29.32
CA ILE A 15 -55.12 12.43 29.84
C ILE A 15 -55.46 12.45 31.33
N ARG A 16 -56.49 11.69 31.72
CA ARG A 16 -56.87 11.60 33.14
C ARG A 16 -55.77 10.96 33.98
N GLU A 17 -55.22 9.86 33.48
CA GLU A 17 -54.15 9.15 34.17
C GLU A 17 -53.00 10.11 34.34
N HIS A 18 -52.53 10.60 33.22
CA HIS A 18 -51.43 11.55 33.15
C HIS A 18 -51.65 12.75 34.11
N LEU A 19 -52.86 13.30 34.12
CA LEU A 19 -53.16 14.45 34.96
C LEU A 19 -53.09 14.20 36.45
N SER A 20 -53.13 12.95 36.88
CA SER A 20 -53.07 12.70 38.30
C SER A 20 -51.66 12.25 38.70
N SER A 21 -50.91 13.18 39.29
CA SER A 21 -49.54 12.95 39.72
C SER A 21 -48.54 13.11 38.57
N GLU A 22 -48.69 14.20 37.81
CA GLU A 22 -47.80 14.53 36.70
C GLU A 22 -46.90 15.67 37.17
N GLU A 23 -45.85 15.32 37.91
CA GLU A 23 -44.91 16.28 38.45
C GLU A 23 -43.79 16.54 37.45
N SER A 24 -44.20 18.39 44.04
CA SER A 24 -44.14 19.77 43.56
C SER A 24 -42.72 20.33 43.76
N VAL A 25 -42.30 20.46 45.04
CA VAL A 25 -40.99 20.98 45.39
C VAL A 25 -40.23 20.06 46.38
N GLY A 26 -39.05 19.62 45.96
CA GLY A 26 -38.22 18.74 46.77
C GLY A 26 -36.86 18.56 46.11
N LEU A 27 -35.79 18.69 46.87
CA LEU A 27 -34.45 18.54 46.31
C LEU A 27 -34.18 19.68 45.35
N LEU A 28 -33.44 20.65 45.82
CA LEU A 28 -33.12 21.79 45.01
C LEU A 28 -31.61 21.87 44.87
N PHE A 29 -31.15 21.80 43.62
CA PHE A 29 -29.75 21.89 43.26
C PHE A 29 -29.05 23.03 44.04
N SER A 30 -27.77 22.82 44.36
CA SER A 30 -26.94 23.78 45.10
C SER A 30 -25.75 24.16 44.22
N GLY A 31 -25.18 25.32 44.52
CA GLY A 31 -24.06 25.82 43.74
C GLY A 31 -24.57 27.04 42.99
N CYS A 32 -25.88 27.07 42.76
CA CYS A 32 -26.48 28.20 42.08
C CYS A 32 -28.01 28.17 42.04
N THR A 33 -28.60 29.20 42.66
CA THR A 33 -30.05 29.36 42.68
C THR A 33 -30.33 29.93 41.29
N GLY A 34 -31.48 29.63 40.73
CA GLY A 34 -31.76 30.12 39.40
C GLY A 34 -31.96 28.83 38.66
N ILE A 35 -31.17 27.82 38.99
CA ILE A 35 -31.37 26.53 38.36
C ILE A 35 -32.72 26.20 38.99
N ASN A 36 -32.80 26.49 40.29
CA ASN A 36 -33.99 26.26 41.14
C ASN A 36 -35.16 27.15 40.75
N ASP A 37 -34.85 28.39 40.37
CA ASP A 37 -35.85 29.34 39.96
C ASP A 37 -36.44 28.93 38.64
N LYS A 38 -35.68 28.18 37.84
CA LYS A 38 -36.17 27.77 36.54
C LYS A 38 -36.53 26.30 36.44
N THR A 39 -36.59 25.61 37.57
CA THR A 39 -36.92 24.20 37.59
C THR A 39 -37.63 23.79 38.89
N LEU A 40 -37.26 24.45 39.99
CA LEU A 40 -37.84 24.14 41.28
C LEU A 40 -37.39 22.76 41.76
N GLY A 41 -36.09 22.53 41.70
CA GLY A 41 -35.53 21.26 42.12
C GLY A 41 -35.87 20.15 41.15
N ALA A 42 -35.68 18.90 41.59
CA ALA A 42 -35.98 17.76 40.75
C ALA A 42 -36.98 16.83 41.45
N ARG A 43 -37.89 16.27 40.66
CA ARG A 43 -38.93 15.39 41.16
C ARG A 43 -38.62 13.90 41.11
N GLY A 44 -39.33 13.13 41.94
CA GLY A 44 -39.12 11.71 41.93
C GLY A 44 -39.77 11.29 40.63
N GLY A 45 -39.31 10.20 40.04
CA GLY A 45 -39.88 9.76 38.77
C GLY A 45 -39.29 10.55 37.60
N GLU A 46 -38.80 11.75 37.88
CA GLU A 46 -38.20 12.63 36.86
C GLU A 46 -36.77 12.24 36.48
N VAL A 47 -36.34 12.68 35.30
CA VAL A 47 -35.00 12.35 34.80
C VAL A 47 -34.18 13.58 34.48
N ILE A 48 -33.25 13.96 35.36
CA ILE A 48 -32.40 15.13 35.13
C ILE A 48 -31.25 14.78 34.17
N MET A 49 -31.06 15.63 33.16
CA MET A 49 -30.03 15.43 32.14
C MET A 49 -28.98 16.55 32.23
N VAL A 50 -27.75 16.19 32.59
CA VAL A 50 -26.67 17.17 32.70
C VAL A 50 -25.61 16.92 31.62
N THR A 51 -25.26 17.97 30.88
CA THR A 51 -24.29 17.86 29.81
C THR A 51 -23.39 19.08 29.68
N SER A 52 -22.29 18.89 28.96
CA SER A 52 -21.33 19.96 28.72
C SER A 52 -20.15 19.42 27.91
N GLY A 53 -19.28 20.33 27.49
CA GLY A 53 -18.12 19.91 26.72
C GLY A 53 -17.23 19.01 27.55
N SER A 54 -16.21 18.42 26.91
CA SER A 54 -15.30 17.51 27.60
C SER A 54 -14.39 18.25 28.58
N GLY A 55 -14.50 17.87 29.85
CA GLY A 55 -13.69 18.48 30.90
C GLY A 55 -14.19 19.83 31.36
N MET A 56 -15.51 20.01 31.40
CA MET A 56 -16.07 21.30 31.80
C MET A 56 -16.82 21.33 33.12
N GLY A 57 -17.15 20.18 33.67
CA GLY A 57 -17.83 20.18 34.95
C GLY A 57 -19.17 19.47 34.99
N LYS A 58 -19.42 18.56 34.07
CA LYS A 58 -20.66 17.79 34.07
C LYS A 58 -20.54 16.92 35.30
N SER A 59 -19.34 16.41 35.48
CA SER A 59 -19.00 15.53 36.58
C SER A 59 -18.90 16.26 37.92
N THR A 60 -18.29 17.44 37.93
CA THR A 60 -18.11 18.19 39.17
C THR A 60 -19.40 18.73 39.73
N PHE A 61 -20.30 19.13 38.84
CA PHE A 61 -21.60 19.65 39.27
C PHE A 61 -22.46 18.55 39.86
N VAL A 62 -22.68 17.49 39.09
CA VAL A 62 -23.53 16.37 39.50
C VAL A 62 -23.02 15.64 40.74
N ARG A 63 -21.74 15.80 41.06
CA ARG A 63 -21.19 15.14 42.24
C ARG A 63 -21.47 16.06 43.46
N GLN A 64 -21.50 17.37 43.23
CA GLN A 64 -21.79 18.33 44.28
C GLN A 64 -23.20 18.07 44.80
N GLN A 65 -24.14 17.87 43.88
CA GLN A 65 -25.51 17.58 44.26
C GLN A 65 -25.51 16.27 45.10
N ALA A 66 -24.81 15.25 44.63
CA ALA A 66 -24.74 13.99 45.37
C ALA A 66 -24.34 14.35 46.80
N LEU A 67 -23.27 15.11 46.90
CA LEU A 67 -22.75 15.53 48.18
C LEU A 67 -23.85 16.17 49.00
N GLN A 68 -24.21 17.38 48.64
CA GLN A 68 -25.26 18.11 49.32
C GLN A 68 -26.42 17.19 49.69
N TRP A 69 -27.06 16.64 48.66
CA TRP A 69 -28.21 15.76 48.84
C TRP A 69 -28.11 14.72 49.94
N GLY A 70 -27.00 14.00 50.01
CA GLY A 70 -26.85 12.98 51.04
C GLY A 70 -26.20 13.46 52.32
N THR A 71 -26.12 14.78 52.47
CA THR A 71 -25.50 15.42 53.63
C THR A 71 -26.46 16.38 54.34
N ALA A 72 -26.66 17.56 53.75
CA ALA A 72 -27.55 18.57 54.31
C ALA A 72 -29.01 18.09 54.34
N MET A 73 -29.46 17.49 53.24
CA MET A 73 -30.84 17.02 53.14
C MET A 73 -30.99 15.51 53.29
N GLY A 74 -30.03 14.90 53.98
CA GLY A 74 -30.01 13.47 54.24
C GLY A 74 -30.77 12.50 53.35
N LYS A 75 -30.38 12.40 52.08
CA LYS A 75 -31.04 11.50 51.16
C LYS A 75 -30.09 10.38 50.76
N LYS A 76 -30.63 9.21 50.43
CA LYS A 76 -29.79 8.09 50.02
C LYS A 76 -29.41 8.20 48.55
N VAL A 77 -28.18 8.63 48.29
CA VAL A 77 -27.69 8.78 46.93
C VAL A 77 -27.05 7.50 46.38
N GLY A 78 -27.45 7.15 45.18
CA GLY A 78 -26.91 5.97 44.51
C GLY A 78 -25.91 6.48 43.48
N LEU A 79 -24.68 5.96 43.52
CA LEU A 79 -23.65 6.38 42.61
C LEU A 79 -23.22 5.29 41.66
N ALA A 80 -23.15 5.62 40.38
CA ALA A 80 -22.74 4.67 39.36
C ALA A 80 -21.83 5.34 38.35
N MET A 81 -20.54 5.43 38.70
CA MET A 81 -19.53 6.08 37.88
C MET A 81 -18.70 5.04 37.13
N LEU A 82 -19.22 4.56 36.02
CA LEU A 82 -18.55 3.53 35.24
C LEU A 82 -17.16 3.84 34.70
N GLU A 83 -16.71 5.09 34.86
CA GLU A 83 -15.38 5.46 34.37
C GLU A 83 -14.37 5.68 35.47
N GLU A 84 -14.73 5.38 36.71
CA GLU A 84 -13.80 5.56 37.82
C GLU A 84 -14.04 4.63 39.01
N SER A 85 -12.95 4.27 39.71
CA SER A 85 -13.00 3.38 40.86
C SER A 85 -13.80 3.93 42.01
N VAL A 86 -14.60 3.08 42.63
CA VAL A 86 -15.43 3.50 43.75
C VAL A 86 -14.57 4.28 44.75
N GLU A 87 -13.30 3.92 44.89
CA GLU A 87 -12.38 4.63 45.80
C GLU A 87 -12.03 6.04 45.26
N GLU A 88 -12.03 6.18 43.95
CA GLU A 88 -11.74 7.45 43.32
C GLU A 88 -12.90 8.38 43.49
N THR A 89 -14.11 7.88 43.23
CA THR A 89 -15.27 8.72 43.36
C THR A 89 -15.40 9.02 44.86
N ALA A 90 -15.06 8.04 45.68
CA ALA A 90 -15.09 8.22 47.12
C ALA A 90 -14.18 9.41 47.47
N GLU A 91 -12.99 9.38 46.89
CA GLU A 91 -11.98 10.41 47.08
C GLU A 91 -12.53 11.81 46.84
N ASP A 92 -13.17 11.99 45.68
CA ASP A 92 -13.73 13.29 45.32
C ASP A 92 -14.72 13.76 46.37
N LEU A 93 -15.61 12.86 46.75
CA LEU A 93 -16.63 13.16 47.77
C LEU A 93 -15.99 13.59 49.08
N ILE A 94 -14.94 12.89 49.48
CA ILE A 94 -14.23 13.20 50.72
C ILE A 94 -13.57 14.56 50.63
N GLY A 95 -12.67 14.74 49.67
CA GLY A 95 -12.01 16.04 49.53
C GLY A 95 -13.06 17.14 49.39
N LEU A 96 -14.06 16.86 48.57
CA LEU A 96 -15.14 17.80 48.30
C LEU A 96 -15.78 18.22 49.63
N HIS A 97 -16.26 17.22 50.38
CA HIS A 97 -16.90 17.42 51.70
C HIS A 97 -16.07 18.37 52.55
N ASN A 98 -14.79 18.05 52.70
CA ASN A 98 -13.87 18.84 53.48
C ASN A 98 -13.27 20.04 52.72
N ARG A 99 -13.98 20.54 51.71
CA ARG A 99 -13.54 21.71 50.94
C ARG A 99 -12.08 21.65 50.54
N VAL A 100 -11.67 20.56 49.87
CA VAL A 100 -10.28 20.43 49.42
C VAL A 100 -10.11 19.55 48.19
N ARG A 101 -8.99 19.72 47.50
CA ARG A 101 -8.69 18.93 46.31
C ARG A 101 -7.65 17.87 46.63
N LEU A 102 -8.13 16.89 47.38
CA LEU A 102 -7.39 15.75 47.88
C LEU A 102 -6.69 14.90 46.81
N ARG A 103 -7.05 15.09 45.55
CA ARG A 103 -6.41 14.30 44.52
C ARG A 103 -5.20 15.07 44.08
N GLN A 104 -5.41 16.35 43.78
CA GLN A 104 -4.35 17.24 43.34
C GLN A 104 -3.29 17.52 44.40
N SER A 105 -3.31 16.76 45.49
CA SER A 105 -2.34 16.98 46.56
C SER A 105 -1.78 15.71 47.17
N ASP A 106 -0.62 15.26 46.70
CA ASP A 106 -0.02 14.04 47.25
C ASP A 106 0.51 14.28 48.64
N SER A 107 0.53 15.54 49.07
CA SER A 107 1.01 15.89 50.39
C SER A 107 -0.17 15.81 51.35
N LEU A 108 -1.31 16.33 50.91
CA LEU A 108 -2.51 16.34 51.73
C LEU A 108 -3.04 14.93 51.93
N LYS A 109 -2.75 14.04 50.99
CA LYS A 109 -3.19 12.64 51.07
C LYS A 109 -2.35 11.96 52.15
N ARG A 110 -1.04 12.13 52.03
CA ARG A 110 -0.12 11.58 52.99
C ARG A 110 -0.49 12.18 54.33
N GLU A 111 -0.71 13.49 54.32
CA GLU A 111 -1.07 14.18 55.54
C GLU A 111 -2.11 13.44 56.34
N ILE A 112 -3.37 13.55 55.92
CA ILE A 112 -4.46 12.92 56.64
C ILE A 112 -4.37 11.46 57.00
N ILE A 113 -3.62 10.68 56.24
CA ILE A 113 -3.49 9.29 56.59
C ILE A 113 -2.60 9.08 57.82
N GLU A 114 -1.49 9.81 57.90
CA GLU A 114 -0.57 9.71 59.05
C GLU A 114 -1.15 10.42 60.26
N ASN A 115 -1.46 11.70 60.08
CA ASN A 115 -2.02 12.48 61.18
C ASN A 115 -3.42 12.07 61.60
N GLY A 116 -3.94 11.00 61.02
CA GLY A 116 -5.26 10.51 61.39
C GLY A 116 -6.56 11.20 61.01
N LYS A 117 -6.50 12.25 60.19
CA LYS A 117 -7.74 12.93 59.80
C LYS A 117 -8.55 12.15 58.75
N PHE A 118 -7.97 11.07 58.22
CA PHE A 118 -8.70 10.32 57.22
C PHE A 118 -9.91 9.70 57.88
N ASP A 119 -9.65 8.86 58.88
CA ASP A 119 -10.72 8.16 59.60
C ASP A 119 -11.74 9.17 60.12
N GLN A 120 -11.23 10.34 60.49
CA GLN A 120 -12.09 11.40 60.97
C GLN A 120 -13.07 11.80 59.86
N TRP A 121 -12.53 12.31 58.75
CA TRP A 121 -13.35 12.75 57.64
C TRP A 121 -14.27 11.69 57.10
N PHE A 122 -13.71 10.49 56.94
CA PHE A 122 -14.45 9.35 56.43
C PHE A 122 -15.72 9.06 57.21
N ASP A 123 -15.62 9.03 58.53
CA ASP A 123 -16.82 8.76 59.34
C ASP A 123 -17.81 9.92 59.29
N GLU A 124 -17.33 11.12 59.55
CA GLU A 124 -18.16 12.31 59.54
C GLU A 124 -19.00 12.40 58.26
N LEU A 125 -18.49 11.84 57.18
CA LEU A 125 -19.18 11.86 55.89
C LEU A 125 -20.09 10.64 55.62
N PHE A 126 -19.47 9.51 55.31
CA PHE A 126 -20.19 8.27 55.03
C PHE A 126 -20.81 7.69 56.28
N GLY A 127 -20.65 8.43 57.39
CA GLY A 127 -21.17 8.01 58.67
C GLY A 127 -22.63 7.60 58.66
N ASN A 128 -23.48 8.43 58.06
CA ASN A 128 -24.90 8.15 58.02
C ASN A 128 -25.30 7.07 57.01
N ASP A 129 -24.35 6.27 56.54
CA ASP A 129 -24.65 5.23 55.55
C ASP A 129 -25.69 5.74 54.56
N THR A 130 -25.34 6.82 53.86
CA THR A 130 -26.22 7.42 52.86
C THR A 130 -25.74 7.12 51.42
N PHE A 131 -24.45 7.27 51.19
CA PHE A 131 -23.87 7.04 49.87
C PHE A 131 -23.63 5.58 49.61
N HIS A 132 -23.95 5.16 48.38
CA HIS A 132 -23.79 3.76 47.96
C HIS A 132 -23.32 3.78 46.51
N LEU A 133 -22.53 2.79 46.09
CA LEU A 133 -22.03 2.85 44.73
C LEU A 133 -21.92 1.56 43.91
N TYR A 134 -22.07 1.66 42.59
CA TYR A 134 -21.92 0.50 41.72
C TYR A 134 -20.41 0.30 41.67
N ASP A 135 -19.95 -0.92 41.40
CA ASP A 135 -18.50 -1.18 41.43
C ASP A 135 -18.00 -2.07 40.25
N SER A 136 -16.99 -1.60 39.51
CA SER A 136 -16.46 -2.42 38.41
C SER A 136 -15.35 -1.78 37.56
N PHE A 137 -15.77 -1.17 36.45
CA PHE A 137 -14.90 -0.54 35.44
C PHE A 137 -14.86 -1.58 34.32
N ALA A 138 -15.38 -2.76 34.64
CA ALA A 138 -15.47 -3.88 33.72
C ALA A 138 -16.84 -3.78 33.04
N GLU A 139 -16.84 -3.09 31.89
CA GLU A 139 -18.02 -2.82 31.05
C GLU A 139 -19.33 -3.45 31.53
N ALA A 140 -20.28 -2.58 31.88
CA ALA A 140 -21.59 -3.00 32.37
C ALA A 140 -22.67 -2.97 31.29
N GLU A 141 -23.47 -4.02 31.23
CA GLU A 141 -24.55 -4.13 30.24
C GLU A 141 -25.75 -3.29 30.68
N THR A 142 -26.69 -3.06 29.77
CA THR A 142 -27.88 -2.26 30.08
C THR A 142 -28.73 -2.89 31.18
N ASP A 143 -29.31 -4.07 30.90
CA ASP A 143 -30.14 -4.74 31.90
C ASP A 143 -29.32 -4.94 33.16
N ARG A 144 -28.12 -5.47 32.98
CA ARG A 144 -27.17 -5.70 34.07
C ARG A 144 -27.18 -4.47 34.97
N LEU A 145 -26.83 -3.33 34.36
CA LEU A 145 -26.78 -2.05 35.05
C LEU A 145 -28.11 -1.70 35.69
N LEU A 146 -29.17 -1.63 34.88
CA LEU A 146 -30.48 -1.28 35.40
C LEU A 146 -30.86 -2.09 36.63
N ALA A 147 -30.47 -3.36 36.64
CA ALA A 147 -30.77 -4.24 37.78
C ALA A 147 -30.16 -3.69 39.07
N LYS A 148 -28.86 -3.41 39.04
CA LYS A 148 -28.18 -2.89 40.20
C LYS A 148 -28.71 -1.52 40.55
N LEU A 149 -28.88 -0.69 39.53
CA LEU A 149 -29.42 0.66 39.72
C LEU A 149 -30.74 0.51 40.45
N ALA A 150 -31.45 -0.57 40.13
CA ALA A 150 -32.75 -0.89 40.72
C ALA A 150 -32.57 -1.38 42.16
N TYR A 151 -31.50 -2.14 42.37
CA TYR A 151 -31.19 -2.67 43.68
C TYR A 151 -30.86 -1.54 44.62
N MET A 152 -30.32 -0.45 44.08
CA MET A 152 -29.96 0.72 44.87
C MET A 152 -31.23 1.46 45.31
N ARG A 153 -32.29 1.32 44.52
CA ARG A 153 -33.58 1.97 44.78
C ARG A 153 -34.53 1.12 45.62
N SER A 154 -34.52 -0.19 45.36
CA SER A 154 -35.39 -1.12 46.08
C SER A 154 -34.64 -1.79 47.23
N GLY A 155 -33.50 -2.40 46.92
CA GLY A 155 -32.71 -3.06 47.94
C GLY A 155 -32.20 -2.14 49.03
N LEU A 156 -31.46 -1.10 48.65
CA LEU A 156 -30.90 -0.17 49.63
C LEU A 156 -31.82 1.03 49.94
N GLY A 157 -32.77 1.29 49.05
CA GLY A 157 -33.71 2.38 49.27
C GLY A 157 -33.15 3.79 49.13
N CYS A 158 -32.71 4.11 47.92
CA CYS A 158 -32.15 5.42 47.61
C CYS A 158 -33.20 6.39 47.10
N ASP A 159 -32.99 7.68 47.36
CA ASP A 159 -33.89 8.74 46.91
C ASP A 159 -33.41 9.22 45.53
N VAL A 160 -32.08 9.39 45.43
CA VAL A 160 -31.45 9.86 44.21
C VAL A 160 -30.40 8.89 43.67
N ILE A 161 -30.41 8.66 42.37
CA ILE A 161 -29.43 7.79 41.72
C ILE A 161 -28.65 8.63 40.71
N ILE A 162 -27.36 8.37 40.56
CA ILE A 162 -26.54 9.13 39.62
C ILE A 162 -25.87 8.19 38.63
N LEU A 163 -26.15 8.36 37.34
CA LEU A 163 -25.52 7.54 36.34
C LEU A 163 -24.63 8.46 35.54
N ASP A 164 -23.32 8.38 35.77
CA ASP A 164 -22.39 9.23 35.07
C ASP A 164 -21.99 8.68 33.72
N HIS A 165 -22.18 9.52 32.70
CA HIS A 165 -21.79 9.19 31.35
C HIS A 165 -22.70 8.12 30.73
N ILE A 166 -23.66 8.54 29.91
CA ILE A 166 -24.58 7.61 29.27
C ILE A 166 -24.19 7.45 27.81
N SER A 167 -23.10 6.73 27.59
CA SER A 167 -22.62 6.46 26.25
C SER A 167 -21.99 5.08 26.43
N ILE A 168 -21.46 4.88 27.63
CA ILE A 168 -20.86 3.61 27.97
C ILE A 168 -22.03 2.61 28.03
N VAL A 169 -22.42 2.12 26.85
CA VAL A 169 -23.52 1.19 26.72
C VAL A 169 -23.21 -0.27 27.08
N VAL A 170 -22.41 -0.94 26.23
CA VAL A 170 -22.01 -2.33 26.44
C VAL A 170 -23.22 -3.28 26.51
N SER A 171 -23.89 -3.47 25.38
CA SER A 171 -25.05 -4.36 25.35
C SER A 171 -25.33 -4.91 23.95
N ALA A 172 -25.93 -6.11 23.91
CA ALA A 172 -26.29 -6.81 22.66
C ALA A 172 -25.60 -6.25 21.42
N SER A 173 -24.30 -6.49 21.29
CA SER A 173 -23.53 -5.99 20.15
C SER A 173 -23.80 -6.72 18.83
N GLY A 174 -23.86 -5.96 17.75
CA GLY A 174 -24.10 -6.55 16.43
C GLY A 174 -25.17 -5.80 15.65
N GLU A 175 -25.79 -4.83 16.33
CA GLU A 175 -26.85 -4.01 15.74
C GLU A 175 -26.32 -2.60 15.49
N SER A 176 -26.16 -2.27 14.21
CA SER A 176 -25.62 -0.99 13.75
C SER A 176 -25.94 0.26 14.55
N ASP A 177 -25.15 1.30 14.28
CA ASP A 177 -25.26 2.60 14.93
C ASP A 177 -25.87 2.56 16.32
N GLU A 178 -24.98 2.66 17.31
CA GLU A 178 -25.35 2.65 18.72
C GLU A 178 -26.29 3.80 19.02
N ARG A 179 -26.85 4.41 17.97
CA ARG A 179 -27.78 5.52 18.12
C ARG A 179 -29.08 5.07 18.75
N LYS A 180 -29.36 3.76 18.69
CA LYS A 180 -30.59 3.22 19.27
C LYS A 180 -30.33 2.75 20.70
N MET A 181 -29.15 2.18 20.92
CA MET A 181 -28.78 1.70 22.25
C MET A 181 -29.08 2.84 23.21
N ILE A 182 -28.48 3.99 22.92
CA ILE A 182 -28.70 5.17 23.71
C ILE A 182 -30.20 5.41 23.83
N ASP A 183 -30.91 5.30 22.72
CA ASP A 183 -32.36 5.51 22.70
C ASP A 183 -33.08 4.49 23.57
N ASN A 184 -32.83 3.21 23.31
CA ASN A 184 -33.46 2.16 24.07
C ASN A 184 -33.18 2.34 25.56
N LEU A 185 -31.90 2.47 25.89
CA LEU A 185 -31.50 2.65 27.28
C LEU A 185 -32.25 3.78 27.95
N MET A 186 -32.34 4.91 27.27
CA MET A 186 -33.01 6.08 27.84
C MET A 186 -34.47 5.81 28.23
N THR A 187 -35.13 4.90 27.50
CA THR A 187 -36.52 4.55 27.78
C THR A 187 -36.63 3.71 29.05
N LYS A 188 -35.79 2.69 29.13
CA LYS A 188 -35.74 1.81 30.29
C LYS A 188 -35.47 2.67 31.52
N LEU A 189 -34.56 3.62 31.36
CA LEU A 189 -34.18 4.55 32.40
C LEU A 189 -35.32 5.48 32.81
N LYS A 190 -36.08 5.96 31.83
CA LYS A 190 -37.21 6.84 32.12
C LYS A 190 -38.33 5.96 32.66
N GLY A 191 -38.34 4.70 32.27
CA GLY A 191 -39.35 3.79 32.75
C GLY A 191 -39.13 3.55 34.24
N PHE A 192 -38.08 2.79 34.54
CA PHE A 192 -37.72 2.48 35.92
C PHE A 192 -37.80 3.73 36.80
N ALA A 193 -37.33 4.86 36.30
CA ALA A 193 -37.33 6.10 37.07
C ALA A 193 -38.72 6.54 37.53
N LYS A 194 -39.68 6.45 36.60
CA LYS A 194 -41.05 6.86 36.84
C LYS A 194 -41.83 5.88 37.71
N SER A 195 -41.67 4.59 37.41
CA SER A 195 -42.36 3.52 38.15
C SER A 195 -41.88 3.24 39.58
N THR A 196 -40.69 3.73 39.94
CA THR A 196 -40.15 3.56 41.29
C THR A 196 -40.24 4.89 42.01
N GLY A 197 -40.17 5.97 41.25
CA GLY A 197 -40.26 7.32 41.79
C GLY A 197 -38.94 7.85 42.29
N VAL A 198 -37.85 7.24 41.81
CA VAL A 198 -36.52 7.64 42.22
C VAL A 198 -35.97 8.78 41.36
N VAL A 199 -35.36 9.77 42.00
CA VAL A 199 -34.77 10.89 41.26
C VAL A 199 -33.62 10.28 40.46
N LEU A 200 -33.60 10.47 39.15
CA LEU A 200 -32.52 9.93 38.35
C LEU A 200 -31.74 10.99 37.61
N VAL A 201 -30.48 11.18 37.98
CA VAL A 201 -29.66 12.17 37.30
C VAL A 201 -28.71 11.45 36.35
N VAL A 202 -28.71 11.89 35.09
CA VAL A 202 -27.84 11.29 34.10
C VAL A 202 -26.96 12.32 33.37
N ILE A 203 -25.76 11.90 33.05
CA ILE A 203 -24.77 12.73 32.37
C ILE A 203 -24.51 12.16 30.98
N CYS A 204 -24.66 12.97 29.93
CA CYS A 204 -24.36 12.50 28.58
C CYS A 204 -23.48 13.56 27.95
N HIS A 205 -22.71 13.19 26.94
CA HIS A 205 -21.81 14.13 26.27
C HIS A 205 -22.41 14.78 25.04
N LEU A 206 -21.65 15.69 24.42
CA LEU A 206 -22.12 16.40 23.24
C LEU A 206 -21.38 15.97 21.98
N LYS A 207 -22.07 16.00 20.84
CA LYS A 207 -21.44 15.65 19.57
C LYS A 207 -20.38 16.71 19.33
N ASN A 208 -19.42 16.46 18.45
CA ASN A 208 -18.37 17.43 18.17
C ASN A 208 -18.71 18.24 16.92
N PRO A 209 -19.23 19.47 17.11
CA PRO A 209 -19.63 20.38 16.03
C PRO A 209 -18.70 20.49 14.82
N ASP A 210 -17.43 20.80 15.06
CA ASP A 210 -16.48 20.95 13.96
C ASP A 210 -17.13 21.66 12.80
N LYS A 211 -17.62 22.85 13.08
CA LYS A 211 -18.28 23.70 12.11
C LYS A 211 -18.42 25.01 12.87
N GLY A 212 -17.27 25.55 13.25
CA GLY A 212 -17.22 26.79 14.00
C GLY A 212 -16.34 26.58 15.20
N LYS A 213 -16.30 27.56 16.11
CA LYS A 213 -15.50 27.47 17.32
C LYS A 213 -16.31 26.68 18.34
N ALA A 214 -15.71 25.63 18.90
CA ALA A 214 -16.43 24.74 19.80
C ALA A 214 -16.19 24.62 21.31
N HIS A 215 -17.32 24.32 21.97
CA HIS A 215 -17.50 24.06 23.39
C HIS A 215 -16.47 24.47 24.43
N GLU A 216 -15.26 23.95 24.30
CA GLU A 216 -14.24 24.29 25.28
C GLU A 216 -13.83 25.74 25.14
N GLU A 217 -14.32 26.41 24.10
CA GLU A 217 -13.94 27.80 23.89
C GLU A 217 -15.08 28.77 23.96
N GLY A 218 -16.24 28.26 24.38
CA GLY A 218 -17.44 29.09 24.49
C GLY A 218 -18.57 28.33 23.83
N ARG A 219 -19.29 28.98 22.93
CA ARG A 219 -20.37 28.33 22.21
C ARG A 219 -21.42 27.66 23.07
N PRO A 220 -22.60 28.27 23.16
CA PRO A 220 -23.56 27.56 23.98
C PRO A 220 -23.93 26.22 23.36
N VAL A 221 -24.64 25.40 24.10
CA VAL A 221 -25.06 24.11 23.60
C VAL A 221 -26.55 24.19 23.37
N SER A 222 -26.99 23.76 22.18
CA SER A 222 -28.42 23.79 21.88
C SER A 222 -28.94 22.37 22.02
N ILE A 223 -30.26 22.21 22.10
CA ILE A 223 -30.82 20.88 22.26
C ILE A 223 -30.30 19.93 21.20
N THR A 224 -29.99 20.46 20.02
CA THR A 224 -29.49 19.62 18.93
C THR A 224 -28.13 18.97 19.23
N ASP A 225 -27.18 19.78 19.69
CA ASP A 225 -25.84 19.29 20.00
C ASP A 225 -25.78 18.09 20.94
N LEU A 226 -26.92 17.60 21.42
CA LEU A 226 -26.90 16.47 22.35
C LEU A 226 -26.62 15.10 21.74
N ARG A 227 -25.44 14.56 22.05
CA ARG A 227 -25.02 13.23 21.59
C ARG A 227 -26.21 12.29 21.68
N GLY A 228 -26.18 11.22 20.91
CA GLY A 228 -27.29 10.29 20.95
C GLY A 228 -28.48 10.91 20.23
N SER A 229 -28.97 10.20 19.21
CA SER A 229 -30.10 10.68 18.43
C SER A 229 -31.22 11.14 19.35
N GLY A 230 -31.12 12.39 19.80
CA GLY A 230 -32.10 12.99 20.69
C GLY A 230 -33.34 12.24 21.16
N ALA A 231 -33.17 11.03 21.68
CA ALA A 231 -34.32 10.28 22.20
C ALA A 231 -34.35 10.69 23.66
N LEU A 232 -33.17 11.07 24.13
CA LEU A 232 -32.94 11.52 25.50
C LEU A 232 -33.41 12.97 25.71
N ARG A 233 -33.60 13.71 24.62
CA ARG A 233 -34.05 15.10 24.72
C ARG A 233 -35.55 15.05 24.89
N GLN A 234 -36.06 13.84 24.89
CA GLN A 234 -37.48 13.59 25.02
C GLN A 234 -37.80 12.94 26.35
N LEU A 235 -37.23 11.76 26.56
CA LEU A 235 -37.46 11.01 27.80
C LEU A 235 -36.97 11.75 29.06
N SER A 236 -35.92 12.55 28.92
CA SER A 236 -35.41 13.30 30.06
C SER A 236 -36.36 14.45 30.26
N ASP A 237 -36.68 14.77 31.50
CA ASP A 237 -37.62 15.85 31.79
C ASP A 237 -36.92 17.20 31.86
N THR A 238 -35.71 17.21 32.40
CA THR A 238 -34.96 18.45 32.48
C THR A 238 -33.57 18.24 31.90
N ILE A 239 -32.96 19.32 31.47
CA ILE A 239 -31.65 19.25 30.85
C ILE A 239 -30.78 20.44 31.26
N ILE A 240 -29.79 20.18 32.12
CA ILE A 240 -28.89 21.22 32.56
C ILE A 240 -27.67 21.20 31.65
N ALA A 241 -27.17 22.38 31.30
CA ALA A 241 -26.00 22.45 30.45
C ALA A 241 -25.03 23.48 30.97
N LEU A 242 -23.76 23.10 31.00
CA LEU A 242 -22.74 23.99 31.47
C LEU A 242 -21.81 24.36 30.32
N GLU A 243 -21.45 25.63 30.26
CA GLU A 243 -20.57 26.11 29.21
C GLU A 243 -19.53 27.01 29.84
N ARG A 244 -18.29 26.90 29.39
CA ARG A 244 -17.21 27.76 29.86
C ARG A 244 -16.06 27.76 28.87
N ASN A 245 -15.45 28.92 28.63
CA ASN A 245 -14.32 28.99 27.71
C ASN A 245 -13.03 28.84 28.51
N GLN A 246 -12.45 27.65 28.49
CA GLN A 246 -11.22 27.40 29.24
C GLN A 246 -10.03 28.21 28.73
N GLN A 247 -10.16 28.73 27.52
CA GLN A 247 -9.10 29.53 26.93
C GLN A 247 -9.37 31.03 27.09
N GLY A 248 -10.29 31.38 27.97
CA GLY A 248 -10.61 32.78 28.15
C GLY A 248 -10.09 33.45 29.39
N ASP A 249 -10.74 34.53 29.79
CA ASP A 249 -10.32 35.29 30.97
C ASP A 249 -10.92 34.74 32.26
N MET A 250 -12.07 34.09 32.18
CA MET A 250 -12.72 33.52 33.36
C MET A 250 -13.04 32.05 33.11
N PRO A 251 -11.99 31.23 32.93
CA PRO A 251 -12.07 29.80 32.67
C PRO A 251 -12.78 29.06 33.81
N ASN A 252 -12.93 29.74 34.93
CA ASN A 252 -13.59 29.16 36.08
C ASN A 252 -15.01 29.72 36.13
N LEU A 253 -15.31 30.64 35.23
CA LEU A 253 -16.65 31.21 35.17
C LEU A 253 -17.49 30.27 34.32
N VAL A 254 -18.55 29.72 34.90
CA VAL A 254 -19.39 28.81 34.15
C VAL A 254 -20.85 29.19 34.16
N LEU A 255 -21.42 29.24 32.96
CA LEU A 255 -22.80 29.58 32.76
C LEU A 255 -23.67 28.33 32.76
N VAL A 256 -24.76 28.35 33.52
CA VAL A 256 -25.67 27.21 33.54
C VAL A 256 -26.81 27.58 32.62
N ARG A 257 -27.17 26.66 31.74
CA ARG A 257 -28.25 26.93 30.82
C ARG A 257 -29.21 25.79 30.86
N ILE A 258 -30.49 26.11 31.00
CA ILE A 258 -31.52 25.08 31.02
C ILE A 258 -32.05 24.90 29.61
N LEU A 259 -31.91 23.67 29.08
CA LEU A 259 -32.36 23.37 27.73
C LEU A 259 -33.73 22.69 27.74
N LYS A 260 -34.25 22.44 28.93
CA LYS A 260 -35.55 21.83 29.06
C LYS A 260 -35.95 21.64 30.51
N CYS A 261 -37.25 21.77 30.77
CA CYS A 261 -37.84 21.58 32.09
C CYS A 261 -39.33 21.30 31.86
N ARG A 262 -39.63 20.04 31.57
CA ARG A 262 -41.01 19.62 31.32
C ARG A 262 -41.91 20.29 32.34
N PHE A 263 -41.56 20.15 33.61
CA PHE A 263 -42.35 20.70 34.71
C PHE A 263 -42.62 22.20 34.56
N THR A 264 -41.63 23.06 34.79
CA THR A 264 -41.88 24.50 34.69
C THR A 264 -41.79 25.07 33.28
N GLY A 265 -41.38 24.25 32.32
CA GLY A 265 -41.26 24.70 30.94
C GLY A 265 -40.48 25.99 30.77
N ASP A 266 -40.06 26.54 31.91
CA ASP A 266 -39.28 27.77 32.00
C ASP A 266 -37.81 27.46 31.70
N THR A 267 -37.29 27.94 30.56
CA THR A 267 -35.89 27.68 30.18
C THR A 267 -34.97 28.90 30.14
N GLY A 268 -33.88 28.78 29.37
CA GLY A 268 -32.92 29.86 29.22
C GLY A 268 -31.65 29.76 30.06
N ILE A 269 -31.07 30.90 30.40
CA ILE A 269 -29.87 30.95 31.22
C ILE A 269 -30.23 31.01 32.71
N ALA A 270 -29.76 30.02 33.46
CA ALA A 270 -30.01 29.96 34.89
C ALA A 270 -29.21 30.99 35.64
N GLY A 271 -27.94 31.12 35.27
CA GLY A 271 -27.07 32.06 35.95
C GLY A 271 -25.62 31.67 35.77
N TYR A 272 -24.78 32.00 36.74
CA TYR A 272 -23.37 31.68 36.61
C TYR A 272 -22.75 31.05 37.87
N MET A 273 -21.62 30.36 37.67
CA MET A 273 -20.89 29.75 38.78
C MET A 273 -19.39 30.02 38.60
N GLU A 274 -18.61 29.71 39.64
CA GLU A 274 -17.15 29.86 39.60
C GLU A 274 -16.43 28.70 40.30
N TYR A 275 -15.58 28.01 39.56
CA TYR A 275 -14.84 26.90 40.12
C TYR A 275 -13.89 27.48 41.15
N ASN A 276 -13.73 26.79 42.27
CA ASN A 276 -12.83 27.26 43.32
C ASN A 276 -11.63 26.32 43.33
N LYS A 277 -10.66 26.59 42.45
CA LYS A 277 -9.46 25.77 42.37
C LYS A 277 -8.97 25.36 43.75
N GLU A 278 -9.43 26.07 44.79
CA GLU A 278 -9.06 25.76 46.15
C GLU A 278 -9.99 24.69 46.74
N THR A 279 -11.29 24.96 46.80
CA THR A 279 -12.23 23.97 47.34
C THR A 279 -12.65 22.94 46.28
N GLY A 280 -12.58 23.32 45.00
CA GLY A 280 -13.00 22.39 43.98
C GLY A 280 -14.51 22.48 43.85
N TRP A 281 -15.09 23.43 44.55
CA TRP A 281 -16.54 23.62 44.52
C TRP A 281 -17.04 24.52 43.41
N LEU A 282 -18.34 24.46 43.17
CA LEU A 282 -18.94 25.29 42.16
C LEU A 282 -19.73 26.37 42.90
N GLU A 283 -19.05 27.45 43.27
CA GLU A 283 -19.67 28.55 44.00
C GLU A 283 -20.48 29.46 43.08
N PRO A 284 -21.60 30.02 43.60
CA PRO A 284 -22.44 30.92 42.79
C PRO A 284 -21.72 32.22 42.50
N SER A 285 -21.85 32.73 41.28
CA SER A 285 -21.16 33.95 40.91
C SER A 285 -22.11 35.14 40.68
N SER A 286 -21.50 36.32 40.55
CA SER A 286 -22.20 37.59 40.31
C SER A 286 -21.74 38.09 38.93
N TYR A 287 -22.44 37.62 37.89
CA TYR A 287 -22.07 37.97 36.53
C TYR A 287 -23.25 38.31 35.61
N SER A 288 -22.93 38.78 34.40
CA SER A 288 -23.91 39.14 33.37
C SER A 288 -23.18 39.75 32.16
N GLY A 289 -23.35 39.13 30.99
CA GLY A 289 -22.67 39.62 29.79
C GLY A 289 -23.52 40.46 28.86
N PRO B 2 -28.12 -10.76 41.47
CA PRO B 2 -26.89 -10.18 40.85
C PRO B 2 -26.35 -9.09 41.76
N ASP B 3 -25.26 -9.36 42.46
CA ASP B 3 -24.69 -8.36 43.36
C ASP B 3 -23.23 -7.99 43.13
N GLY B 4 -23.00 -6.68 43.14
CA GLY B 4 -21.68 -6.11 42.94
C GLY B 4 -21.71 -4.66 43.38
N VAL B 5 -22.80 -4.28 44.05
CA VAL B 5 -23.02 -2.92 44.53
C VAL B 5 -22.44 -2.79 45.93
N VAL B 6 -21.23 -2.24 46.01
CA VAL B 6 -20.52 -2.05 47.26
C VAL B 6 -21.02 -0.83 48.01
N SER B 7 -20.82 -0.81 49.33
CA SER B 7 -21.26 0.32 50.15
C SER B 7 -20.12 1.23 50.63
N ALA B 8 -20.39 2.53 50.74
CA ALA B 8 -19.39 3.48 51.19
C ALA B 8 -18.53 2.87 52.28
N LEU B 9 -19.12 2.59 53.43
CA LEU B 9 -18.37 2.00 54.53
C LEU B 9 -17.47 0.79 54.20
N SER B 10 -17.98 -0.29 53.62
CA SER B 10 -17.14 -1.45 53.33
C SER B 10 -15.88 -1.07 52.62
N LEU B 11 -15.89 0.13 52.05
CA LEU B 11 -14.77 0.65 51.28
C LEU B 11 -13.65 1.30 52.11
N ARG B 12 -13.96 1.77 53.33
CA ARG B 12 -12.96 2.40 54.20
C ARG B 12 -11.53 1.84 54.09
N GLU B 13 -11.34 0.54 54.17
CA GLU B 13 -9.96 0.05 54.05
C GLU B 13 -9.42 0.11 52.62
N ARG B 14 -10.26 -0.20 51.64
CA ARG B 14 -9.82 -0.18 50.25
C ARG B 14 -9.44 1.24 49.85
N ILE B 15 -10.18 2.22 50.41
CA ILE B 15 -9.98 3.67 50.19
C ILE B 15 -8.75 4.18 50.94
N ARG B 16 -8.41 3.54 52.05
CA ARG B 16 -7.23 3.92 52.83
C ARG B 16 -6.02 3.48 52.02
N GLU B 17 -6.04 2.22 51.63
CA GLU B 17 -4.98 1.63 50.85
C GLU B 17 -4.81 2.45 49.55
N HIS B 18 -5.85 3.19 49.18
CA HIS B 18 -5.83 4.02 47.98
C HIS B 18 -5.05 5.30 48.26
N LEU B 19 -5.61 6.16 49.09
CA LEU B 19 -5.00 7.43 49.45
C LEU B 19 -3.53 7.48 49.81
N SER B 20 -2.76 6.43 49.58
CA SER B 20 -1.32 6.47 49.84
C SER B 20 -0.71 5.50 48.83
N SER B 21 0.54 5.74 48.44
CA SER B 21 1.16 4.88 47.45
C SER B 21 0.20 4.92 46.26
N GLU B 22 -0.32 6.12 46.04
CA GLU B 22 -1.23 6.47 44.94
C GLU B 22 -0.59 7.75 44.41
N GLU B 23 0.17 7.68 43.32
CA GLU B 23 0.85 8.89 42.83
C GLU B 23 0.11 9.78 41.84
N SER B 24 -0.19 10.99 42.30
CA SER B 24 -0.91 11.99 41.54
C SER B 24 0.03 12.94 40.80
N VAL B 25 1.25 13.12 41.31
CA VAL B 25 2.25 13.95 40.67
C VAL B 25 3.14 12.94 39.95
N GLY B 26 4.07 13.36 39.10
CA GLY B 26 4.90 12.37 38.46
C GLY B 26 5.61 12.72 37.18
N LEU B 27 6.92 12.87 37.27
CA LEU B 27 7.70 13.17 36.07
C LEU B 27 7.24 14.56 35.68
N LEU B 28 7.83 15.58 36.28
CA LEU B 28 7.44 16.96 36.02
C LEU B 28 8.07 17.44 34.74
N PHE B 29 7.35 18.25 33.99
CA PHE B 29 7.86 18.73 32.72
C PHE B 29 8.95 19.75 32.95
N SER B 30 10.00 19.69 32.14
CA SER B 30 11.12 20.60 32.25
C SER B 30 11.04 21.69 31.20
N GLY B 31 11.19 22.95 31.60
CA GLY B 31 11.13 24.02 30.63
C GLY B 31 10.26 25.13 31.15
N CYS B 32 9.42 24.83 32.12
CA CYS B 32 8.57 25.87 32.66
C CYS B 32 7.72 25.31 33.78
N THR B 33 7.98 25.74 35.01
CA THR B 33 7.14 25.26 36.11
C THR B 33 5.79 25.84 35.68
N GLY B 34 4.72 25.11 35.88
CA GLY B 34 3.45 25.65 35.44
C GLY B 34 2.81 24.67 34.51
N ILE B 35 3.63 24.03 33.68
CA ILE B 35 3.11 22.99 32.80
C ILE B 35 2.76 22.03 33.93
N ASN B 36 3.52 22.17 35.03
CA ASN B 36 3.38 21.35 36.22
C ASN B 36 2.32 21.87 37.14
N ASP B 37 2.34 23.17 37.43
CA ASP B 37 1.34 23.76 38.31
C ASP B 37 -0.08 23.51 37.79
N LYS B 38 -0.21 23.28 36.48
CA LYS B 38 -1.51 23.04 35.87
C LYS B 38 -1.81 21.58 35.60
N THR B 39 -0.79 20.79 35.33
CA THR B 39 -0.99 19.38 35.02
C THR B 39 -0.41 18.37 36.00
N LEU B 40 0.37 18.82 36.98
CA LEU B 40 0.96 17.91 37.95
C LEU B 40 1.79 16.83 37.27
N GLY B 41 2.51 17.20 36.21
CA GLY B 41 3.35 16.25 35.53
C GLY B 41 2.65 15.21 34.70
N ALA B 42 3.43 14.28 34.18
CA ALA B 42 2.88 13.21 33.36
C ALA B 42 2.64 11.93 34.14
N ARG B 43 1.39 11.52 34.28
CA ARG B 43 1.07 10.29 35.00
C ARG B 43 1.32 9.13 34.07
N GLY B 44 1.55 7.96 34.66
CA GLY B 44 1.78 6.77 33.88
C GLY B 44 0.42 6.30 33.40
N GLY B 45 0.37 5.74 32.19
CA GLY B 45 -0.91 5.28 31.69
C GLY B 45 -1.69 6.45 31.11
N GLU B 46 -1.05 7.61 31.08
CA GLU B 46 -1.64 8.83 30.55
C GLU B 46 -1.05 9.11 29.18
N VAL B 47 -1.83 9.79 28.33
CA VAL B 47 -1.35 10.12 27.00
C VAL B 47 -1.13 11.62 26.89
N ILE B 48 0.13 11.98 26.67
CA ILE B 48 0.57 13.35 26.54
C ILE B 48 0.58 13.72 25.06
N MET B 49 -0.12 14.80 24.74
CA MET B 49 -0.24 15.29 23.37
C MET B 49 0.52 16.60 23.20
N VAL B 50 1.64 16.58 22.49
CA VAL B 50 2.38 17.79 22.27
C VAL B 50 2.20 18.24 20.82
N THR B 51 1.73 19.48 20.63
CA THR B 51 1.47 20.02 19.30
C THR B 51 1.92 21.46 19.14
N SER B 52 2.06 21.88 17.88
CA SER B 52 2.46 23.25 17.52
C SER B 52 2.58 23.41 16.02
N GLY B 53 2.81 24.65 15.58
CA GLY B 53 2.95 24.92 14.16
C GLY B 53 4.20 24.22 13.65
N SER B 54 4.41 24.23 12.33
CA SER B 54 5.58 23.59 11.75
C SER B 54 6.87 24.16 12.33
N GLY B 55 7.84 23.28 12.54
CA GLY B 55 9.12 23.67 13.10
C GLY B 55 9.11 24.63 14.29
N MET B 56 8.03 24.71 15.03
CA MET B 56 7.95 25.64 16.14
C MET B 56 8.50 25.23 17.53
N GLY B 57 8.76 23.94 17.73
CA GLY B 57 9.26 23.54 19.02
C GLY B 57 8.85 22.15 19.50
N LYS B 58 7.73 21.64 18.99
CA LYS B 58 7.27 20.31 19.36
C LYS B 58 8.50 19.43 19.61
N SER B 59 9.14 19.05 18.52
CA SER B 59 10.31 18.21 18.57
C SER B 59 11.31 18.55 19.66
N THR B 60 11.64 19.82 19.81
CA THR B 60 12.62 20.21 20.79
C THR B 60 12.09 20.10 22.21
N PHE B 61 10.93 20.69 22.50
CA PHE B 61 10.34 20.60 23.83
C PHE B 61 10.36 19.16 24.25
N VAL B 62 9.72 18.32 23.45
CA VAL B 62 9.60 16.87 23.68
C VAL B 62 10.92 16.16 23.96
N ARG B 63 11.89 16.43 23.11
CA ARG B 63 13.23 15.87 23.19
C ARG B 63 13.93 16.24 24.50
N GLN B 64 13.69 17.46 24.97
CA GLN B 64 14.28 17.96 26.19
C GLN B 64 13.71 17.22 27.38
N GLN B 65 12.43 16.91 27.32
CA GLN B 65 11.76 16.15 28.36
C GLN B 65 12.45 14.79 28.46
N ALA B 66 12.72 14.17 27.30
CA ALA B 66 13.39 12.90 27.27
C ALA B 66 14.75 12.96 27.95
N LEU B 67 15.51 13.98 27.59
CA LEU B 67 16.84 14.15 28.16
C LEU B 67 16.88 14.31 29.67
N GLN B 68 15.91 15.01 30.24
CA GLN B 68 15.90 15.20 31.68
C GLN B 68 15.44 13.92 32.36
N TRP B 69 14.30 13.41 31.92
CA TRP B 69 13.75 12.19 32.49
C TRP B 69 14.72 11.01 32.46
N GLY B 70 15.48 10.86 31.36
CA GLY B 70 16.42 9.76 31.23
C GLY B 70 17.78 10.01 31.88
N THR B 71 17.97 11.25 32.32
CA THR B 71 19.20 11.69 32.97
C THR B 71 18.93 11.97 34.45
N ALA B 72 18.72 13.25 34.77
CA ALA B 72 18.47 13.69 36.12
C ALA B 72 17.49 12.87 36.97
N MET B 73 16.40 12.44 36.38
CA MET B 73 15.39 11.66 37.09
C MET B 73 15.45 10.21 36.67
N GLY B 74 16.60 9.82 36.13
CA GLY B 74 16.84 8.46 35.69
C GLY B 74 15.63 7.57 35.50
N LYS B 75 15.20 7.46 34.24
CA LYS B 75 14.06 6.64 33.85
C LYS B 75 14.41 6.12 32.49
N LYS B 76 13.87 4.96 32.11
CA LYS B 76 14.13 4.43 30.79
C LYS B 76 13.20 5.13 29.81
N VAL B 77 13.78 5.69 28.75
CA VAL B 77 13.03 6.42 27.74
C VAL B 77 13.07 5.79 26.35
N GLY B 78 11.90 5.43 25.85
CA GLY B 78 11.85 4.84 24.54
C GLY B 78 11.61 5.94 23.52
N LEU B 79 12.48 6.04 22.53
CA LEU B 79 12.36 7.05 21.48
C LEU B 79 12.07 6.43 20.11
N ALA B 80 10.98 6.86 19.47
CA ALA B 80 10.61 6.39 18.15
C ALA B 80 10.46 7.60 17.23
N MET B 81 11.59 8.20 16.90
CA MET B 81 11.61 9.39 16.03
C MET B 81 11.53 8.97 14.58
N LEU B 82 10.31 8.84 14.07
CA LEU B 82 10.05 8.39 12.71
C LEU B 82 10.50 9.26 11.55
N GLU B 83 11.10 10.42 11.80
CA GLU B 83 11.54 11.24 10.68
C GLU B 83 13.03 11.51 10.63
N GLU B 84 13.77 10.87 11.52
CA GLU B 84 15.21 11.03 11.56
C GLU B 84 15.85 9.73 12.03
N SER B 85 17.11 9.52 11.66
CA SER B 85 17.85 8.31 12.04
C SER B 85 18.19 8.29 13.51
N VAL B 86 18.46 7.10 14.05
CA VAL B 86 18.81 7.06 15.45
C VAL B 86 20.08 7.89 15.69
N GLU B 87 21.01 7.90 14.74
CA GLU B 87 22.25 8.68 14.94
C GLU B 87 22.01 10.17 15.02
N GLU B 88 20.97 10.64 14.34
CA GLU B 88 20.65 12.06 14.37
C GLU B 88 20.07 12.41 15.72
N THR B 89 18.99 11.71 16.09
CA THR B 89 18.31 11.95 17.36
C THR B 89 19.32 11.82 18.49
N ALA B 90 20.22 10.85 18.40
CA ALA B 90 21.23 10.66 19.43
C ALA B 90 22.24 11.79 19.33
N GLU B 91 22.44 12.31 18.13
CA GLU B 91 23.36 13.42 17.92
C GLU B 91 22.81 14.61 18.70
N ASP B 92 21.53 14.93 18.52
CA ASP B 92 20.88 16.03 19.24
C ASP B 92 20.98 15.77 20.73
N LEU B 93 20.52 14.60 21.14
CA LEU B 93 20.57 14.21 22.53
C LEU B 93 21.95 14.47 23.14
N ILE B 94 23.01 14.17 22.40
CA ILE B 94 24.35 14.41 22.91
C ILE B 94 24.54 15.92 22.99
N GLY B 95 24.34 16.62 21.87
CA GLY B 95 24.49 18.07 21.86
C GLY B 95 23.73 18.67 23.02
N LEU B 96 22.44 18.37 23.05
CA LEU B 96 21.54 18.86 24.09
C LEU B 96 22.09 18.67 25.50
N HIS B 97 22.43 17.44 25.88
CA HIS B 97 22.98 17.17 27.20
C HIS B 97 24.15 18.08 27.55
N ASN B 98 25.03 18.31 26.59
CA ASN B 98 26.21 19.14 26.79
C ASN B 98 26.00 20.62 26.47
N ARG B 99 24.74 21.04 26.51
CA ARG B 99 24.40 22.44 26.26
C ARG B 99 25.06 23.09 25.07
N VAL B 100 25.15 22.37 23.95
CA VAL B 100 25.75 22.92 22.74
C VAL B 100 24.93 22.41 21.57
N ARG B 101 24.89 23.17 20.49
CA ARG B 101 24.19 22.73 19.30
C ARG B 101 25.25 22.07 18.42
N LEU B 102 25.41 20.77 18.62
CA LEU B 102 26.40 19.98 17.91
C LEU B 102 26.17 19.86 16.41
N ARG B 103 24.91 19.76 16.03
CA ARG B 103 24.56 19.64 14.62
C ARG B 103 25.04 20.89 13.85
N GLN B 104 24.60 22.05 14.33
CA GLN B 104 24.91 23.34 13.73
C GLN B 104 26.37 23.75 13.78
N SER B 105 27.26 22.87 14.23
CA SER B 105 28.67 23.24 14.27
C SER B 105 29.63 22.20 13.71
N ASP B 106 30.19 22.44 12.54
CA ASP B 106 31.12 21.49 11.94
C ASP B 106 32.43 21.41 12.70
N SER B 107 32.84 22.55 13.27
CA SER B 107 34.06 22.64 14.04
C SER B 107 33.97 21.85 15.34
N LEU B 108 32.87 22.03 16.05
CA LEU B 108 32.68 21.33 17.29
C LEU B 108 32.61 19.82 17.03
N LYS B 109 31.98 19.43 15.91
CA LYS B 109 31.85 18.01 15.54
C LYS B 109 33.24 17.42 15.38
N ARG B 110 34.01 18.01 14.47
CA ARG B 110 35.37 17.56 14.21
C ARG B 110 36.07 17.42 15.54
N GLU B 111 36.07 18.51 16.29
CA GLU B 111 36.69 18.55 17.61
C GLU B 111 36.44 17.29 18.41
N ILE B 112 35.36 17.31 19.19
CA ILE B 112 34.99 16.21 20.08
C ILE B 112 35.29 14.83 19.53
N ILE B 113 35.49 14.74 18.23
CA ILE B 113 35.81 13.47 17.59
C ILE B 113 37.28 13.09 17.76
N GLU B 114 38.14 14.07 17.50
CA GLU B 114 39.58 13.86 17.57
C GLU B 114 40.18 14.05 18.96
N ASN B 115 39.59 14.92 19.77
CA ASN B 115 40.11 15.13 21.12
C ASN B 115 39.51 14.10 22.09
N GLY B 116 38.92 13.04 21.54
CA GLY B 116 38.33 12.00 22.37
C GLY B 116 37.12 12.34 23.23
N LYS B 117 36.77 13.62 23.36
CA LYS B 117 35.62 14.03 24.16
C LYS B 117 34.30 13.34 23.80
N PHE B 118 34.07 13.11 22.51
CA PHE B 118 32.85 12.45 22.06
C PHE B 118 32.54 11.25 22.94
N ASP B 119 33.51 10.35 23.03
CA ASP B 119 33.38 9.13 23.83
C ASP B 119 33.00 9.43 25.27
N GLN B 120 33.47 10.56 25.78
CA GLN B 120 33.17 10.98 27.15
C GLN B 120 31.71 11.37 27.29
N TRP B 121 31.32 12.37 26.50
CA TRP B 121 29.96 12.85 26.49
C TRP B 121 29.04 11.68 26.31
N PHE B 122 29.46 10.75 25.46
CA PHE B 122 28.69 9.54 25.14
C PHE B 122 28.42 8.63 26.33
N ASP B 123 29.47 8.28 27.07
CA ASP B 123 29.33 7.43 28.24
C ASP B 123 28.50 8.19 29.26
N GLU B 124 29.01 9.38 29.63
CA GLU B 124 28.40 10.26 30.60
C GLU B 124 26.87 10.40 30.44
N LEU B 125 26.40 10.18 29.22
CA LEU B 125 24.97 10.28 28.93
C LEU B 125 24.32 8.91 28.76
N PHE B 126 24.69 8.23 27.69
CA PHE B 126 24.13 6.92 27.39
C PHE B 126 24.51 5.81 28.37
N GLY B 127 25.51 6.09 29.21
CA GLY B 127 25.98 5.13 30.19
C GLY B 127 24.99 4.27 30.97
N ASN B 128 24.10 4.87 31.75
CA ASN B 128 23.13 4.09 32.54
C ASN B 128 22.11 3.30 31.74
N ASP B 129 22.39 3.05 30.47
CA ASP B 129 21.46 2.33 29.60
C ASP B 129 20.01 2.71 29.91
N THR B 130 19.61 3.89 29.44
CA THR B 130 18.26 4.41 29.65
C THR B 130 17.66 4.79 28.32
N PHE B 131 18.52 5.16 27.37
CA PHE B 131 18.03 5.58 26.07
C PHE B 131 17.94 4.45 25.03
N HIS B 132 16.74 4.28 24.47
CA HIS B 132 16.46 3.24 23.48
C HIS B 132 15.64 3.82 22.34
N LEU B 133 15.97 3.44 21.12
CA LEU B 133 15.30 3.99 19.97
C LEU B 133 14.86 3.00 18.85
N TYR B 134 13.63 3.17 18.35
CA TYR B 134 13.13 2.35 17.24
C TYR B 134 13.99 2.83 16.06
N ASP B 135 14.29 1.94 15.12
CA ASP B 135 15.15 2.29 14.00
C ASP B 135 14.65 1.88 12.62
N SER B 136 14.76 2.80 11.65
CA SER B 136 14.37 2.52 10.26
C SER B 136 14.33 3.71 9.32
N PHE B 137 13.20 4.40 9.33
CA PHE B 137 12.90 5.55 8.46
C PHE B 137 12.03 5.01 7.32
N ALA B 138 12.14 3.70 7.10
CA ALA B 138 11.37 3.01 6.06
C ALA B 138 9.97 2.70 6.58
N GLU B 139 9.07 3.67 6.40
CA GLU B 139 7.66 3.60 6.81
C GLU B 139 7.19 2.45 7.71
N ALA B 140 6.77 2.79 8.92
CA ALA B 140 6.30 1.79 9.88
C ALA B 140 4.77 1.68 9.93
N GLU B 141 4.27 0.46 10.08
CA GLU B 141 2.83 0.21 10.16
C GLU B 141 2.37 0.36 11.61
N THR B 142 1.06 0.45 11.80
CA THR B 142 0.46 0.61 13.13
C THR B 142 0.73 -0.52 14.14
N ASP B 143 0.24 -1.74 13.86
CA ASP B 143 0.48 -2.87 14.77
C ASP B 143 1.97 -3.18 14.84
N ARG B 144 2.67 -2.87 13.75
CA ARG B 144 4.12 -3.07 13.60
C ARG B 144 4.88 -2.23 14.63
N LEU B 145 4.56 -0.94 14.62
CA LEU B 145 5.13 0.05 15.52
C LEU B 145 4.66 -0.28 16.93
N LEU B 146 3.34 -0.32 17.13
CA LEU B 146 2.77 -0.66 18.44
C LEU B 146 3.48 -1.88 19.00
N ALA B 147 3.76 -2.83 18.12
CA ALA B 147 4.44 -4.06 18.47
C ALA B 147 5.78 -3.72 19.12
N LYS B 148 6.58 -2.93 18.40
CA LYS B 148 7.90 -2.52 18.87
C LYS B 148 7.79 -1.65 20.14
N LEU B 149 6.82 -0.73 20.12
CA LEU B 149 6.59 0.17 21.26
C LEU B 149 6.23 -0.68 22.47
N ALA B 150 5.41 -1.70 22.22
CA ALA B 150 4.98 -2.59 23.29
C ALA B 150 6.22 -3.29 23.83
N TYR B 151 7.18 -3.51 22.93
CA TYR B 151 8.43 -4.17 23.30
C TYR B 151 9.18 -3.35 24.31
N MET B 152 9.39 -2.08 23.98
CA MET B 152 10.12 -1.16 24.84
C MET B 152 9.45 -1.15 26.22
N ARG B 153 8.16 -0.87 26.23
CA ARG B 153 7.43 -0.82 27.46
C ARG B 153 7.54 -2.10 28.24
N SER B 154 7.07 -3.18 27.64
CA SER B 154 7.06 -4.50 28.29
C SER B 154 8.38 -5.27 28.27
N GLY B 155 9.07 -5.24 27.13
CA GLY B 155 10.35 -5.91 27.01
C GLY B 155 11.45 -5.21 27.78
N LEU B 156 11.87 -4.04 27.29
CA LEU B 156 12.95 -3.26 27.93
C LEU B 156 12.60 -2.56 29.24
N GLY B 157 11.32 -2.51 29.58
CA GLY B 157 10.91 -1.88 30.83
C GLY B 157 10.93 -0.34 30.88
N CYS B 158 10.74 0.28 29.72
CA CYS B 158 10.71 1.72 29.62
C CYS B 158 9.54 2.29 30.43
N ASP B 159 9.70 3.52 30.91
CA ASP B 159 8.66 4.22 31.68
C ASP B 159 7.97 5.25 30.78
N VAL B 160 8.76 5.82 29.87
CA VAL B 160 8.26 6.83 28.95
C VAL B 160 8.59 6.45 27.51
N ILE B 161 7.61 6.59 26.63
CA ILE B 161 7.77 6.29 25.20
C ILE B 161 7.45 7.54 24.39
N ILE B 162 8.45 8.06 23.71
CA ILE B 162 8.24 9.25 22.90
C ILE B 162 8.04 8.83 21.46
N LEU B 163 6.89 9.21 20.89
CA LEU B 163 6.57 8.89 19.50
C LEU B 163 6.33 10.18 18.75
N ASP B 164 7.35 10.61 18.02
CA ASP B 164 7.28 11.84 17.27
C ASP B 164 6.62 11.72 15.92
N HIS B 165 5.57 12.52 15.75
CA HIS B 165 4.81 12.60 14.51
C HIS B 165 3.82 11.47 14.24
N ILE B 166 2.57 11.66 14.66
CA ILE B 166 1.52 10.65 14.46
C ILE B 166 0.76 10.79 13.14
N SER B 167 1.32 11.50 12.17
CA SER B 167 0.65 11.63 10.90
C SER B 167 1.27 10.65 9.90
N ILE B 168 2.46 10.15 10.26
CA ILE B 168 3.14 9.16 9.45
C ILE B 168 2.53 7.83 9.92
N VAL B 169 1.47 7.44 9.20
CA VAL B 169 0.69 6.24 9.48
C VAL B 169 1.22 4.93 8.88
N VAL B 170 1.11 4.78 7.56
CA VAL B 170 1.59 3.58 6.86
C VAL B 170 0.87 2.30 7.27
N SER B 171 -0.44 2.24 7.06
CA SER B 171 -1.22 1.05 7.42
C SER B 171 -2.29 0.71 6.37
N ALA B 172 -2.76 -0.54 6.42
CA ALA B 172 -3.78 -1.08 5.52
C ALA B 172 -4.43 -0.07 4.59
N SER B 173 -3.75 0.28 3.51
CA SER B 173 -4.24 1.25 2.52
C SER B 173 -5.31 0.66 1.60
N GLY B 174 -6.44 1.35 1.51
CA GLY B 174 -7.54 0.90 0.70
C GLY B 174 -8.84 1.25 1.39
N GLU B 175 -8.77 2.31 2.19
CA GLU B 175 -9.90 2.81 2.97
C GLU B 175 -9.78 4.34 3.03
N SER B 176 -10.61 5.02 2.25
CA SER B 176 -10.66 6.48 2.13
C SER B 176 -10.20 7.28 3.34
N ASP B 177 -9.91 8.57 3.10
CA ASP B 177 -9.44 9.51 4.12
C ASP B 177 -8.75 8.86 5.32
N GLU B 178 -7.47 9.20 5.49
CA GLU B 178 -6.69 8.67 6.59
C GLU B 178 -7.19 9.21 7.94
N ARG B 179 -8.27 9.98 7.91
CA ARG B 179 -8.88 10.55 9.11
C ARG B 179 -9.26 9.43 10.07
N LYS B 180 -9.54 8.25 9.53
CA LYS B 180 -9.93 7.09 10.35
C LYS B 180 -8.68 6.35 10.83
N MET B 181 -7.57 6.54 10.14
CA MET B 181 -6.32 5.90 10.53
C MET B 181 -5.82 6.56 11.80
N ILE B 182 -5.80 7.89 11.77
CA ILE B 182 -5.34 8.67 12.90
C ILE B 182 -6.17 8.31 14.14
N ASP B 183 -7.49 8.31 14.00
CA ASP B 183 -8.39 8.00 15.10
C ASP B 183 -8.28 6.59 15.65
N ASN B 184 -8.07 5.63 14.76
CA ASN B 184 -7.96 4.25 15.20
C ASN B 184 -6.59 4.00 15.81
N LEU B 185 -5.61 4.82 15.42
CA LEU B 185 -4.26 4.68 15.94
C LEU B 185 -4.28 5.10 17.41
N MET B 186 -4.82 6.29 17.63
CA MET B 186 -4.95 6.85 18.96
C MET B 186 -5.57 5.77 19.83
N THR B 187 -6.84 5.44 19.55
CA THR B 187 -7.56 4.43 20.31
C THR B 187 -6.66 3.24 20.69
N LYS B 188 -5.69 2.93 19.84
CA LYS B 188 -4.77 1.83 20.13
C LYS B 188 -3.64 2.26 21.06
N LEU B 189 -3.11 3.45 20.84
CA LEU B 189 -2.06 3.98 21.70
C LEU B 189 -2.63 4.22 23.10
N LYS B 190 -3.72 4.96 23.17
CA LYS B 190 -4.38 5.26 24.44
C LYS B 190 -4.63 3.96 25.18
N GLY B 191 -5.07 2.96 24.44
CA GLY B 191 -5.35 1.66 25.02
C GLY B 191 -4.06 1.06 25.51
N PHE B 192 -3.06 1.05 24.64
CA PHE B 192 -1.76 0.52 24.97
C PHE B 192 -1.27 1.18 26.24
N ALA B 193 -1.35 2.49 26.23
CA ALA B 193 -0.94 3.31 27.35
C ALA B 193 -1.64 2.91 28.65
N LYS B 194 -2.97 3.02 28.67
CA LYS B 194 -3.75 2.72 29.86
C LYS B 194 -3.58 1.35 30.47
N SER B 195 -3.29 0.36 29.63
CA SER B 195 -3.11 -1.01 30.09
C SER B 195 -1.70 -1.36 30.60
N THR B 196 -0.68 -0.74 30.01
CA THR B 196 0.71 -0.97 30.42
C THR B 196 1.13 -0.04 31.56
N GLY B 197 0.45 1.09 31.68
CA GLY B 197 0.78 2.05 32.73
C GLY B 197 2.04 2.84 32.41
N VAL B 198 2.41 2.86 31.13
CA VAL B 198 3.60 3.57 30.67
C VAL B 198 3.22 5.03 30.38
N VAL B 199 4.20 5.92 30.31
CA VAL B 199 3.93 7.32 30.00
C VAL B 199 4.11 7.46 28.49
N LEU B 200 3.07 7.93 27.81
CA LEU B 200 3.17 8.09 26.37
C LEU B 200 3.05 9.54 25.89
N VAL B 201 4.15 10.05 25.34
CA VAL B 201 4.15 11.41 24.83
C VAL B 201 4.11 11.27 23.30
N VAL B 202 3.07 11.82 22.69
CA VAL B 202 2.88 11.76 21.25
C VAL B 202 2.78 13.16 20.65
N ILE B 203 3.41 13.34 19.49
CA ILE B 203 3.35 14.61 18.80
C ILE B 203 2.40 14.56 17.61
N CYS B 204 1.67 15.65 17.39
CA CYS B 204 0.77 15.73 16.24
C CYS B 204 1.01 17.11 15.64
N HIS B 205 0.55 17.31 14.41
CA HIS B 205 0.71 18.61 13.75
C HIS B 205 -0.66 19.26 13.63
N LEU B 206 -0.73 20.50 13.15
CA LEU B 206 -2.02 21.18 13.05
C LEU B 206 -2.57 21.39 11.64
N LYS B 207 -3.89 21.29 11.50
CA LYS B 207 -4.51 21.52 10.19
C LYS B 207 -4.20 22.95 9.74
N ASN B 208 -3.90 23.13 8.46
CA ASN B 208 -3.61 24.45 7.92
C ASN B 208 -4.86 25.32 7.97
N PRO B 209 -4.91 26.30 8.88
CA PRO B 209 -6.10 27.17 9.00
C PRO B 209 -6.45 27.96 7.73
N ASP B 210 -5.41 28.48 7.07
CA ASP B 210 -5.58 29.27 5.85
C ASP B 210 -6.94 29.93 5.81
N LYS B 211 -7.14 30.81 6.78
CA LYS B 211 -8.37 31.54 6.97
C LYS B 211 -8.01 32.55 8.07
N GLY B 212 -7.03 33.39 7.78
CA GLY B 212 -6.57 34.38 8.74
C GLY B 212 -5.07 34.30 8.89
N LYS B 213 -4.51 34.89 9.95
CA LYS B 213 -3.07 34.86 10.16
C LYS B 213 -2.73 33.57 10.92
N ALA B 214 -1.58 32.96 10.66
CA ALA B 214 -1.29 31.67 11.30
C ALA B 214 -0.05 31.32 12.11
N HIS B 215 -0.26 30.22 12.86
CA HIS B 215 0.64 29.55 13.76
C HIS B 215 2.11 29.90 13.86
N GLU B 216 2.79 30.11 12.73
CA GLU B 216 4.22 30.44 12.80
C GLU B 216 4.34 31.96 12.89
N GLU B 217 3.20 32.62 12.98
CA GLU B 217 3.20 34.07 13.05
C GLU B 217 2.48 34.48 14.32
N GLY B 218 2.46 33.58 15.28
CA GLY B 218 1.73 33.83 16.51
C GLY B 218 0.41 33.18 16.15
N ARG B 219 -0.64 33.41 16.93
CA ARG B 219 -1.93 32.82 16.66
C ARG B 219 -2.08 31.59 17.50
N PRO B 220 -2.93 31.69 18.51
CA PRO B 220 -3.19 30.59 19.41
C PRO B 220 -3.76 29.39 18.68
N VAL B 221 -3.31 28.21 19.08
CA VAL B 221 -3.80 26.97 18.51
C VAL B 221 -5.09 26.74 19.31
N SER B 222 -6.06 26.02 18.76
CA SER B 222 -7.27 25.73 19.51
C SER B 222 -7.53 24.26 19.33
N ILE B 223 -8.33 23.65 20.20
CA ILE B 223 -8.56 22.22 20.08
C ILE B 223 -9.15 21.82 18.74
N THR B 224 -9.70 22.77 18.01
CA THR B 224 -10.26 22.47 16.70
C THR B 224 -9.11 22.39 15.67
N ASP B 225 -8.08 23.19 15.87
CA ASP B 225 -6.91 23.23 14.98
C ASP B 225 -6.20 21.89 14.89
N LEU B 226 -6.44 20.98 15.82
CA LEU B 226 -5.74 19.71 15.81
C LEU B 226 -6.01 18.84 14.61
N ARG B 227 -4.94 18.60 13.84
CA ARG B 227 -5.02 17.73 12.68
C ARG B 227 -5.61 16.43 13.20
N GLY B 228 -6.22 15.64 12.31
CA GLY B 228 -6.82 14.40 12.74
C GLY B 228 -8.18 14.66 13.37
N SER B 229 -9.23 14.17 12.73
CA SER B 229 -10.60 14.35 13.20
C SER B 229 -10.70 14.08 14.70
N GLY B 230 -10.88 15.16 15.45
CA GLY B 230 -11.00 15.14 16.90
C GLY B 230 -11.13 13.83 17.67
N ALA B 231 -10.30 12.85 17.35
CA ALA B 231 -10.36 11.59 18.08
C ALA B 231 -9.38 11.78 19.21
N LEU B 232 -8.19 12.24 18.86
CA LEU B 232 -7.17 12.48 19.84
C LEU B 232 -7.65 13.52 20.84
N ARG B 233 -8.41 14.52 20.36
CA ARG B 233 -8.90 15.54 21.27
C ARG B 233 -9.68 14.89 22.42
N GLN B 234 -9.85 13.57 22.34
CA GLN B 234 -10.58 12.84 23.36
C GLN B 234 -9.73 11.75 24.00
N LEU B 235 -9.09 10.93 23.16
CA LEU B 235 -8.26 9.84 23.65
C LEU B 235 -7.00 10.22 24.44
N SER B 236 -6.38 11.36 24.14
CA SER B 236 -5.18 11.74 24.89
C SER B 236 -5.64 12.42 26.18
N ASP B 237 -4.83 12.39 27.23
CA ASP B 237 -5.18 13.00 28.52
C ASP B 237 -4.70 14.45 28.73
N THR B 238 -3.58 14.78 28.09
CA THR B 238 -3.03 16.12 28.17
C THR B 238 -2.63 16.57 26.76
N ILE B 239 -2.90 17.83 26.45
CA ILE B 239 -2.58 18.40 25.17
C ILE B 239 -1.70 19.63 25.47
N ILE B 240 -0.42 19.57 25.14
CA ILE B 240 0.49 20.68 25.39
C ILE B 240 0.78 21.34 24.06
N ALA B 241 0.44 22.61 23.92
CA ALA B 241 0.69 23.28 22.65
C ALA B 241 1.69 24.43 22.78
N LEU B 242 2.59 24.57 21.81
CA LEU B 242 3.53 25.66 21.85
C LEU B 242 3.28 26.70 20.75
N GLU B 243 3.16 27.97 21.14
CA GLU B 243 2.87 29.04 20.18
C GLU B 243 3.95 30.09 20.18
N ARG B 244 4.33 30.55 18.99
CA ARG B 244 5.33 31.58 18.86
C ARG B 244 5.21 32.20 17.48
N ASN B 245 5.59 33.47 17.37
CA ASN B 245 5.53 34.20 16.10
C ASN B 245 6.96 34.37 15.61
N GLN B 246 7.43 33.41 14.82
CA GLN B 246 8.80 33.45 14.30
C GLN B 246 9.15 34.71 13.51
N GLN B 247 8.14 35.42 13.05
CA GLN B 247 8.37 36.64 12.29
C GLN B 247 8.11 37.89 13.13
N GLY B 248 8.82 38.04 14.25
CA GLY B 248 8.61 39.19 15.11
C GLY B 248 9.85 39.67 15.85
N ASP B 249 9.64 40.43 16.92
CA ASP B 249 10.76 40.94 17.71
C ASP B 249 11.33 39.86 18.60
N MET B 250 10.44 39.01 19.11
CA MET B 250 10.83 37.94 20.03
C MET B 250 10.46 36.57 19.46
N PRO B 251 11.12 36.17 18.39
CA PRO B 251 10.88 34.89 17.72
C PRO B 251 11.05 33.68 18.63
N ASN B 252 12.08 33.74 19.45
CA ASN B 252 12.38 32.64 20.36
C ASN B 252 11.49 32.58 21.62
N LEU B 253 10.69 33.60 21.87
CA LEU B 253 9.80 33.56 23.05
C LEU B 253 8.66 32.61 22.68
N VAL B 254 8.49 31.52 23.42
CA VAL B 254 7.42 30.57 23.11
C VAL B 254 6.45 30.44 24.25
N LEU B 255 5.16 30.51 23.95
CA LEU B 255 4.07 30.41 24.92
C LEU B 255 3.59 28.99 25.10
N VAL B 256 3.36 28.59 26.34
CA VAL B 256 2.88 27.25 26.64
C VAL B 256 1.39 27.29 27.00
N ARG B 257 0.59 26.45 26.33
CA ARG B 257 -0.84 26.41 26.58
C ARG B 257 -1.33 25.00 26.85
N ILE B 258 -1.89 24.77 28.02
CA ILE B 258 -2.44 23.46 28.29
C ILE B 258 -3.80 23.46 27.60
N LEU B 259 -3.87 22.73 26.49
CA LEU B 259 -5.10 22.66 25.71
C LEU B 259 -6.11 21.79 26.41
N LYS B 260 -5.59 20.96 27.32
CA LYS B 260 -6.41 20.08 28.12
C LYS B 260 -5.57 19.22 29.06
N CYS B 261 -6.14 18.88 30.20
CA CYS B 261 -5.47 18.06 31.20
C CYS B 261 -6.52 17.36 32.00
N ARG B 262 -6.95 16.18 31.54
CA ARG B 262 -7.98 15.40 32.19
C ARG B 262 -7.86 15.39 33.69
N PHE B 263 -6.81 14.75 34.16
CA PHE B 263 -6.51 14.60 35.58
C PHE B 263 -6.79 15.83 36.44
N THR B 264 -6.58 17.03 35.92
CA THR B 264 -6.79 18.23 36.72
C THR B 264 -7.91 19.15 36.26
N GLY B 265 -8.15 19.21 34.96
CA GLY B 265 -9.19 20.10 34.45
C GLY B 265 -8.68 21.51 34.37
N ASP B 266 -7.50 21.71 34.91
CA ASP B 266 -6.88 23.02 34.91
C ASP B 266 -6.23 23.27 33.56
N THR B 267 -6.88 24.07 32.72
CA THR B 267 -6.36 24.38 31.39
C THR B 267 -5.91 25.83 31.35
N GLY B 268 -5.49 26.31 30.18
CA GLY B 268 -5.06 27.69 30.07
C GLY B 268 -3.60 27.94 29.75
N ILE B 269 -3.15 29.18 29.95
CA ILE B 269 -1.76 29.51 29.69
C ILE B 269 -0.89 29.15 30.89
N ALA B 270 -0.05 28.15 30.70
CA ALA B 270 0.86 27.70 31.74
C ALA B 270 1.93 28.75 31.95
N GLY B 271 2.68 29.03 30.90
CA GLY B 271 3.74 30.00 31.00
C GLY B 271 4.44 30.25 29.70
N TYR B 272 5.67 30.75 29.80
CA TYR B 272 6.48 31.06 28.64
C TYR B 272 7.87 30.45 28.77
N MET B 273 8.55 30.33 27.65
CA MET B 273 9.91 29.79 27.63
C MET B 273 10.65 30.51 26.52
N GLU B 274 11.97 30.46 26.55
CA GLU B 274 12.78 31.11 25.54
C GLU B 274 13.79 30.19 24.88
N TYR B 275 13.83 30.23 23.56
CA TYR B 275 14.78 29.39 22.88
C TYR B 275 16.14 30.04 22.94
N ASN B 276 17.10 29.30 23.47
CA ASN B 276 18.46 29.78 23.60
C ASN B 276 19.32 29.29 22.44
N LYS B 277 19.42 30.09 21.39
CA LYS B 277 20.20 29.76 20.21
C LYS B 277 21.58 29.16 20.50
N GLU B 278 22.08 29.38 21.71
CA GLU B 278 23.39 28.89 22.10
C GLU B 278 23.40 27.49 22.72
N THR B 279 22.56 27.25 23.73
CA THR B 279 22.51 25.94 24.36
C THR B 279 21.55 25.04 23.58
N GLY B 280 20.53 25.65 22.99
CA GLY B 280 19.58 24.88 22.23
C GLY B 280 18.45 24.43 23.13
N TRP B 281 18.58 24.74 24.42
CA TRP B 281 17.55 24.39 25.38
C TRP B 281 16.41 25.39 25.38
N LEU B 282 15.28 24.94 25.89
CA LEU B 282 14.08 25.76 25.98
C LEU B 282 14.00 26.07 27.47
N GLU B 283 14.61 27.17 27.88
CA GLU B 283 14.66 27.64 29.27
C GLU B 283 13.41 28.40 29.64
N PRO B 284 13.02 28.35 30.92
CA PRO B 284 11.82 29.05 31.39
C PRO B 284 11.99 30.56 31.36
N SER B 285 10.94 31.28 30.96
CA SER B 285 11.03 32.73 30.88
C SER B 285 10.14 33.41 31.89
N SER B 286 10.12 34.74 31.84
CA SER B 286 9.35 35.57 32.73
C SER B 286 8.78 36.64 31.84
N TYR B 287 7.52 36.50 31.49
CA TYR B 287 6.90 37.45 30.58
C TYR B 287 5.39 37.57 30.81
N SER B 288 4.78 38.58 30.21
CA SER B 288 3.34 38.80 30.34
C SER B 288 2.86 39.75 29.23
N GLY B 289 1.97 39.26 28.39
CA GLY B 289 1.45 40.07 27.29
C GLY B 289 0.14 40.75 27.65
N PRO C 2 10.34 -9.53 17.47
CA PRO C 2 10.47 -8.38 16.52
C PRO C 2 11.46 -7.36 17.07
N ASP C 3 12.75 -7.64 16.98
CA ASP C 3 13.74 -6.70 17.50
C ASP C 3 14.39 -5.87 16.41
N GLY C 4 14.23 -4.55 16.52
CA GLY C 4 14.80 -3.60 15.58
C GLY C 4 14.94 -2.34 16.40
N VAL C 5 14.85 -2.55 17.71
CA VAL C 5 14.96 -1.53 18.70
C VAL C 5 16.38 -1.57 19.23
N VAL C 6 17.20 -0.66 18.73
CA VAL C 6 18.60 -0.60 19.15
C VAL C 6 18.71 0.29 20.38
N SER C 7 19.69 0.00 21.22
CA SER C 7 19.95 0.78 22.43
C SER C 7 21.06 1.78 22.10
N ALA C 8 20.95 2.99 22.63
CA ALA C 8 21.92 4.05 22.39
C ALA C 8 23.36 3.55 22.34
N LEU C 9 23.80 2.86 23.40
CA LEU C 9 25.17 2.35 23.48
C LEU C 9 25.71 1.63 22.26
N SER C 10 24.88 0.76 21.69
CA SER C 10 25.32 0.00 20.53
C SER C 10 25.43 0.87 19.27
N LEU C 11 25.25 2.17 19.43
CA LEU C 11 25.32 3.08 18.30
C LEU C 11 26.58 3.95 18.31
N ARG C 12 27.40 3.77 19.34
CA ARG C 12 28.65 4.52 19.50
C ARG C 12 29.31 4.70 18.15
N GLU C 13 29.81 3.58 17.64
CA GLU C 13 30.48 3.53 16.37
C GLU C 13 29.67 4.12 15.22
N ARG C 14 28.37 3.85 15.19
CA ARG C 14 27.55 4.42 14.13
C ARG C 14 27.55 5.96 14.20
N ILE C 15 27.62 6.49 15.41
CA ILE C 15 27.58 7.93 15.64
C ILE C 15 28.91 8.64 15.37
N ARG C 16 30.01 7.90 15.45
CA ARG C 16 31.34 8.47 15.20
C ARG C 16 31.47 8.65 13.69
N GLU C 17 31.25 7.54 12.98
CA GLU C 17 31.34 7.56 11.53
C GLU C 17 30.33 8.60 11.04
N HIS C 18 29.41 8.97 11.93
CA HIS C 18 28.37 9.93 11.60
C HIS C 18 28.82 11.37 11.63
N LEU C 19 29.20 11.88 12.79
CA LEU C 19 29.63 13.28 12.91
C LEU C 19 30.81 13.64 12.03
N SER C 20 31.63 12.66 11.69
CA SER C 20 32.77 12.93 10.83
C SER C 20 32.26 12.72 9.41
N SER C 21 32.49 13.71 8.55
CA SER C 21 32.02 13.68 7.17
C SER C 21 30.50 13.47 7.19
N GLU C 22 29.87 14.46 7.79
CA GLU C 22 28.43 14.55 7.95
C GLU C 22 28.17 16.05 7.85
N GLU C 23 28.41 16.57 6.64
CA GLU C 23 28.28 17.98 6.37
C GLU C 23 26.96 18.63 6.79
N SER C 24 27.09 19.75 7.47
CA SER C 24 25.96 20.51 7.95
C SER C 24 26.06 21.95 7.43
N VAL C 25 27.09 22.20 6.63
CA VAL C 25 27.33 23.50 6.00
C VAL C 25 27.69 23.04 4.61
N GLY C 26 26.91 23.47 3.63
CA GLY C 26 27.23 23.04 2.30
C GLY C 26 26.55 23.90 1.28
N LEU C 27 27.34 24.41 0.37
CA LEU C 27 26.80 25.25 -0.67
C LEU C 27 26.12 26.46 -0.04
N LEU C 28 26.90 27.51 0.21
CA LEU C 28 26.31 28.70 0.79
C LEU C 28 25.72 29.50 -0.37
N PHE C 29 24.77 30.38 -0.09
CA PHE C 29 24.14 31.20 -1.13
C PHE C 29 25.01 32.43 -1.42
N SER C 30 24.95 32.98 -2.64
CA SER C 30 25.78 34.12 -3.03
C SER C 30 25.05 35.41 -3.24
N GLY C 31 25.61 36.48 -2.68
CA GLY C 31 25.04 37.80 -2.86
C GLY C 31 24.22 38.30 -1.70
N CYS C 32 24.38 37.69 -0.54
CA CYS C 32 23.63 38.14 0.62
C CYS C 32 23.91 37.26 1.80
N THR C 33 25.02 37.51 2.48
CA THR C 33 25.33 36.73 3.68
C THR C 33 24.12 36.93 4.59
N GLY C 34 23.81 35.98 5.45
CA GLY C 34 22.62 36.15 6.25
C GLY C 34 21.63 35.08 5.84
N ILE C 35 21.53 34.83 4.54
CA ILE C 35 20.67 33.75 4.07
C ILE C 35 21.50 32.61 4.65
N ASN C 36 22.81 32.76 4.49
CA ASN C 36 23.78 31.79 4.97
C ASN C 36 23.84 31.74 6.47
N ASP C 37 23.41 32.83 7.12
CA ASP C 37 23.44 32.91 8.57
C ASP C 37 22.27 32.23 9.26
N LYS C 38 21.11 32.28 8.62
CA LYS C 38 19.94 31.67 9.20
C LYS C 38 19.73 30.27 8.71
N THR C 39 20.57 29.83 7.78
CA THR C 39 20.43 28.50 7.20
C THR C 39 21.70 27.68 7.08
N LEU C 40 22.85 28.32 7.23
CA LEU C 40 24.10 27.58 7.11
C LEU C 40 24.17 26.89 5.75
N GLY C 41 23.61 27.54 4.73
CA GLY C 41 23.62 26.99 3.38
C GLY C 41 22.60 25.95 2.96
N ALA C 42 22.96 25.16 1.97
CA ALA C 42 22.09 24.11 1.43
C ALA C 42 22.66 22.72 1.62
N ARG C 43 22.11 21.97 2.57
CA ARG C 43 22.57 20.59 2.82
C ARG C 43 21.98 19.69 1.75
N GLY C 44 22.72 18.66 1.35
CA GLY C 44 22.24 17.75 0.35
C GLY C 44 21.16 16.84 0.90
N GLY C 45 20.14 16.56 0.10
CA GLY C 45 19.07 15.71 0.59
C GLY C 45 17.92 16.58 1.04
N GLU C 46 18.16 17.90 1.09
CA GLU C 46 17.15 18.88 1.50
C GLU C 46 16.35 19.42 0.32
N VAL C 47 15.31 20.19 0.63
CA VAL C 47 14.49 20.79 -0.42
C VAL C 47 14.37 22.28 -0.14
N ILE C 48 15.04 23.09 -0.97
CA ILE C 48 15.02 24.53 -0.81
C ILE C 48 13.89 25.14 -1.63
N MET C 49 12.99 25.84 -0.96
CA MET C 49 11.84 26.49 -1.59
C MET C 49 12.11 27.97 -1.79
N VAL C 50 11.97 28.45 -3.02
CA VAL C 50 12.20 29.86 -3.30
C VAL C 50 10.95 30.44 -3.93
N THR C 51 10.31 31.39 -3.25
CA THR C 51 9.06 31.99 -3.72
C THR C 51 9.01 33.51 -3.67
N SER C 52 8.00 34.10 -4.30
CA SER C 52 7.82 35.56 -4.34
C SER C 52 6.65 36.01 -5.22
N GLY C 53 6.39 37.31 -5.21
CA GLY C 53 5.31 37.84 -6.05
C GLY C 53 5.85 37.67 -7.46
N SER C 54 4.98 37.66 -8.46
CA SER C 54 5.46 37.46 -9.82
C SER C 54 6.39 38.58 -10.27
N GLY C 55 7.51 38.16 -10.84
CA GLY C 55 8.53 39.07 -11.31
C GLY C 55 9.09 39.89 -10.18
N MET C 56 9.59 39.24 -9.14
CA MET C 56 10.13 39.96 -7.99
C MET C 56 11.39 39.37 -7.37
N GLY C 57 12.09 38.51 -8.11
CA GLY C 57 13.32 37.94 -7.58
C GLY C 57 13.50 36.46 -7.64
N LYS C 58 12.43 35.70 -7.49
CA LYS C 58 12.52 34.24 -7.51
C LYS C 58 13.49 33.73 -8.55
N SER C 59 13.16 34.00 -9.80
CA SER C 59 13.94 33.54 -10.94
C SER C 59 15.40 33.95 -10.89
N THR C 60 15.67 35.26 -10.93
CA THR C 60 17.03 35.73 -10.90
C THR C 60 17.84 35.18 -9.76
N PHE C 61 17.33 35.29 -8.53
CA PHE C 61 18.09 34.79 -7.40
C PHE C 61 18.49 33.34 -7.57
N VAL C 62 17.56 32.48 -7.98
CA VAL C 62 17.85 31.07 -8.18
C VAL C 62 18.81 30.86 -9.35
N ARG C 63 18.70 31.71 -10.36
CA ARG C 63 19.55 31.64 -11.54
C ARG C 63 20.98 32.06 -11.22
N GLN C 64 21.12 32.92 -10.21
CA GLN C 64 22.41 33.40 -9.81
C GLN C 64 23.08 32.35 -8.96
N GLN C 65 22.33 31.70 -8.08
CA GLN C 65 22.89 30.66 -7.23
C GLN C 65 23.43 29.53 -8.09
N ALA C 66 22.68 29.14 -9.12
CA ALA C 66 23.10 28.09 -10.03
C ALA C 66 24.41 28.53 -10.68
N LEU C 67 24.42 29.75 -11.21
CA LEU C 67 25.59 30.33 -11.85
C LEU C 67 26.82 30.35 -10.97
N GLN C 68 26.67 30.66 -9.70
CA GLN C 68 27.83 30.67 -8.82
C GLN C 68 28.24 29.24 -8.54
N TRP C 69 27.32 28.46 -8.01
CA TRP C 69 27.56 27.06 -7.69
C TRP C 69 28.22 26.33 -8.87
N GLY C 70 27.78 26.63 -10.09
CA GLY C 70 28.34 25.97 -11.25
C GLY C 70 29.71 26.41 -11.74
N THR C 71 30.22 27.50 -11.19
CA THR C 71 31.51 28.04 -11.59
C THR C 71 32.45 28.07 -10.39
N ALA C 72 32.67 29.26 -9.85
CA ALA C 72 33.55 29.47 -8.71
C ALA C 72 33.59 28.32 -7.73
N MET C 73 32.48 27.61 -7.59
CA MET C 73 32.47 26.49 -6.66
C MET C 73 32.50 25.11 -7.32
N GLY C 74 32.48 25.11 -8.64
CA GLY C 74 32.58 23.88 -9.40
C GLY C 74 31.64 22.73 -9.17
N LYS C 75 30.45 22.99 -8.66
CA LYS C 75 29.49 21.92 -8.45
C LYS C 75 28.82 21.63 -9.79
N LYS C 76 28.11 20.50 -9.86
CA LYS C 76 27.38 20.16 -11.06
C LYS C 76 25.95 20.57 -10.81
N VAL C 77 25.38 21.34 -11.74
CA VAL C 77 24.03 21.82 -11.58
C VAL C 77 23.10 21.41 -12.71
N GLY C 78 21.92 20.92 -12.36
CA GLY C 78 20.98 20.52 -13.36
C GLY C 78 19.84 21.51 -13.40
N LEU C 79 19.49 21.97 -14.59
CA LEU C 79 18.41 22.94 -14.70
C LEU C 79 17.13 22.37 -15.30
N ALA C 80 16.02 22.56 -14.59
CA ALA C 80 14.74 22.09 -15.06
C ALA C 80 13.85 23.31 -15.19
N MET C 81 14.10 24.09 -16.22
CA MET C 81 13.34 25.30 -16.49
C MET C 81 12.22 24.91 -17.42
N LEU C 82 11.01 24.80 -16.88
CA LEU C 82 9.91 24.40 -17.72
C LEU C 82 9.28 25.47 -18.60
N GLU C 83 9.26 26.72 -18.15
CA GLU C 83 8.64 27.75 -18.98
C GLU C 83 9.54 28.32 -20.07
N GLU C 84 10.72 27.75 -20.26
CA GLU C 84 11.63 28.24 -21.28
C GLU C 84 12.38 27.11 -22.00
N SER C 85 12.95 27.44 -23.17
CA SER C 85 13.70 26.48 -23.99
C SER C 85 15.13 26.39 -23.51
N VAL C 86 15.86 25.34 -23.89
CA VAL C 86 17.23 25.26 -23.40
C VAL C 86 18.12 26.41 -23.83
N GLU C 87 17.94 26.90 -25.05
CA GLU C 87 18.76 28.00 -25.56
C GLU C 87 18.29 29.33 -24.97
N GLU C 88 17.09 29.33 -24.42
CA GLU C 88 16.54 30.51 -23.82
C GLU C 88 17.27 30.73 -22.52
N THR C 89 17.13 29.77 -21.62
CA THR C 89 17.76 29.79 -20.32
C THR C 89 19.27 29.88 -20.49
N ALA C 90 19.84 29.19 -21.46
CA ALA C 90 21.28 29.26 -21.68
C ALA C 90 21.66 30.69 -22.05
N GLU C 91 20.87 31.29 -22.92
CA GLU C 91 21.09 32.68 -23.32
C GLU C 91 21.18 33.55 -22.05
N ASP C 92 20.18 33.44 -21.17
CA ASP C 92 20.18 34.20 -19.93
C ASP C 92 21.49 33.96 -19.19
N LEU C 93 21.78 32.72 -18.87
CA LEU C 93 23.00 32.40 -18.16
C LEU C 93 24.21 33.17 -18.70
N ILE C 94 24.53 32.97 -19.97
CA ILE C 94 25.67 33.65 -20.60
C ILE C 94 25.63 35.12 -20.25
N GLY C 95 24.59 35.80 -20.70
CA GLY C 95 24.48 37.20 -20.40
C GLY C 95 24.64 37.46 -18.91
N LEU C 96 23.98 36.67 -18.08
CA LEU C 96 24.05 36.89 -16.65
C LEU C 96 25.46 36.82 -16.12
N HIS C 97 26.21 35.84 -16.60
CA HIS C 97 27.59 35.66 -16.18
C HIS C 97 28.42 36.88 -16.59
N ASN C 98 28.14 37.43 -17.76
CA ASN C 98 28.88 38.58 -18.27
C ASN C 98 28.26 39.92 -17.92
N ARG C 99 27.51 39.96 -16.83
CA ARG C 99 26.85 41.17 -16.37
C ARG C 99 26.33 42.04 -17.52
N VAL C 100 25.61 41.44 -18.46
CA VAL C 100 25.03 42.17 -19.58
C VAL C 100 23.67 41.60 -19.91
N ARG C 101 22.70 42.48 -20.17
CA ARG C 101 21.33 42.07 -20.51
C ARG C 101 21.35 41.54 -21.94
N LEU C 102 21.85 40.32 -22.12
CA LEU C 102 21.98 39.74 -23.45
C LEU C 102 20.67 39.61 -24.18
N ARG C 103 19.60 39.30 -23.48
CA ARG C 103 18.30 39.13 -24.13
C ARG C 103 17.64 40.44 -24.60
N GLN C 104 17.55 41.41 -23.69
CA GLN C 104 16.93 42.69 -23.99
C GLN C 104 17.76 43.57 -24.93
N SER C 105 18.73 43.00 -25.65
CA SER C 105 19.55 43.82 -26.53
C SER C 105 20.02 43.13 -27.82
N ASP C 106 19.48 43.55 -28.96
CA ASP C 106 19.84 42.97 -30.25
C ASP C 106 21.25 43.32 -30.67
N SER C 107 21.61 44.57 -30.46
CA SER C 107 22.94 45.04 -30.84
C SER C 107 24.04 44.11 -30.34
N LEU C 108 23.95 43.73 -29.07
CA LEU C 108 24.94 42.84 -28.45
C LEU C 108 24.97 41.40 -28.97
N LYS C 109 23.81 40.82 -29.26
CA LYS C 109 23.75 39.45 -29.78
C LYS C 109 24.45 39.47 -31.13
N ARG C 110 24.18 40.53 -31.89
CA ARG C 110 24.78 40.71 -33.23
C ARG C 110 26.30 40.71 -33.07
N GLU C 111 26.80 41.59 -32.20
CA GLU C 111 28.24 41.71 -31.92
C GLU C 111 28.86 40.34 -31.62
N ILE C 112 28.94 40.02 -30.32
CA ILE C 112 29.55 38.78 -29.85
C ILE C 112 29.49 37.62 -30.83
N ILE C 113 28.42 37.49 -31.60
CA ILE C 113 28.35 36.41 -32.58
C ILE C 113 29.31 36.69 -33.72
N GLU C 114 29.30 37.93 -34.19
CA GLU C 114 30.16 38.35 -35.28
C GLU C 114 31.61 38.55 -34.84
N ASN C 115 31.82 39.26 -33.73
CA ASN C 115 33.17 39.50 -33.22
C ASN C 115 33.78 38.27 -32.55
N GLY C 116 33.05 37.15 -32.56
CA GLY C 116 33.54 35.91 -31.97
C GLY C 116 33.55 35.78 -30.45
N LYS C 117 33.19 36.85 -29.76
CA LYS C 117 33.17 36.84 -28.30
C LYS C 117 32.19 35.86 -27.71
N PHE C 118 31.24 35.39 -28.53
CA PHE C 118 30.27 34.41 -28.05
C PHE C 118 30.96 33.11 -27.67
N ASP C 119 31.72 32.55 -28.61
CA ASP C 119 32.43 31.30 -28.37
C ASP C 119 33.28 31.41 -27.12
N GLN C 120 33.84 32.59 -26.90
CA GLN C 120 34.66 32.83 -25.74
C GLN C 120 33.77 32.66 -24.52
N TRP C 121 32.79 33.55 -24.39
CA TRP C 121 31.84 33.53 -23.30
C TRP C 121 31.30 32.14 -23.02
N PHE C 122 30.90 31.45 -24.09
CA PHE C 122 30.36 30.09 -23.98
C PHE C 122 31.34 29.17 -23.27
N ASP C 123 32.53 29.03 -23.83
CA ASP C 123 33.55 28.16 -23.24
C ASP C 123 33.88 28.55 -21.81
N GLU C 124 33.92 29.85 -21.55
CA GLU C 124 34.24 30.33 -20.20
C GLU C 124 33.18 29.93 -19.18
N LEU C 125 31.90 29.98 -19.57
CA LEU C 125 30.81 29.61 -18.68
C LEU C 125 30.56 28.10 -18.60
N PHE C 126 30.34 27.46 -19.74
CA PHE C 126 30.08 26.02 -19.80
C PHE C 126 31.30 25.11 -20.03
N GLY C 127 32.46 25.73 -20.09
CA GLY C 127 33.68 24.99 -20.30
C GLY C 127 33.88 23.77 -19.41
N ASN C 128 33.67 23.92 -18.11
CA ASN C 128 33.88 22.80 -17.18
C ASN C 128 32.77 21.75 -17.10
N ASP C 129 31.86 21.73 -18.07
CA ASP C 129 30.81 20.72 -18.06
C ASP C 129 30.24 20.61 -16.64
N THR C 130 29.60 21.68 -16.17
CA THR C 130 29.00 21.71 -14.86
C THR C 130 27.53 22.00 -15.02
N PHE C 131 27.13 22.23 -16.26
CA PHE C 131 25.74 22.56 -16.57
C PHE C 131 25.07 21.59 -17.51
N HIS C 132 23.89 21.11 -17.10
CA HIS C 132 23.07 20.18 -17.87
C HIS C 132 21.64 20.61 -17.68
N LEU C 133 20.79 20.36 -18.67
CA LEU C 133 19.40 20.80 -18.56
C LEU C 133 18.36 19.72 -18.94
N TYR C 134 17.09 19.99 -18.63
CA TYR C 134 16.00 19.10 -18.99
C TYR C 134 15.51 19.80 -20.24
N ASP C 135 15.26 19.04 -21.29
CA ASP C 135 14.85 19.65 -22.55
C ASP C 135 13.46 19.22 -23.05
N SER C 136 12.58 20.18 -23.36
CA SER C 136 11.26 19.86 -23.91
C SER C 136 10.34 21.04 -24.14
N PHE C 137 9.83 21.58 -23.04
CA PHE C 137 8.89 22.72 -23.04
C PHE C 137 7.47 22.12 -23.07
N ALA C 138 7.33 20.96 -23.72
CA ALA C 138 6.06 20.25 -23.85
C ALA C 138 5.62 19.55 -22.56
N GLU C 139 4.56 20.06 -21.96
CA GLU C 139 3.99 19.55 -20.71
C GLU C 139 4.55 18.23 -20.22
N ALA C 140 5.42 18.29 -19.22
CA ALA C 140 6.06 17.11 -18.66
C ALA C 140 5.22 16.52 -17.53
N GLU C 141 5.11 15.19 -17.51
CA GLU C 141 4.33 14.52 -16.48
C GLU C 141 5.22 14.32 -15.26
N THR C 142 4.60 14.19 -14.09
CA THR C 142 5.32 13.99 -12.83
C THR C 142 6.35 12.86 -12.85
N ASP C 143 5.86 11.63 -13.02
CA ASP C 143 6.76 10.47 -13.08
C ASP C 143 7.70 10.66 -14.27
N ARG C 144 7.17 11.31 -15.30
CA ARG C 144 7.92 11.60 -16.52
C ARG C 144 9.12 12.47 -16.19
N LEU C 145 8.92 13.37 -15.21
CA LEU C 145 9.94 14.31 -14.74
C LEU C 145 10.88 13.68 -13.70
N LEU C 146 10.34 13.40 -12.52
CA LEU C 146 11.13 12.82 -11.47
C LEU C 146 12.20 11.94 -12.04
N ALA C 147 11.86 11.20 -13.09
CA ALA C 147 12.80 10.30 -13.74
C ALA C 147 14.00 10.98 -14.39
N LYS C 148 13.79 12.11 -15.04
CA LYS C 148 14.88 12.83 -15.70
C LYS C 148 15.76 13.49 -14.65
N LEU C 149 15.12 14.12 -13.66
CA LEU C 149 15.88 14.76 -12.59
C LEU C 149 16.65 13.63 -11.95
N ALA C 150 15.97 12.49 -11.80
CA ALA C 150 16.54 11.30 -11.21
C ALA C 150 17.78 10.89 -11.98
N TYR C 151 17.71 11.11 -13.28
CA TYR C 151 18.83 10.79 -14.16
C TYR C 151 19.98 11.74 -13.91
N MET C 152 19.68 13.02 -13.91
CA MET C 152 20.68 14.07 -13.70
C MET C 152 21.53 13.75 -12.47
N ARG C 153 20.83 13.44 -11.39
CA ARG C 153 21.48 13.13 -10.16
C ARG C 153 22.40 11.93 -10.27
N SER C 154 21.81 10.74 -10.39
CA SER C 154 22.50 9.44 -10.48
C SER C 154 23.30 9.18 -11.78
N GLY C 155 22.72 9.58 -12.91
CA GLY C 155 23.41 9.40 -14.17
C GLY C 155 24.52 10.43 -14.39
N LEU C 156 24.15 11.71 -14.45
CA LEU C 156 25.09 12.82 -14.65
C LEU C 156 25.86 13.34 -13.44
N GLY C 157 25.41 13.02 -12.23
CA GLY C 157 26.14 13.44 -11.04
C GLY C 157 26.05 14.86 -10.54
N CYS C 158 24.97 15.54 -10.92
CA CYS C 158 24.74 16.92 -10.51
C CYS C 158 24.57 16.95 -9.02
N ASP C 159 25.11 17.99 -8.37
CA ASP C 159 24.98 18.13 -6.92
C ASP C 159 23.75 18.96 -6.63
N VAL C 160 23.37 19.79 -7.59
CA VAL C 160 22.21 20.68 -7.45
C VAL C 160 21.26 20.54 -8.64
N ILE C 161 19.96 20.63 -8.37
CA ILE C 161 18.98 20.54 -9.44
C ILE C 161 18.03 21.68 -9.16
N ILE C 162 17.67 22.42 -10.20
CA ILE C 162 16.78 23.56 -10.06
C ILE C 162 15.49 23.30 -10.83
N LEU C 163 14.36 23.20 -10.13
CA LEU C 163 13.09 22.99 -10.82
C LEU C 163 12.35 24.29 -10.83
N ASP C 164 12.29 24.93 -11.99
CA ASP C 164 11.60 26.20 -12.08
C ASP C 164 10.14 25.97 -12.36
N HIS C 165 9.31 26.51 -11.47
CA HIS C 165 7.86 26.42 -11.52
C HIS C 165 7.31 25.04 -11.22
N ILE C 166 6.69 24.90 -10.06
CA ILE C 166 6.10 23.64 -9.64
C ILE C 166 4.60 23.84 -9.61
N SER C 167 4.05 24.27 -10.73
CA SER C 167 2.62 24.48 -10.87
C SER C 167 2.34 23.86 -12.22
N ILE C 168 3.41 23.67 -12.96
CA ILE C 168 3.36 23.04 -14.26
C ILE C 168 3.45 21.57 -13.90
N VAL C 169 2.33 21.04 -13.43
CA VAL C 169 2.21 19.65 -13.00
C VAL C 169 2.10 18.69 -14.18
N VAL C 170 0.97 18.75 -14.89
CA VAL C 170 0.72 17.88 -16.04
C VAL C 170 0.82 16.41 -15.65
N SER C 171 -0.14 15.93 -14.85
CA SER C 171 -0.11 14.53 -14.43
C SER C 171 -1.51 13.96 -14.22
N ALA C 172 -1.62 12.63 -14.32
CA ALA C 172 -2.89 11.90 -14.15
C ALA C 172 -4.12 12.80 -14.01
N SER C 173 -4.70 13.19 -15.15
CA SER C 173 -5.89 14.05 -15.17
C SER C 173 -7.20 13.29 -15.00
N GLY C 174 -7.96 13.65 -13.96
CA GLY C 174 -9.22 13.00 -13.70
C GLY C 174 -9.43 12.88 -12.20
N GLU C 175 -8.75 13.76 -11.45
CA GLU C 175 -8.82 13.79 -10.00
C GLU C 175 -8.91 15.24 -9.52
N SER C 176 -10.12 15.63 -9.10
CA SER C 176 -10.43 16.99 -8.64
C SER C 176 -9.31 17.76 -7.94
N ASP C 177 -9.41 19.08 -8.02
CA ASP C 177 -8.45 20.01 -7.43
C ASP C 177 -7.00 19.59 -7.52
N GLU C 178 -6.23 20.30 -8.34
CA GLU C 178 -4.83 20.00 -8.52
C GLU C 178 -4.09 20.20 -7.20
N ARG C 179 -4.81 20.63 -6.18
CA ARG C 179 -4.23 20.83 -4.85
C ARG C 179 -3.61 19.53 -4.41
N LYS C 180 -4.17 18.43 -4.90
CA LYS C 180 -3.68 17.11 -4.57
C LYS C 180 -2.35 16.90 -5.31
N MET C 181 -2.32 17.31 -6.57
CA MET C 181 -1.16 17.19 -7.46
C MET C 181 0.10 17.87 -6.91
N ILE C 182 -0.05 19.09 -6.42
CA ILE C 182 1.05 19.86 -5.85
C ILE C 182 1.59 19.19 -4.59
N ASP C 183 0.73 18.44 -3.90
CA ASP C 183 1.12 17.75 -2.68
C ASP C 183 1.79 16.43 -2.98
N ASN C 184 1.23 15.66 -3.91
CA ASN C 184 1.82 14.38 -4.23
C ASN C 184 3.17 14.55 -4.90
N LEU C 185 3.27 15.52 -5.82
CA LEU C 185 4.54 15.77 -6.50
C LEU C 185 5.61 16.08 -5.45
N MET C 186 5.30 16.99 -4.54
CA MET C 186 6.25 17.35 -3.50
C MET C 186 6.76 16.08 -2.85
N THR C 187 5.84 15.32 -2.28
CA THR C 187 6.15 14.05 -1.61
C THR C 187 7.06 13.15 -2.43
N LYS C 188 6.98 13.24 -3.75
CA LYS C 188 7.83 12.41 -4.59
C LYS C 188 9.22 13.01 -4.77
N LEU C 189 9.27 14.34 -4.73
CA LEU C 189 10.52 15.10 -4.87
C LEU C 189 11.32 14.97 -3.59
N LYS C 190 10.66 15.24 -2.47
CA LYS C 190 11.27 15.16 -1.15
C LYS C 190 11.90 13.79 -1.00
N GLY C 191 11.11 12.76 -1.29
CA GLY C 191 11.61 11.42 -1.21
C GLY C 191 12.82 11.32 -2.13
N PHE C 192 12.65 11.80 -3.36
CA PHE C 192 13.72 11.79 -4.32
C PHE C 192 14.98 12.40 -3.73
N ALA C 193 14.87 13.62 -3.26
CA ALA C 193 15.99 14.32 -2.71
C ALA C 193 16.65 13.62 -1.53
N LYS C 194 15.87 13.34 -0.49
CA LYS C 194 16.41 12.72 0.71
C LYS C 194 17.15 11.44 0.41
N SER C 195 16.51 10.57 -0.34
CA SER C 195 17.13 9.31 -0.72
C SER C 195 18.35 9.47 -1.66
N THR C 196 18.23 10.28 -2.69
CA THR C 196 19.34 10.48 -3.60
C THR C 196 20.46 11.32 -3.01
N GLY C 197 20.12 12.24 -2.11
CA GLY C 197 21.12 13.10 -1.48
C GLY C 197 21.52 14.38 -2.22
N VAL C 198 20.85 14.63 -3.34
CA VAL C 198 21.13 15.80 -4.15
C VAL C 198 20.45 17.00 -3.55
N VAL C 199 20.87 18.18 -3.98
CA VAL C 199 20.29 19.42 -3.50
C VAL C 199 19.13 19.78 -4.42
N LEU C 200 17.95 19.96 -3.86
CA LEU C 200 16.81 20.31 -4.68
C LEU C 200 16.31 21.72 -4.38
N VAL C 201 16.47 22.61 -5.35
CA VAL C 201 16.02 23.99 -5.23
C VAL C 201 14.79 24.15 -6.14
N VAL C 202 13.61 24.19 -5.53
CA VAL C 202 12.34 24.31 -6.25
C VAL C 202 11.72 25.69 -6.15
N ILE C 203 11.17 26.17 -7.27
CA ILE C 203 10.52 27.47 -7.31
C ILE C 203 9.03 27.26 -7.39
N CYS C 204 8.27 28.10 -6.69
CA CYS C 204 6.81 28.04 -6.72
C CYS C 204 6.33 29.48 -6.58
N HIS C 205 5.11 29.76 -7.02
CA HIS C 205 4.57 31.11 -6.93
C HIS C 205 3.64 31.38 -5.73
N LEU C 206 2.96 32.52 -5.75
CA LEU C 206 2.11 32.90 -4.65
C LEU C 206 0.62 32.95 -4.91
N LYS C 207 -0.16 32.84 -3.82
CA LYS C 207 -1.61 32.95 -3.90
C LYS C 207 -1.89 34.44 -3.98
N ASN C 208 -2.75 34.84 -4.91
CA ASN C 208 -3.06 36.25 -4.99
C ASN C 208 -4.07 36.54 -3.89
N PRO C 209 -3.60 37.16 -2.79
CA PRO C 209 -4.39 37.53 -1.62
C PRO C 209 -5.68 38.29 -1.91
N ASP C 210 -5.60 39.28 -2.79
CA ASP C 210 -6.77 40.09 -3.13
C ASP C 210 -7.55 40.34 -1.86
N LYS C 211 -6.87 40.88 -0.85
CA LYS C 211 -7.45 41.17 0.45
C LYS C 211 -6.40 42.00 1.17
N GLY C 212 -6.19 43.21 0.65
CA GLY C 212 -5.20 44.13 1.18
C GLY C 212 -4.40 44.62 -0.01
N LYS C 213 -3.25 45.23 0.25
CA LYS C 213 -2.38 45.69 -0.83
C LYS C 213 -1.38 44.56 -0.88
N ALA C 214 -1.04 44.08 -2.08
CA ALA C 214 -0.13 42.94 -2.14
C ALA C 214 1.05 42.89 -3.10
N HIS C 215 1.87 41.87 -2.83
CA HIS C 215 3.09 41.51 -3.54
C HIS C 215 3.74 42.53 -4.44
N GLU C 216 3.09 42.87 -5.55
CA GLU C 216 3.65 43.84 -6.48
C GLU C 216 3.93 45.17 -5.78
N GLU C 217 3.32 45.33 -4.61
CA GLU C 217 3.43 46.57 -3.83
C GLU C 217 4.06 46.43 -2.46
N GLY C 218 4.94 45.44 -2.27
CA GLY C 218 5.57 45.23 -0.98
C GLY C 218 4.92 44.07 -0.28
N ARG C 219 4.31 44.32 0.88
CA ARG C 219 3.63 43.27 1.63
C ARG C 219 4.47 42.02 1.88
N PRO C 220 4.72 41.69 3.15
CA PRO C 220 5.50 40.50 3.45
C PRO C 220 4.77 39.21 3.08
N VAL C 221 5.50 38.23 2.55
CA VAL C 221 4.86 36.98 2.21
C VAL C 221 4.94 36.12 3.45
N SER C 222 3.85 35.45 3.78
CA SER C 222 3.80 34.59 4.96
C SER C 222 3.79 33.17 4.46
N ILE C 223 3.93 32.20 5.36
CA ILE C 223 3.93 30.80 4.92
C ILE C 223 2.59 30.38 4.33
N THR C 224 1.50 30.87 4.92
CA THR C 224 0.18 30.53 4.43
C THR C 224 0.00 30.93 2.96
N ASP C 225 0.48 32.11 2.59
CA ASP C 225 0.38 32.64 1.23
C ASP C 225 0.83 31.67 0.15
N LEU C 226 1.48 30.60 0.56
CA LEU C 226 2.00 29.63 -0.40
C LEU C 226 1.01 28.88 -1.26
N ARG C 227 1.28 28.85 -2.56
CA ARG C 227 0.44 28.14 -3.52
C ARG C 227 0.47 26.65 -3.22
N GLY C 228 -0.58 25.96 -3.64
CA GLY C 228 -0.67 24.55 -3.37
C GLY C 228 -0.81 24.39 -1.88
N SER C 229 -1.97 23.90 -1.44
CA SER C 229 -2.23 23.71 -0.03
C SER C 229 -0.99 23.17 0.67
N GLY C 230 -0.46 23.99 1.56
CA GLY C 230 0.73 23.66 2.33
C GLY C 230 1.20 22.23 2.56
N ALA C 231 1.55 21.51 1.50
CA ALA C 231 2.08 20.17 1.65
C ALA C 231 3.56 20.48 1.59
N LEU C 232 3.89 21.37 0.67
CA LEU C 232 5.25 21.84 0.49
C LEU C 232 5.67 22.55 1.76
N ARG C 233 4.78 23.38 2.31
CA ARG C 233 5.13 24.09 3.53
C ARG C 233 5.70 23.12 4.54
N GLN C 234 5.45 21.83 4.34
CA GLN C 234 5.94 20.80 5.25
C GLN C 234 7.08 19.95 4.68
N LEU C 235 6.93 19.54 3.42
CA LEU C 235 7.95 18.72 2.76
C LEU C 235 9.29 19.43 2.50
N SER C 236 9.24 20.73 2.18
CA SER C 236 10.44 21.48 1.92
C SER C 236 11.17 21.75 3.23
N ASP C 237 12.51 21.77 3.19
CA ASP C 237 13.31 21.99 4.40
C ASP C 237 13.75 23.43 4.65
N THR C 238 13.70 24.28 3.63
CA THR C 238 14.10 25.67 3.79
C THR C 238 13.35 26.48 2.75
N ILE C 239 12.52 27.40 3.21
CA ILE C 239 11.78 28.25 2.30
C ILE C 239 12.37 29.67 2.30
N ILE C 240 12.77 30.15 1.12
CA ILE C 240 13.33 31.48 0.97
C ILE C 240 12.27 32.26 0.24
N ALA C 241 11.93 33.44 0.74
CA ALA C 241 10.91 34.27 0.09
C ALA C 241 11.44 35.64 -0.19
N LEU C 242 11.13 36.14 -1.37
CA LEU C 242 11.58 37.46 -1.73
C LEU C 242 10.40 38.40 -1.80
N GLU C 243 10.59 39.61 -1.32
CA GLU C 243 9.55 40.62 -1.31
C GLU C 243 10.11 41.90 -1.86
N ARG C 244 9.28 42.69 -2.52
CA ARG C 244 9.73 43.96 -3.05
C ARG C 244 8.56 44.76 -3.57
N ASN C 245 8.76 46.06 -3.63
CA ASN C 245 7.74 47.01 -4.05
C ASN C 245 8.14 47.77 -5.34
N GLN C 246 7.79 47.21 -6.49
CA GLN C 246 8.13 47.81 -7.79
C GLN C 246 7.28 49.04 -8.05
N GLN C 247 6.30 49.27 -7.18
CA GLN C 247 5.41 50.43 -7.29
C GLN C 247 5.65 51.30 -6.07
N GLY C 248 6.90 51.42 -5.66
CA GLY C 248 7.25 52.21 -4.50
C GLY C 248 8.46 53.09 -4.76
N ASP C 249 9.26 53.34 -3.73
CA ASP C 249 10.43 54.20 -3.86
C ASP C 249 11.67 53.50 -4.35
N MET C 250 12.02 52.39 -3.71
CA MET C 250 13.19 51.63 -4.07
C MET C 250 12.73 50.33 -4.71
N PRO C 251 12.31 50.40 -5.98
CA PRO C 251 11.82 49.24 -6.74
C PRO C 251 12.89 48.18 -6.94
N ASN C 252 14.12 48.54 -6.64
CA ASN C 252 15.21 47.61 -6.84
C ASN C 252 15.61 46.95 -5.54
N LEU C 253 15.19 47.50 -4.41
CA LEU C 253 15.54 46.91 -3.12
C LEU C 253 14.60 45.74 -2.89
N VAL C 254 15.16 44.53 -2.84
CA VAL C 254 14.35 43.35 -2.58
C VAL C 254 14.80 42.75 -1.25
N LEU C 255 13.82 42.39 -0.43
CA LEU C 255 14.06 41.81 0.88
C LEU C 255 14.07 40.29 0.80
N VAL C 256 14.94 39.66 1.59
CA VAL C 256 15.04 38.21 1.58
C VAL C 256 14.65 37.56 2.90
N ARG C 257 13.48 36.92 2.90
CA ARG C 257 12.97 36.29 4.10
C ARG C 257 13.08 34.77 4.16
N ILE C 258 13.69 34.26 5.22
CA ILE C 258 13.78 32.82 5.39
C ILE C 258 12.48 32.45 6.09
N LEU C 259 11.49 32.00 5.33
CA LEU C 259 10.21 31.64 5.91
C LEU C 259 10.27 30.38 6.75
N LYS C 260 11.29 29.56 6.54
CA LYS C 260 11.44 28.31 7.27
C LYS C 260 12.77 27.66 7.01
N CYS C 261 13.34 27.03 8.02
CA CYS C 261 14.60 26.33 7.88
C CYS C 261 14.77 25.22 8.88
N ARG C 262 14.19 24.06 8.57
CA ARG C 262 14.27 22.89 9.44
C ARG C 262 15.54 22.89 10.27
N PHE C 263 16.63 22.48 9.61
CA PHE C 263 17.96 22.38 10.19
C PHE C 263 18.34 23.30 11.35
N THR C 264 18.19 24.60 11.18
CA THR C 264 18.58 25.52 12.24
C THR C 264 17.43 26.12 13.04
N GLY C 265 16.25 26.17 12.44
CA GLY C 265 15.07 26.74 13.09
C GLY C 265 15.16 28.25 13.03
N ASP C 266 16.35 28.73 12.66
CA ASP C 266 16.58 30.16 12.57
C ASP C 266 15.76 30.73 11.40
N THR C 267 14.74 31.51 11.74
CA THR C 267 13.86 32.11 10.75
C THR C 267 13.91 33.64 10.81
N GLY C 268 13.05 34.29 10.02
CA GLY C 268 13.05 35.74 10.02
C GLY C 268 13.78 36.33 8.82
N ILE C 269 13.73 37.64 8.70
CA ILE C 269 14.36 38.36 7.61
C ILE C 269 15.86 38.16 7.56
N ALA C 270 16.34 37.52 6.50
CA ALA C 270 17.77 37.28 6.35
C ALA C 270 18.57 38.48 5.92
N GLY C 271 18.00 39.33 5.08
CA GLY C 271 18.73 40.50 4.63
C GLY C 271 18.10 41.19 3.44
N TYR C 272 18.89 41.99 2.73
CA TYR C 272 18.39 42.70 1.57
C TYR C 272 19.33 42.60 0.36
N MET C 273 18.80 42.96 -0.80
CA MET C 273 19.54 42.96 -2.05
C MET C 273 18.99 44.03 -3.01
N GLU C 274 19.81 44.48 -3.95
CA GLU C 274 19.38 45.49 -4.90
C GLU C 274 19.50 45.06 -6.35
N TYR C 275 18.49 45.39 -7.13
CA TYR C 275 18.50 45.02 -8.53
C TYR C 275 19.22 46.07 -9.32
N ASN C 276 20.17 45.63 -10.14
CA ASN C 276 20.96 46.52 -10.98
C ASN C 276 20.55 46.31 -12.43
N LYS C 277 19.73 47.22 -12.96
CA LYS C 277 19.22 47.13 -14.34
C LYS C 277 20.29 47.01 -15.42
N GLU C 278 21.54 47.33 -15.07
CA GLU C 278 22.62 47.23 -16.03
C GLU C 278 23.07 45.77 -16.16
N THR C 279 23.55 45.20 -15.06
CA THR C 279 24.04 43.84 -15.01
C THR C 279 22.92 42.78 -15.06
N GLY C 280 21.75 43.13 -14.52
CA GLY C 280 20.63 42.19 -14.51
C GLY C 280 20.75 41.35 -13.27
N TRP C 281 21.66 41.76 -12.39
CA TRP C 281 21.95 41.08 -11.14
C TRP C 281 21.23 41.59 -9.91
N LEU C 282 21.37 40.85 -8.82
CA LEU C 282 20.77 41.22 -7.54
C LEU C 282 21.94 41.43 -6.60
N GLU C 283 22.51 42.62 -6.66
CA GLU C 283 23.67 42.98 -5.85
C GLU C 283 23.45 43.03 -4.34
N PRO C 284 24.50 42.73 -3.57
CA PRO C 284 24.44 42.74 -2.11
C PRO C 284 24.09 44.15 -1.67
N SER C 285 23.27 44.30 -0.63
CA SER C 285 22.86 45.62 -0.17
C SER C 285 22.90 45.82 1.35
N SER C 286 22.97 47.09 1.75
CA SER C 286 22.99 47.50 3.15
C SER C 286 21.72 48.30 3.39
N TYR C 287 20.89 47.86 4.32
CA TYR C 287 19.65 48.57 4.57
C TYR C 287 18.97 48.13 5.86
N SER C 288 17.95 48.89 6.27
CA SER C 288 17.15 48.63 7.46
C SER C 288 15.96 49.61 7.49
N GLY C 289 14.77 49.11 7.18
CA GLY C 289 13.58 49.94 7.17
C GLY C 289 12.94 50.17 8.53
N PRO D 2 -30.85 18.15 -36.06
CA PRO D 2 -29.66 17.43 -36.60
C PRO D 2 -29.95 16.74 -37.96
N ASP D 3 -29.52 17.38 -39.06
CA ASP D 3 -29.79 16.86 -40.40
C ASP D 3 -28.74 16.21 -41.28
N GLY D 4 -28.59 14.90 -41.08
CA GLY D 4 -27.70 14.09 -41.89
C GLY D 4 -28.63 13.09 -42.57
N VAL D 5 -29.66 13.64 -43.21
CA VAL D 5 -30.68 12.85 -43.86
C VAL D 5 -30.92 13.30 -45.28
N VAL D 6 -30.11 12.79 -46.21
CA VAL D 6 -30.27 13.17 -47.60
C VAL D 6 -31.22 12.28 -48.40
N SER D 7 -32.01 12.92 -49.26
CA SER D 7 -33.00 12.22 -50.07
C SER D 7 -32.34 11.51 -51.25
N ALA D 8 -32.77 10.27 -51.44
CA ALA D 8 -32.27 9.46 -52.53
C ALA D 8 -32.29 10.23 -53.83
N LEU D 9 -33.36 11.00 -54.06
CA LEU D 9 -33.48 11.77 -55.29
C LEU D 9 -32.39 12.81 -55.48
N SER D 10 -31.84 13.29 -54.38
CA SER D 10 -30.75 14.27 -54.43
C SER D 10 -29.42 13.62 -54.86
N LEU D 11 -29.19 12.41 -54.37
CA LEU D 11 -27.97 11.64 -54.61
C LEU D 11 -27.61 11.26 -56.03
N ARG D 12 -28.33 11.81 -56.99
CA ARG D 12 -28.03 11.49 -58.37
C ARG D 12 -26.53 11.51 -58.77
N GLU D 13 -25.98 12.70 -59.04
CA GLU D 13 -24.59 12.76 -59.49
C GLU D 13 -23.56 11.89 -58.75
N ARG D 14 -23.57 11.96 -57.43
CA ARG D 14 -22.65 11.17 -56.63
C ARG D 14 -22.82 9.71 -57.01
N ILE D 15 -24.00 9.37 -57.54
CA ILE D 15 -24.19 7.99 -57.91
C ILE D 15 -23.48 7.76 -59.23
N ARG D 16 -23.64 8.68 -60.17
CA ARG D 16 -22.96 8.55 -61.44
C ARG D 16 -21.46 8.41 -61.18
N GLU D 17 -20.92 9.36 -60.41
CA GLU D 17 -19.51 9.33 -60.05
C GLU D 17 -19.12 7.92 -59.55
N HIS D 18 -19.78 7.52 -58.47
CA HIS D 18 -19.56 6.21 -57.82
C HIS D 18 -19.62 5.02 -58.77
N LEU D 19 -20.43 5.13 -59.82
CA LEU D 19 -20.57 4.04 -60.80
C LEU D 19 -19.39 3.92 -61.77
N SER D 20 -18.59 4.97 -61.87
CA SER D 20 -17.43 4.96 -62.77
C SER D 20 -16.12 4.65 -62.02
N SER D 21 -15.75 3.36 -61.98
CA SER D 21 -14.55 2.85 -61.30
C SER D 21 -14.77 2.43 -59.83
N GLU D 22 -15.60 1.39 -59.65
CA GLU D 22 -15.98 0.79 -58.35
C GLU D 22 -16.08 -0.75 -58.65
N GLU D 23 -14.82 -1.52 -58.81
CA GLU D 23 -14.08 -3.04 -59.19
C GLU D 23 -14.23 -4.40 -58.47
N SER D 24 -10.30 -1.01 -64.28
CA SER D 24 -11.38 -2.00 -64.22
C SER D 24 -10.91 -3.28 -63.50
N VAL D 25 -9.59 -3.47 -63.50
CA VAL D 25 -8.96 -4.62 -62.84
C VAL D 25 -7.49 -4.25 -62.69
N GLY D 26 -7.12 -3.82 -61.49
CA GLY D 26 -5.74 -3.44 -61.24
C GLY D 26 -5.14 -4.21 -60.07
N LEU D 27 -3.97 -4.80 -60.29
CA LEU D 27 -3.29 -5.56 -59.24
C LEU D 27 -4.17 -6.65 -58.67
N LEU D 28 -3.80 -7.90 -58.92
CA LEU D 28 -4.59 -9.00 -58.41
C LEU D 28 -3.81 -9.65 -57.31
N PHE D 29 -4.50 -10.11 -56.27
CA PHE D 29 -3.82 -10.78 -55.17
C PHE D 29 -3.34 -12.14 -55.64
N SER D 30 -2.17 -12.54 -55.15
CA SER D 30 -1.59 -13.83 -55.47
C SER D 30 -1.52 -14.69 -54.21
N GLY D 31 -1.52 -16.00 -54.40
CA GLY D 31 -1.48 -16.89 -53.27
C GLY D 31 -2.82 -17.59 -53.24
N CYS D 32 -3.82 -16.91 -53.80
CA CYS D 32 -5.17 -17.47 -53.88
C CYS D 32 -6.18 -16.66 -54.69
N THR D 33 -6.70 -17.29 -55.75
CA THR D 33 -7.70 -16.70 -56.60
C THR D 33 -8.97 -16.90 -55.78
N GLY D 34 -9.93 -15.99 -55.91
CA GLY D 34 -11.13 -16.12 -55.12
C GLY D 34 -11.09 -14.84 -54.32
N ILE D 35 -9.90 -14.44 -53.90
CA ILE D 35 -9.78 -13.17 -53.20
C ILE D 35 -10.13 -12.24 -54.38
N ASN D 36 -9.54 -12.56 -55.54
CA ASN D 36 -9.71 -11.84 -56.80
C ASN D 36 -11.13 -11.96 -57.35
N ASP D 37 -11.72 -13.14 -57.17
CA ASP D 37 -13.08 -13.39 -57.63
C ASP D 37 -14.06 -12.58 -56.80
N LYS D 38 -13.68 -12.26 -55.57
CA LYS D 38 -14.57 -11.53 -54.69
C LYS D 38 -14.18 -10.10 -54.46
N THR D 39 -13.22 -9.61 -55.24
CA THR D 39 -12.76 -8.22 -55.10
C THR D 39 -12.26 -7.64 -56.41
N LEU D 40 -11.68 -8.50 -57.24
CA LEU D 40 -11.14 -8.09 -58.55
C LEU D 40 -9.90 -7.19 -58.35
N GLY D 41 -8.98 -7.67 -57.52
CA GLY D 41 -7.75 -6.94 -57.24
C GLY D 41 -8.05 -5.73 -56.39
N ALA D 42 -7.10 -4.80 -56.35
CA ALA D 42 -7.24 -3.58 -55.58
C ALA D 42 -7.05 -2.35 -56.48
N ARG D 43 -7.83 -1.31 -56.21
CA ARG D 43 -7.82 -0.07 -56.98
C ARG D 43 -6.94 1.04 -56.40
N GLY D 44 -6.52 1.96 -57.28
CA GLY D 44 -5.74 3.08 -56.83
C GLY D 44 -6.73 3.91 -56.06
N GLY D 45 -6.27 4.63 -55.03
CA GLY D 45 -7.19 5.43 -54.24
C GLY D 45 -7.87 4.59 -53.17
N GLU D 46 -7.93 3.27 -53.41
CA GLU D 46 -8.57 2.33 -52.49
C GLU D 46 -7.68 1.98 -51.28
N VAL D 47 -8.30 1.49 -50.22
CA VAL D 47 -7.59 1.13 -48.99
C VAL D 47 -7.81 -0.32 -48.56
N ILE D 48 -6.87 -1.21 -48.86
CA ILE D 48 -7.00 -2.61 -48.48
C ILE D 48 -6.66 -2.80 -46.99
N MET D 49 -7.53 -3.52 -46.29
CA MET D 49 -7.37 -3.78 -44.87
C MET D 49 -7.17 -5.29 -44.61
N VAL D 50 -5.98 -5.66 -44.13
CA VAL D 50 -5.66 -7.07 -43.84
C VAL D 50 -5.48 -7.27 -42.35
N THR D 51 -6.18 -8.27 -41.82
CA THR D 51 -6.13 -8.58 -40.40
C THR D 51 -6.21 -10.06 -40.10
N SER D 52 -5.84 -10.41 -38.87
CA SER D 52 -5.88 -11.78 -38.39
C SER D 52 -5.30 -11.84 -36.97
N GLY D 53 -5.41 -13.01 -36.34
CA GLY D 53 -4.90 -13.20 -35.00
C GLY D 53 -3.40 -12.97 -34.96
N SER D 54 -2.84 -12.92 -33.75
CA SER D 54 -1.41 -12.69 -33.58
C SER D 54 -0.57 -13.91 -34.04
N GLY D 55 0.30 -13.66 -35.01
CA GLY D 55 1.15 -14.71 -35.54
C GLY D 55 0.45 -15.64 -36.51
N MET D 56 -0.46 -15.11 -37.31
CA MET D 56 -1.20 -15.94 -38.25
C MET D 56 -0.92 -15.72 -39.73
N GLY D 57 -0.27 -14.62 -40.08
CA GLY D 57 0.05 -14.40 -41.47
C GLY D 57 -0.44 -13.12 -42.08
N LYS D 58 -0.73 -12.13 -41.24
CA LYS D 58 -1.19 -10.85 -41.76
C LYS D 58 0.02 -10.29 -42.49
N SER D 59 1.17 -10.50 -41.84
CA SER D 59 2.45 -10.03 -42.33
C SER D 59 2.96 -10.86 -43.51
N THR D 60 2.81 -12.18 -43.45
CA THR D 60 3.29 -13.03 -44.53
C THR D 60 2.53 -12.86 -45.84
N PHE D 61 1.23 -12.65 -45.72
CA PHE D 61 0.38 -12.48 -46.89
C PHE D 61 0.69 -11.15 -47.57
N VAL D 62 0.60 -10.06 -46.81
CA VAL D 62 0.83 -8.73 -47.36
C VAL D 62 2.24 -8.48 -47.89
N ARG D 63 3.18 -9.33 -47.50
CA ARG D 63 4.54 -9.20 -47.97
C ARG D 63 4.64 -9.93 -49.32
N GLN D 64 3.87 -10.99 -49.47
CA GLN D 64 3.85 -11.78 -50.71
C GLN D 64 3.37 -10.88 -51.85
N GLN D 65 2.30 -10.13 -51.58
CA GLN D 65 1.74 -9.20 -52.56
C GLN D 65 2.86 -8.19 -52.92
N ALA D 66 3.52 -7.62 -51.92
CA ALA D 66 4.61 -6.67 -52.17
C ALA D 66 5.57 -7.31 -53.16
N LEU D 67 5.95 -8.54 -52.84
CA LEU D 67 6.87 -9.31 -53.66
C LEU D 67 6.33 -9.39 -55.10
N GLN D 68 5.27 -10.16 -55.27
CA GLN D 68 4.66 -10.33 -56.57
C GLN D 68 4.57 -8.99 -57.29
N TRP D 69 3.79 -8.09 -56.70
CA TRP D 69 3.55 -6.75 -57.28
C TRP D 69 4.77 -6.00 -57.86
N GLY D 70 5.90 -5.99 -57.15
CA GLY D 70 7.06 -5.29 -57.65
C GLY D 70 8.01 -6.20 -58.41
N THR D 71 7.53 -7.38 -58.79
CA THR D 71 8.32 -8.35 -59.52
C THR D 71 7.67 -8.74 -60.85
N ALA D 72 6.64 -9.55 -60.77
CA ALA D 72 5.90 -10.03 -61.93
C ALA D 72 5.19 -8.89 -62.65
N MET D 73 4.53 -8.04 -61.87
CA MET D 73 3.79 -6.91 -62.43
C MET D 73 4.50 -5.56 -62.30
N GLY D 74 5.82 -5.61 -62.15
CA GLY D 74 6.68 -4.44 -62.03
C GLY D 74 6.11 -3.11 -61.51
N LYS D 75 5.65 -3.11 -60.26
CA LYS D 75 5.08 -1.90 -59.67
C LYS D 75 5.99 -1.41 -58.56
N LYS D 76 6.00 -0.10 -58.32
CA LYS D 76 6.82 0.46 -57.26
C LYS D 76 6.15 0.32 -55.89
N VAL D 77 6.61 -0.65 -55.12
CA VAL D 77 6.05 -0.89 -53.79
C VAL D 77 6.76 -0.08 -52.70
N GLY D 78 5.96 0.56 -51.87
CA GLY D 78 6.45 1.35 -50.76
C GLY D 78 6.25 0.52 -49.51
N LEU D 79 7.33 0.33 -48.75
CA LEU D 79 7.27 -0.48 -47.55
C LEU D 79 7.50 0.34 -46.29
N ALA D 80 6.64 0.14 -45.30
CA ALA D 80 6.75 0.85 -44.03
C ALA D 80 6.43 -0.13 -42.89
N MET D 81 7.43 -0.90 -42.48
CA MET D 81 7.30 -1.89 -41.42
C MET D 81 7.90 -1.35 -40.11
N LEU D 82 7.12 -0.54 -39.41
CA LEU D 82 7.59 0.08 -38.16
C LEU D 82 8.04 -0.87 -37.04
N GLU D 83 7.84 -2.18 -37.20
CA GLU D 83 8.25 -3.12 -36.16
C GLU D 83 9.45 -3.96 -36.53
N GLU D 84 10.10 -3.64 -37.65
CA GLU D 84 11.28 -4.40 -38.08
C GLU D 84 12.25 -3.62 -38.96
N SER D 85 13.53 -3.95 -38.81
CA SER D 85 14.60 -3.29 -39.55
C SER D 85 14.49 -3.46 -41.05
N VAL D 86 14.77 -2.38 -41.78
CA VAL D 86 14.69 -2.41 -43.23
C VAL D 86 15.47 -3.61 -43.76
N GLU D 87 16.54 -4.00 -43.06
CA GLU D 87 17.35 -5.18 -43.46
C GLU D 87 16.61 -6.49 -43.17
N GLU D 88 15.75 -6.47 -42.15
CA GLU D 88 14.98 -7.63 -41.77
C GLU D 88 13.89 -7.85 -42.80
N THR D 89 13.16 -6.78 -43.12
CA THR D 89 12.09 -6.90 -44.08
C THR D 89 12.76 -7.26 -45.40
N ALA D 90 13.91 -6.65 -45.64
CA ALA D 90 14.66 -6.94 -46.85
C ALA D 90 14.93 -8.48 -46.89
N GLU D 91 15.36 -9.00 -45.75
CA GLU D 91 15.66 -10.42 -45.61
C GLU D 91 14.49 -11.29 -46.05
N ASP D 92 13.30 -11.01 -45.53
CA ASP D 92 12.12 -11.78 -45.87
C ASP D 92 11.88 -11.78 -47.38
N LEU D 93 11.92 -10.58 -47.96
CA LEU D 93 11.71 -10.41 -49.40
C LEU D 93 12.70 -11.24 -50.20
N ILE D 94 13.97 -11.25 -49.77
CA ILE D 94 15.00 -12.02 -50.43
C ILE D 94 14.78 -13.53 -50.32
N GLY D 95 14.70 -14.03 -49.10
CA GLY D 95 14.45 -15.45 -48.94
C GLY D 95 13.16 -15.82 -49.66
N LEU D 96 12.16 -14.98 -49.48
CA LEU D 96 10.85 -15.18 -50.10
C LEU D 96 11.00 -15.36 -51.61
N HIS D 97 11.60 -14.36 -52.25
CA HIS D 97 11.86 -14.33 -53.70
C HIS D 97 12.46 -15.67 -54.16
N ASN D 98 13.53 -16.06 -53.48
CA ASN D 98 14.24 -17.29 -53.79
C ASN D 98 13.62 -18.54 -53.15
N ARG D 99 12.33 -18.48 -52.86
CA ARG D 99 11.60 -19.60 -52.27
C ARG D 99 12.35 -20.27 -51.11
N VAL D 100 12.73 -19.49 -50.09
CA VAL D 100 13.44 -20.06 -48.96
C VAL D 100 13.23 -19.28 -47.66
N ARG D 101 13.49 -19.94 -46.53
CA ARG D 101 13.33 -19.29 -45.22
C ARG D 101 14.72 -18.97 -44.63
N LEU D 102 15.31 -17.97 -45.27
CA LEU D 102 16.64 -17.42 -45.00
C LEU D 102 16.84 -16.93 -43.56
N ARG D 103 15.78 -16.77 -42.80
CA ARG D 103 15.96 -16.33 -41.43
C ARG D 103 16.13 -17.58 -40.59
N GLN D 104 15.20 -18.52 -40.77
CA GLN D 104 15.21 -19.78 -40.05
C GLN D 104 16.40 -20.66 -40.39
N SER D 105 17.39 -20.11 -41.08
CA SER D 105 18.55 -20.92 -41.45
C SER D 105 19.88 -20.19 -41.33
N ASP D 106 20.58 -20.37 -40.21
CA ASP D 106 21.88 -19.71 -40.02
C ASP D 106 22.94 -20.32 -40.90
N SER D 107 22.60 -21.45 -41.51
CA SER D 107 23.52 -22.15 -42.39
C SER D 107 23.39 -21.57 -43.80
N LEU D 108 22.14 -21.39 -44.23
CA LEU D 108 21.82 -20.83 -45.54
C LEU D 108 22.27 -19.39 -45.63
N LYS D 109 22.28 -18.68 -44.49
CA LYS D 109 22.71 -17.28 -44.49
C LYS D 109 24.22 -17.24 -44.72
N ARG D 110 24.92 -18.06 -43.97
CA ARG D 110 26.37 -18.17 -44.07
C ARG D 110 26.65 -18.63 -45.50
N GLU D 111 25.90 -19.63 -45.92
CA GLU D 111 26.03 -20.17 -47.26
C GLU D 111 26.17 -19.07 -48.30
N ILE D 112 25.05 -18.48 -48.70
CA ILE D 112 25.04 -17.46 -49.75
C ILE D 112 26.02 -16.29 -49.62
N ILE D 113 26.44 -15.94 -48.40
CA ILE D 113 27.37 -14.85 -48.29
C ILE D 113 28.79 -15.27 -48.71
N GLU D 114 29.21 -16.48 -48.33
CA GLU D 114 30.53 -16.95 -48.71
C GLU D 114 30.52 -17.39 -50.17
N ASN D 115 29.62 -18.31 -50.52
CA ASN D 115 29.54 -18.82 -51.89
C ASN D 115 29.06 -17.79 -52.91
N GLY D 116 28.88 -16.54 -52.47
CA GLY D 116 28.46 -15.48 -53.37
C GLY D 116 27.07 -15.37 -53.97
N LYS D 117 26.12 -16.19 -53.52
CA LYS D 117 24.77 -16.08 -54.06
C LYS D 117 23.97 -14.91 -53.47
N PHE D 118 24.55 -14.24 -52.47
CA PHE D 118 23.83 -13.11 -51.90
C PHE D 118 23.72 -12.01 -52.95
N ASP D 119 24.89 -11.54 -53.41
CA ASP D 119 24.95 -10.48 -54.40
C ASP D 119 24.11 -10.85 -55.61
N GLN D 120 24.11 -12.14 -55.92
CA GLN D 120 23.33 -12.65 -57.03
C GLN D 120 21.85 -12.38 -56.79
N TRP D 121 21.29 -12.98 -55.73
CA TRP D 121 19.87 -12.82 -55.38
C TRP D 121 19.48 -11.37 -55.20
N PHE D 122 20.31 -10.64 -54.46
CA PHE D 122 20.07 -9.23 -54.21
C PHE D 122 19.84 -8.41 -55.48
N ASP D 123 20.73 -8.55 -56.47
CA ASP D 123 20.54 -7.80 -57.71
C ASP D 123 19.30 -8.26 -58.49
N GLU D 124 19.21 -9.56 -58.70
CA GLU D 124 18.09 -10.14 -59.44
C GLU D 124 16.75 -9.63 -58.90
N LEU D 125 16.70 -9.34 -57.61
CA LEU D 125 15.48 -8.86 -56.96
C LEU D 125 15.29 -7.33 -56.98
N PHE D 126 16.04 -6.65 -56.11
CA PHE D 126 15.98 -5.19 -56.00
C PHE D 126 16.59 -4.50 -57.22
N GLY D 127 17.03 -5.31 -58.19
CA GLY D 127 17.66 -4.82 -59.39
C GLY D 127 16.88 -3.73 -60.10
N ASN D 128 15.57 -3.94 -60.26
CA ASN D 128 14.75 -2.96 -60.95
C ASN D 128 14.41 -1.72 -60.11
N ASP D 129 15.12 -1.50 -59.02
CA ASP D 129 14.83 -0.35 -58.15
C ASP D 129 13.32 -0.14 -58.06
N THR D 130 12.63 -1.17 -57.55
CA THR D 130 11.18 -1.12 -57.39
C THR D 130 10.79 -0.97 -55.92
N PHE D 131 11.42 -1.74 -55.05
CA PHE D 131 11.12 -1.70 -53.63
C PHE D 131 11.80 -0.54 -52.94
N HIS D 132 11.06 0.10 -52.03
CA HIS D 132 11.56 1.25 -51.28
C HIS D 132 11.01 1.14 -49.86
N LEU D 133 11.74 1.62 -48.87
CA LEU D 133 11.23 1.45 -47.50
C LEU D 133 11.46 2.58 -46.49
N TYR D 134 10.52 2.71 -45.54
CA TYR D 134 10.63 3.72 -44.47
C TYR D 134 11.68 3.09 -43.53
N ASP D 135 12.42 3.91 -42.79
CA ASP D 135 13.50 3.40 -41.94
C ASP D 135 13.55 4.00 -40.54
N SER D 136 13.55 3.16 -39.49
CA SER D 136 13.64 3.69 -38.12
C SER D 136 13.56 2.67 -36.98
N PHE D 137 12.34 2.49 -36.47
CA PHE D 137 12.01 1.61 -35.33
C PHE D 137 11.86 2.59 -34.16
N ALA D 138 12.28 3.83 -34.42
CA ALA D 138 12.20 4.93 -33.47
C ALA D 138 10.86 5.61 -33.70
N GLU D 139 9.85 5.14 -32.96
CA GLU D 139 8.46 5.62 -33.01
C GLU D 139 8.17 6.79 -33.97
N ALA D 140 7.35 6.50 -34.97
CA ALA D 140 6.97 7.49 -35.99
C ALA D 140 5.61 8.12 -35.73
N GLU D 141 5.56 9.45 -35.87
CA GLU D 141 4.31 10.18 -35.65
C GLU D 141 3.40 10.05 -36.87
N THR D 142 2.14 10.43 -36.71
CA THR D 142 1.17 10.35 -37.81
C THR D 142 1.55 11.21 -39.02
N ASP D 143 1.56 12.54 -38.84
CA ASP D 143 1.93 13.44 -39.92
C ASP D 143 3.31 13.06 -40.45
N ARG D 144 4.24 12.91 -39.50
CA ARG D 144 5.62 12.50 -39.78
C ARG D 144 5.56 11.35 -40.80
N LEU D 145 4.89 10.26 -40.39
CA LEU D 145 4.73 9.09 -41.22
C LEU D 145 4.07 9.41 -42.55
N LEU D 146 2.87 9.99 -42.50
CA LEU D 146 2.15 10.31 -43.73
C LEU D 146 3.01 11.06 -44.73
N ALA D 147 3.87 11.94 -44.23
CA ALA D 147 4.77 12.74 -45.08
C ALA D 147 5.68 11.81 -45.92
N LYS D 148 6.39 10.91 -45.25
CA LYS D 148 7.28 9.99 -45.92
C LYS D 148 6.47 9.05 -46.82
N LEU D 149 5.36 8.54 -46.28
CA LEU D 149 4.50 7.66 -47.06
C LEU D 149 4.15 8.40 -48.35
N ALA D 150 3.99 9.72 -48.21
CA ALA D 150 3.65 10.62 -49.31
C ALA D 150 4.84 10.78 -50.24
N TYR D 151 6.02 10.84 -49.64
CA TYR D 151 7.25 11.00 -50.41
C TYR D 151 7.49 9.75 -51.26
N MET D 152 7.00 8.60 -50.78
CA MET D 152 7.16 7.33 -51.50
C MET D 152 6.23 7.32 -52.73
N ARG D 153 5.13 8.06 -52.64
CA ARG D 153 4.15 8.17 -53.70
C ARG D 153 4.42 9.30 -54.70
N SER D 154 4.90 10.43 -54.19
CA SER D 154 5.19 11.61 -55.02
C SER D 154 6.67 11.67 -55.37
N GLY D 155 7.52 11.63 -54.34
CA GLY D 155 8.96 11.66 -54.55
C GLY D 155 9.51 10.49 -55.37
N LEU D 156 9.28 9.27 -54.90
CA LEU D 156 9.79 8.09 -55.61
C LEU D 156 8.80 7.51 -56.63
N GLY D 157 7.53 7.88 -56.53
CA GLY D 157 6.54 7.40 -57.48
C GLY D 157 6.14 5.94 -57.38
N CYS D 158 5.56 5.56 -56.25
CA CYS D 158 5.14 4.19 -56.00
C CYS D 158 3.69 3.98 -56.41
N ASP D 159 3.38 2.74 -56.81
CA ASP D 159 2.02 2.37 -57.20
C ASP D 159 1.31 1.86 -55.95
N VAL D 160 2.01 1.03 -55.18
CA VAL D 160 1.48 0.43 -53.94
C VAL D 160 2.32 0.77 -52.70
N ILE D 161 1.64 1.11 -51.61
CA ILE D 161 2.31 1.40 -50.35
C ILE D 161 1.82 0.40 -49.34
N ILE D 162 2.70 -0.04 -48.45
CA ILE D 162 2.33 -1.00 -47.40
C ILE D 162 2.63 -0.45 -46.01
N LEU D 163 1.61 -0.33 -45.18
CA LEU D 163 1.79 0.15 -43.82
C LEU D 163 1.45 -1.01 -42.93
N ASP D 164 2.48 -1.65 -42.37
CA ASP D 164 2.28 -2.80 -41.50
C ASP D 164 2.00 -2.40 -40.08
N HIS D 165 0.89 -2.90 -39.56
CA HIS D 165 0.48 -2.67 -38.19
C HIS D 165 0.03 -1.22 -37.95
N ILE D 166 -1.28 -1.00 -37.93
CA ILE D 166 -1.81 0.33 -37.69
C ILE D 166 -2.36 0.42 -36.28
N SER D 167 -1.44 0.48 -35.32
CA SER D 167 -1.78 0.61 -33.91
C SER D 167 -0.62 1.46 -33.40
N ILE D 168 0.54 1.23 -33.99
CA ILE D 168 1.75 1.96 -33.65
C ILE D 168 1.48 3.39 -34.11
N VAL D 169 0.77 4.15 -33.26
CA VAL D 169 0.40 5.52 -33.54
C VAL D 169 1.51 6.56 -33.30
N VAL D 170 1.85 6.79 -32.04
CA VAL D 170 2.89 7.75 -31.66
C VAL D 170 2.59 9.18 -32.15
N SER D 171 1.56 9.81 -31.58
CA SER D 171 1.19 11.17 -31.98
C SER D 171 0.44 11.93 -30.88
N ALA D 172 0.59 13.26 -30.89
CA ALA D 172 -0.05 14.17 -29.92
C ALA D 172 -0.61 13.45 -28.69
N SER D 173 0.28 13.02 -27.81
CA SER D 173 -0.12 12.29 -26.59
C SER D 173 -0.72 13.21 -25.52
N GLY D 174 -1.76 12.71 -24.85
CA GLY D 174 -2.43 13.46 -23.80
C GLY D 174 -3.95 13.47 -23.94
N GLU D 175 -4.41 12.90 -25.05
CA GLU D 175 -5.83 12.81 -25.38
C GLU D 175 -6.29 11.36 -25.22
N SER D 176 -7.10 11.13 -24.17
CA SER D 176 -7.63 9.81 -23.81
C SER D 176 -7.95 8.84 -24.93
N ASP D 177 -8.08 7.58 -24.53
CA ASP D 177 -8.38 6.46 -25.41
C ASP D 177 -7.94 6.66 -26.84
N GLU D 178 -6.83 6.00 -27.17
CA GLU D 178 -6.23 6.06 -28.50
C GLU D 178 -7.21 5.54 -29.55
N ARG D 179 -8.47 5.42 -29.15
CA ARG D 179 -9.52 4.94 -30.04
C ARG D 179 -9.79 5.93 -31.17
N LYS D 180 -9.39 7.19 -30.97
CA LYS D 180 -9.59 8.23 -31.98
C LYS D 180 -8.35 8.35 -32.86
N MET D 181 -7.17 8.20 -32.25
CA MET D 181 -5.91 8.28 -32.99
C MET D 181 -6.08 7.36 -34.20
N ILE D 182 -6.42 6.11 -33.91
CA ILE D 182 -6.64 5.13 -34.94
C ILE D 182 -7.67 5.69 -35.93
N ASP D 183 -8.75 6.27 -35.41
CA ASP D 183 -9.80 6.84 -36.24
C ASP D 183 -9.28 7.99 -37.10
N ASN D 184 -8.67 8.97 -36.44
CA ASN D 184 -8.14 10.13 -37.15
C ASN D 184 -7.14 9.67 -38.22
N LEU D 185 -6.17 8.87 -37.81
CA LEU D 185 -5.17 8.35 -38.74
C LEU D 185 -5.80 7.71 -39.98
N MET D 186 -6.79 6.86 -39.76
CA MET D 186 -7.46 6.15 -40.85
C MET D 186 -8.03 7.09 -41.90
N THR D 187 -8.48 8.26 -41.46
CA THR D 187 -9.06 9.26 -42.37
C THR D 187 -7.97 9.91 -43.23
N LYS D 188 -6.90 10.34 -42.58
CA LYS D 188 -5.77 10.95 -43.29
C LYS D 188 -5.28 9.95 -44.32
N LEU D 189 -5.23 8.69 -43.90
CA LEU D 189 -4.79 7.59 -44.76
C LEU D 189 -5.73 7.36 -45.95
N LYS D 190 -7.04 7.45 -45.69
CA LYS D 190 -8.01 7.25 -46.75
C LYS D 190 -8.01 8.50 -47.62
N GLY D 191 -7.65 9.62 -47.00
CA GLY D 191 -7.59 10.89 -47.72
C GLY D 191 -6.48 10.80 -48.74
N PHE D 192 -5.25 10.89 -48.22
CA PHE D 192 -4.04 10.80 -49.04
C PHE D 192 -4.15 9.69 -50.07
N ALA D 193 -4.69 8.54 -49.68
CA ALA D 193 -4.81 7.41 -50.59
C ALA D 193 -5.65 7.72 -51.82
N LYS D 194 -6.79 8.37 -51.59
CA LYS D 194 -7.74 8.72 -52.64
C LYS D 194 -7.27 9.86 -53.56
N SER D 195 -6.75 10.91 -52.94
CA SER D 195 -6.26 12.11 -53.64
C SER D 195 -4.94 11.96 -54.44
N THR D 196 -4.20 10.87 -54.20
CA THR D 196 -2.96 10.60 -54.93
C THR D 196 -3.22 9.43 -55.89
N GLY D 197 -4.14 8.56 -55.49
CA GLY D 197 -4.51 7.40 -56.29
C GLY D 197 -3.58 6.22 -56.08
N VAL D 198 -2.88 6.22 -54.96
CA VAL D 198 -1.95 5.15 -54.64
C VAL D 198 -2.66 3.98 -53.93
N VAL D 199 -2.34 2.76 -54.32
CA VAL D 199 -2.92 1.57 -53.68
C VAL D 199 -2.33 1.58 -52.26
N LEU D 200 -3.19 1.53 -51.25
CA LEU D 200 -2.70 1.55 -49.88
C LEU D 200 -3.14 0.32 -49.10
N VAL D 201 -2.19 -0.54 -48.75
CA VAL D 201 -2.53 -1.74 -48.00
C VAL D 201 -2.14 -1.53 -46.54
N VAL D 202 -3.09 -1.78 -45.64
CA VAL D 202 -2.82 -1.62 -44.23
C VAL D 202 -3.16 -2.87 -43.42
N ILE D 203 -2.36 -3.09 -42.38
CA ILE D 203 -2.52 -4.23 -41.50
C ILE D 203 -2.91 -3.73 -40.10
N CYS D 204 -4.00 -4.25 -39.55
CA CYS D 204 -4.38 -3.85 -38.20
C CYS D 204 -4.69 -5.14 -37.46
N HIS D 205 -4.61 -5.13 -36.13
CA HIS D 205 -4.86 -6.32 -35.33
C HIS D 205 -6.29 -6.42 -34.82
N LEU D 206 -6.59 -7.52 -34.14
CA LEU D 206 -7.92 -7.75 -33.60
C LEU D 206 -7.99 -7.62 -32.08
N LYS D 207 -9.13 -7.18 -31.56
CA LYS D 207 -9.30 -7.08 -30.12
C LYS D 207 -9.25 -8.52 -29.60
N ASN D 208 -9.03 -8.69 -28.30
CA ASN D 208 -8.96 -10.03 -27.73
C ASN D 208 -10.31 -10.42 -27.11
N PRO D 209 -11.10 -11.22 -27.85
CA PRO D 209 -12.43 -11.68 -27.41
C PRO D 209 -12.60 -12.12 -25.96
N ASP D 210 -11.78 -13.07 -25.52
CA ASP D 210 -11.86 -13.58 -24.16
C ASP D 210 -13.32 -13.71 -23.75
N LYS D 211 -14.04 -14.50 -24.53
CA LYS D 211 -15.45 -14.77 -24.33
C LYS D 211 -15.71 -15.90 -25.32
N GLY D 212 -14.98 -17.00 -25.12
CA GLY D 212 -15.10 -18.15 -25.99
C GLY D 212 -13.71 -18.55 -26.42
N LYS D 213 -13.61 -19.50 -27.35
CA LYS D 213 -12.32 -19.98 -27.85
C LYS D 213 -11.87 -18.98 -28.93
N ALA D 214 -10.64 -18.47 -28.79
CA ALA D 214 -10.14 -17.43 -29.69
C ALA D 214 -9.03 -17.60 -30.75
N HIS D 215 -9.25 -16.83 -31.81
CA HIS D 215 -8.43 -16.68 -32.99
C HIS D 215 -7.33 -17.67 -33.31
N GLU D 216 -6.36 -17.84 -32.42
CA GLU D 216 -5.27 -18.76 -32.72
C GLU D 216 -5.78 -20.19 -32.75
N GLU D 217 -7.02 -20.40 -32.33
CA GLU D 217 -7.54 -21.75 -32.30
C GLU D 217 -8.72 -21.99 -33.24
N GLY D 218 -8.99 -21.01 -34.08
CA GLY D 218 -10.09 -21.10 -35.03
C GLY D 218 -10.87 -19.80 -34.95
N ARG D 219 -12.19 -19.89 -34.77
CA ARG D 219 -13.02 -18.70 -34.65
C ARG D 219 -12.88 -17.67 -35.75
N PRO D 220 -13.89 -17.59 -36.63
CA PRO D 220 -13.68 -16.56 -37.65
C PRO D 220 -13.68 -15.17 -37.03
N VAL D 221 -13.30 -14.20 -37.84
CA VAL D 221 -13.26 -12.83 -37.35
C VAL D 221 -14.41 -12.09 -38.01
N SER D 222 -15.23 -11.39 -37.21
CA SER D 222 -16.35 -10.63 -37.74
C SER D 222 -15.94 -9.18 -37.81
N ILE D 223 -16.67 -8.37 -38.57
CA ILE D 223 -16.30 -6.97 -38.69
C ILE D 223 -16.15 -6.30 -37.32
N THR D 224 -16.88 -6.80 -36.34
CA THR D 224 -16.82 -6.24 -34.99
C THR D 224 -15.44 -6.41 -34.35
N ASP D 225 -14.92 -7.64 -34.35
CA ASP D 225 -13.63 -7.95 -33.76
C ASP D 225 -12.46 -7.07 -34.19
N LEU D 226 -12.69 -6.11 -35.08
CA LEU D 226 -11.60 -5.26 -35.55
C LEU D 226 -11.13 -4.19 -34.57
N ARG D 227 -9.92 -4.37 -34.05
CA ARG D 227 -9.31 -3.41 -33.14
C ARG D 227 -9.58 -2.00 -33.64
N GLY D 228 -9.52 -1.02 -32.75
CA GLY D 228 -9.78 0.35 -33.16
C GLY D 228 -11.27 0.50 -33.39
N SER D 229 -11.87 1.45 -32.69
CA SER D 229 -13.29 1.73 -32.80
C SER D 229 -13.70 1.83 -34.27
N GLY D 230 -13.95 0.66 -34.87
CA GLY D 230 -14.35 0.56 -36.27
C GLY D 230 -14.52 1.79 -37.15
N ALA D 231 -13.54 2.68 -37.19
CA ALA D 231 -13.63 3.86 -38.05
C ALA D 231 -12.97 3.37 -39.34
N LEU D 232 -12.10 2.38 -39.15
CA LEU D 232 -11.36 1.74 -40.23
C LEU D 232 -12.20 0.72 -40.99
N ARG D 233 -13.32 0.30 -40.40
CA ARG D 233 -14.23 -0.64 -41.06
C ARG D 233 -15.09 0.15 -42.02
N GLN D 234 -14.85 1.46 -42.02
CA GLN D 234 -15.58 2.38 -42.85
C GLN D 234 -14.68 2.96 -43.93
N LEU D 235 -13.64 3.67 -43.50
CA LEU D 235 -12.70 4.28 -44.43
C LEU D 235 -11.98 3.28 -45.35
N SER D 236 -11.76 2.06 -44.86
CA SER D 236 -11.10 1.03 -45.66
C SER D 236 -12.15 0.54 -46.61
N ASP D 237 -11.77 0.30 -47.87
CA ASP D 237 -12.72 -0.17 -48.87
C ASP D 237 -12.86 -1.68 -48.87
N THR D 238 -11.76 -2.37 -48.63
CA THR D 238 -11.80 -3.82 -48.58
C THR D 238 -11.15 -4.31 -47.30
N ILE D 239 -11.50 -5.52 -46.89
CA ILE D 239 -10.97 -6.07 -45.65
C ILE D 239 -10.72 -7.55 -45.77
N ILE D 240 -9.45 -7.92 -45.84
CA ILE D 240 -9.09 -9.33 -45.93
C ILE D 240 -8.81 -9.85 -44.54
N ALA D 241 -9.24 -11.08 -44.27
CA ALA D 241 -9.03 -11.65 -42.96
C ALA D 241 -8.59 -13.09 -43.08
N LEU D 242 -7.56 -13.43 -42.31
CA LEU D 242 -7.02 -14.77 -42.33
C LEU D 242 -7.26 -15.42 -40.99
N GLU D 243 -7.67 -16.68 -41.03
CA GLU D 243 -7.94 -17.44 -39.82
C GLU D 243 -7.35 -18.82 -39.97
N ARG D 244 -6.76 -19.33 -38.89
CA ARG D 244 -6.17 -20.65 -38.87
C ARG D 244 -6.00 -21.13 -37.41
N ASN D 245 -6.29 -22.40 -37.19
CA ASN D 245 -6.11 -22.95 -35.84
C ASN D 245 -4.72 -23.58 -35.74
N GLN D 246 -3.77 -22.84 -35.16
CA GLN D 246 -2.41 -23.35 -35.01
C GLN D 246 -2.31 -24.61 -34.12
N GLN D 247 -3.38 -24.87 -33.35
CA GLN D 247 -3.43 -26.03 -32.47
C GLN D 247 -4.21 -27.19 -33.08
N GLY D 248 -4.45 -27.10 -34.40
CA GLY D 248 -5.21 -28.14 -35.09
C GLY D 248 -4.43 -29.10 -35.95
N ASP D 249 -5.13 -29.74 -36.87
CA ASP D 249 -4.52 -30.72 -37.75
C ASP D 249 -3.89 -30.09 -38.99
N MET D 250 -4.40 -28.92 -39.39
CA MET D 250 -3.86 -28.23 -40.57
C MET D 250 -3.52 -26.79 -40.19
N PRO D 251 -2.54 -26.62 -39.28
CA PRO D 251 -2.07 -25.33 -38.77
C PRO D 251 -1.51 -24.46 -39.88
N ASN D 252 -1.28 -25.07 -41.04
CA ASN D 252 -0.76 -24.36 -42.19
C ASN D 252 -1.90 -24.10 -43.16
N LEU D 253 -3.08 -24.63 -42.83
CA LEU D 253 -4.25 -24.40 -43.63
C LEU D 253 -4.86 -23.08 -43.18
N VAL D 254 -4.97 -22.15 -44.11
CA VAL D 254 -5.52 -20.85 -43.76
C VAL D 254 -6.66 -20.42 -44.69
N LEU D 255 -7.75 -20.04 -44.06
CA LEU D 255 -8.95 -19.59 -44.74
C LEU D 255 -8.92 -18.10 -44.92
N VAL D 256 -9.19 -17.63 -46.13
CA VAL D 256 -9.24 -16.20 -46.38
C VAL D 256 -10.71 -15.82 -46.35
N ARG D 257 -11.04 -14.77 -45.62
CA ARG D 257 -12.41 -14.34 -45.55
C ARG D 257 -12.47 -12.85 -45.83
N ILE D 258 -13.38 -12.47 -46.73
CA ILE D 258 -13.56 -11.07 -47.07
C ILE D 258 -14.65 -10.50 -46.18
N LEU D 259 -14.31 -9.47 -45.42
CA LEU D 259 -15.26 -8.85 -44.51
C LEU D 259 -15.83 -7.58 -45.12
N LYS D 260 -15.34 -7.23 -46.29
CA LYS D 260 -15.81 -6.04 -46.97
C LYS D 260 -15.11 -5.81 -48.30
N CYS D 261 -15.88 -5.28 -49.25
CA CYS D 261 -15.39 -4.94 -50.58
C CYS D 261 -16.36 -3.91 -51.15
N ARG D 262 -16.15 -2.65 -50.79
CA ARG D 262 -17.00 -1.56 -51.23
C ARG D 262 -17.28 -1.76 -52.72
N PHE D 263 -16.23 -1.97 -53.51
CA PHE D 263 -16.36 -2.14 -54.94
C PHE D 263 -17.33 -3.27 -55.35
N THR D 264 -16.96 -4.54 -55.19
CA THR D 264 -17.87 -5.62 -55.59
C THR D 264 -18.90 -6.01 -54.54
N GLY D 265 -18.82 -5.41 -53.35
CA GLY D 265 -19.77 -5.71 -52.29
C GLY D 265 -19.96 -7.19 -52.04
N ASP D 266 -19.28 -7.99 -52.85
CA ASP D 266 -19.31 -9.45 -52.79
C ASP D 266 -18.37 -9.92 -51.68
N THR D 267 -18.94 -10.49 -50.61
CA THR D 267 -18.14 -10.95 -49.44
C THR D 267 -18.14 -12.46 -49.20
N GLY D 268 -17.84 -12.84 -47.95
CA GLY D 268 -17.80 -14.24 -47.55
C GLY D 268 -16.41 -14.89 -47.48
N ILE D 269 -16.38 -16.21 -47.71
CA ILE D 269 -15.11 -16.95 -47.72
C ILE D 269 -14.50 -16.96 -49.13
N ALA D 270 -13.28 -16.46 -49.23
CA ALA D 270 -12.55 -16.39 -50.49
C ALA D 270 -12.06 -17.77 -50.90
N GLY D 271 -11.53 -18.51 -49.92
CA GLY D 271 -11.01 -19.83 -50.21
C GLY D 271 -9.98 -20.23 -49.17
N TYR D 272 -9.02 -21.07 -49.56
CA TYR D 272 -8.00 -21.51 -48.61
C TYR D 272 -6.56 -21.42 -49.13
N MET D 273 -5.62 -21.41 -48.18
CA MET D 273 -4.20 -21.36 -48.50
C MET D 273 -3.45 -22.34 -47.58
N GLU D 274 -2.18 -22.59 -47.90
CA GLU D 274 -1.32 -23.47 -47.11
C GLU D 274 0.12 -22.94 -47.03
N TYR D 275 0.56 -22.70 -45.80
CA TYR D 275 1.90 -22.20 -45.56
C TYR D 275 2.86 -23.31 -46.00
N ASN D 276 3.94 -22.92 -46.65
CA ASN D 276 4.92 -23.88 -47.11
C ASN D 276 6.16 -23.73 -46.24
N LYS D 277 6.15 -24.37 -45.07
CA LYS D 277 7.28 -24.30 -44.13
C LYS D 277 8.62 -24.35 -44.86
N GLU D 278 8.58 -24.81 -46.11
CA GLU D 278 9.77 -24.86 -46.93
C GLU D 278 10.01 -23.53 -47.65
N THR D 279 9.06 -23.10 -48.48
CA THR D 279 9.24 -21.83 -49.21
C THR D 279 8.83 -20.62 -48.35
N GLY D 280 7.96 -20.85 -47.36
CA GLY D 280 7.50 -19.75 -46.53
C GLY D 280 6.39 -19.04 -47.29
N TRP D 281 6.00 -19.61 -48.42
CA TRP D 281 4.93 -19.03 -49.24
C TRP D 281 3.52 -19.40 -48.83
N LEU D 282 2.55 -18.65 -49.34
CA LEU D 282 1.17 -18.94 -49.07
C LEU D 282 0.59 -19.52 -50.34
N GLU D 283 0.76 -20.84 -50.51
CA GLU D 283 0.25 -21.53 -51.69
C GLU D 283 -1.27 -21.78 -51.65
N PRO D 284 -1.96 -21.71 -52.82
CA PRO D 284 -3.41 -21.96 -52.85
C PRO D 284 -3.71 -23.43 -52.53
N SER D 285 -4.76 -23.66 -51.74
CA SER D 285 -5.10 -25.02 -51.36
C SER D 285 -6.41 -25.50 -51.98
N SER D 286 -6.64 -26.81 -51.84
CA SER D 286 -7.84 -27.51 -52.32
C SER D 286 -8.59 -28.02 -51.08
N TYR D 287 -9.46 -27.17 -50.53
CA TYR D 287 -10.18 -27.50 -49.32
C TYR D 287 -11.66 -27.06 -49.32
N SER D 288 -12.39 -27.51 -48.29
CA SER D 288 -13.81 -27.20 -48.09
C SER D 288 -14.32 -27.98 -46.87
N GLY D 289 -14.85 -27.25 -45.88
CA GLY D 289 -15.34 -27.88 -44.66
C GLY D 289 -16.84 -28.05 -44.59
N PRO E 2 11.57 16.31 -45.14
CA PRO E 2 11.75 15.29 -44.08
C PRO E 2 12.12 13.97 -44.74
N ASP E 3 13.39 13.57 -44.59
CA ASP E 3 13.85 12.34 -45.22
C ASP E 3 14.53 11.31 -44.31
N GLY E 4 13.82 10.21 -44.10
CA GLY E 4 14.30 9.10 -43.30
C GLY E 4 13.95 7.87 -44.12
N VAL E 5 13.66 8.12 -45.40
CA VAL E 5 13.28 7.10 -46.37
C VAL E 5 14.46 6.55 -47.15
N VAL E 6 14.60 5.22 -47.19
CA VAL E 6 15.71 4.59 -47.91
C VAL E 6 15.27 3.50 -48.90
N SER E 7 15.67 3.65 -50.16
CA SER E 7 15.31 2.69 -51.18
C SER E 7 16.10 1.39 -51.09
N ALA E 8 15.44 0.30 -51.46
CA ALA E 8 15.99 -1.05 -51.43
C ALA E 8 17.36 -1.23 -52.07
N LEU E 9 17.73 -0.36 -53.01
CA LEU E 9 19.03 -0.48 -53.66
C LEU E 9 20.23 0.00 -52.88
N SER E 10 20.07 1.07 -52.10
CA SER E 10 21.15 1.65 -51.31
C SER E 10 21.39 0.93 -50.00
N LEU E 11 20.86 -0.28 -49.89
CA LEU E 11 20.98 -1.07 -48.67
C LEU E 11 21.82 -2.34 -48.69
N ARG E 12 22.36 -2.70 -49.85
CA ARG E 12 23.15 -3.91 -50.00
C ARG E 12 24.08 -4.30 -48.86
N GLU E 13 24.95 -3.37 -48.43
CA GLU E 13 25.90 -3.67 -47.34
C GLU E 13 25.20 -3.71 -46.01
N ARG E 14 24.02 -3.09 -45.95
CA ARG E 14 23.24 -3.06 -44.73
C ARG E 14 22.53 -4.40 -44.51
N ILE E 15 22.37 -5.15 -45.58
CA ILE E 15 21.74 -6.47 -45.49
C ILE E 15 22.87 -7.41 -45.17
N ARG E 16 23.95 -7.29 -45.93
CA ARG E 16 25.14 -8.12 -45.74
C ARG E 16 25.59 -8.12 -44.28
N GLU E 17 25.92 -6.93 -43.78
CA GLU E 17 26.36 -6.73 -42.40
C GLU E 17 25.30 -7.34 -41.47
N HIS E 18 24.05 -7.28 -41.93
CA HIS E 18 22.91 -7.80 -41.19
C HIS E 18 22.98 -9.33 -41.19
N LEU E 19 22.75 -9.90 -42.36
CA LEU E 19 22.75 -11.35 -42.56
C LEU E 19 23.89 -12.10 -41.87
N SER E 20 25.03 -11.45 -41.71
CA SER E 20 26.19 -12.09 -41.06
C SER E 20 26.19 -11.79 -39.55
N SER E 21 26.53 -12.81 -38.77
CA SER E 21 26.59 -12.67 -37.32
C SER E 21 25.32 -12.01 -36.76
N GLU E 22 24.19 -12.62 -37.12
CA GLU E 22 22.85 -12.23 -36.70
C GLU E 22 22.30 -13.58 -36.28
N GLU E 23 22.16 -13.81 -34.97
CA GLU E 23 21.71 -15.13 -34.49
C GLU E 23 20.21 -15.44 -34.34
N SER E 24 19.82 -16.48 -35.09
CA SER E 24 18.46 -16.98 -35.14
C SER E 24 18.32 -18.27 -34.29
N VAL E 25 19.44 -18.93 -34.03
CA VAL E 25 19.47 -20.14 -33.21
C VAL E 25 20.42 -19.86 -32.05
N GLY E 26 19.99 -20.14 -30.83
CA GLY E 26 20.85 -19.88 -29.68
C GLY E 26 20.25 -20.37 -28.38
N LEU E 27 21.07 -21.02 -27.55
CA LEU E 27 20.58 -21.53 -26.29
C LEU E 27 19.45 -22.50 -26.59
N LEU E 28 19.83 -23.77 -26.79
CA LEU E 28 18.87 -24.83 -27.09
C LEU E 28 18.28 -25.36 -25.75
N PHE E 29 16.97 -25.24 -25.57
CA PHE E 29 16.37 -25.72 -24.36
C PHE E 29 16.69 -27.18 -24.11
N SER E 30 16.64 -27.57 -22.83
CA SER E 30 16.94 -28.93 -22.40
C SER E 30 15.73 -29.60 -21.79
N GLY E 31 15.46 -30.82 -22.21
CA GLY E 31 14.33 -31.56 -21.68
C GLY E 31 13.53 -32.19 -22.79
N CYS E 32 13.71 -31.71 -24.00
CA CYS E 32 12.97 -32.25 -25.12
C CYS E 32 13.34 -31.55 -26.41
N THR E 33 14.04 -32.26 -27.30
CA THR E 33 14.37 -31.64 -28.57
C THR E 33 12.98 -31.40 -29.12
N GLY E 34 12.76 -30.30 -29.81
CA GLY E 34 11.42 -30.06 -30.32
C GLY E 34 10.94 -28.73 -29.78
N ILE E 35 11.30 -28.44 -28.51
CA ILE E 35 10.97 -27.15 -27.95
C ILE E 35 11.89 -26.34 -28.86
N ASN E 36 12.93 -27.03 -29.31
CA ASN E 36 13.94 -26.49 -30.21
C ASN E 36 13.55 -26.58 -31.67
N ASP E 37 13.10 -27.76 -32.11
CA ASP E 37 12.69 -27.95 -33.49
C ASP E 37 11.59 -26.95 -33.86
N LYS E 38 10.84 -26.47 -32.86
CA LYS E 38 9.76 -25.50 -33.11
C LYS E 38 10.14 -24.05 -32.84
N THR E 39 11.03 -23.81 -31.88
CA THR E 39 11.39 -22.45 -31.52
C THR E 39 12.83 -22.05 -31.76
N LEU E 40 13.67 -23.00 -32.15
CA LEU E 40 15.08 -22.70 -32.40
C LEU E 40 15.76 -22.05 -31.19
N GLY E 41 15.44 -22.55 -30.01
CA GLY E 41 16.03 -22.02 -28.80
C GLY E 41 15.59 -20.63 -28.39
N ALA E 42 16.22 -20.11 -27.36
CA ALA E 42 15.91 -18.79 -26.85
C ALA E 42 16.85 -17.72 -27.40
N ARG E 43 16.30 -16.78 -28.18
CA ARG E 43 17.12 -15.70 -28.72
C ARG E 43 17.33 -14.66 -27.63
N GLY E 44 18.40 -13.88 -27.77
CA GLY E 44 18.67 -12.83 -26.80
C GLY E 44 17.75 -11.70 -27.16
N GLY E 45 17.30 -10.97 -26.15
CA GLY E 45 16.40 -9.85 -26.41
C GLY E 45 14.99 -10.37 -26.61
N GLU E 46 14.82 -11.68 -26.45
CA GLU E 46 13.53 -12.35 -26.58
C GLU E 46 12.96 -12.65 -25.20
N VAL E 47 11.63 -12.65 -25.09
CA VAL E 47 10.99 -12.94 -23.81
C VAL E 47 10.33 -14.32 -23.82
N ILE E 48 10.85 -15.19 -22.97
CA ILE E 48 10.38 -16.55 -22.85
C ILE E 48 9.35 -16.60 -21.74
N MET E 49 8.16 -17.11 -22.10
CA MET E 49 7.02 -17.24 -21.19
C MET E 49 6.75 -18.72 -20.85
N VAL E 50 7.06 -19.11 -19.62
CA VAL E 50 6.82 -20.48 -19.19
C VAL E 50 5.65 -20.52 -18.22
N THR E 51 4.62 -21.28 -18.58
CA THR E 51 3.41 -21.38 -17.77
C THR E 51 2.88 -22.81 -17.62
N SER E 52 2.02 -23.01 -16.62
CA SER E 52 1.41 -24.31 -16.34
C SER E 52 0.54 -24.24 -15.09
N GLY E 53 -0.18 -25.33 -14.83
CA GLY E 53 -1.05 -25.38 -13.68
C GLY E 53 -0.22 -25.30 -12.41
N SER E 54 -0.86 -25.16 -11.26
CA SER E 54 -0.14 -25.06 -10.00
C SER E 54 0.76 -26.28 -9.80
N GLY E 55 1.93 -26.05 -9.23
CA GLY E 55 2.90 -27.11 -8.99
C GLY E 55 3.12 -28.15 -10.09
N MET E 56 2.82 -27.81 -11.34
CA MET E 56 2.96 -28.78 -12.42
C MET E 56 4.32 -28.92 -13.10
N GLY E 57 5.25 -28.00 -12.87
CA GLY E 57 6.54 -28.14 -13.53
C GLY E 57 7.22 -26.85 -13.91
N LYS E 58 6.45 -25.77 -14.08
CA LYS E 58 7.03 -24.47 -14.43
C LYS E 58 8.39 -24.36 -13.77
N SER E 59 8.36 -24.15 -12.46
CA SER E 59 9.56 -24.00 -11.66
C SER E 59 10.68 -24.97 -11.99
N THR E 60 10.35 -26.24 -12.11
CA THR E 60 11.38 -27.23 -12.38
C THR E 60 11.93 -27.14 -13.79
N PHE E 61 11.07 -27.13 -14.81
CA PHE E 61 11.51 -27.03 -16.21
C PHE E 61 12.48 -25.85 -16.29
N VAL E 62 11.99 -24.69 -15.89
CA VAL E 62 12.76 -23.45 -15.90
C VAL E 62 14.11 -23.56 -15.21
N ARG E 63 14.10 -24.09 -13.98
CA ARG E 63 15.30 -24.28 -13.17
C ARG E 63 16.34 -25.19 -13.84
N GLN E 64 15.86 -26.18 -14.59
CA GLN E 64 16.71 -27.13 -15.27
C GLN E 64 17.39 -26.41 -16.41
N GLN E 65 16.67 -25.50 -17.06
CA GLN E 65 17.24 -24.71 -18.17
C GLN E 65 18.44 -23.92 -17.62
N ALA E 66 18.23 -23.31 -16.46
CA ALA E 66 19.26 -22.52 -15.81
C ALA E 66 20.49 -23.38 -15.56
N LEU E 67 20.28 -24.56 -15.00
CA LEU E 67 21.37 -25.47 -14.68
C LEU E 67 22.22 -25.88 -15.86
N GLN E 68 21.59 -26.12 -17.00
CA GLN E 68 22.34 -26.54 -18.18
C GLN E 68 23.07 -25.34 -18.76
N TRP E 69 22.32 -24.27 -19.02
CA TRP E 69 22.90 -23.06 -19.57
C TRP E 69 24.09 -22.53 -18.77
N GLY E 70 24.00 -22.57 -17.44
CA GLY E 70 25.08 -22.07 -16.59
C GLY E 70 26.19 -23.07 -16.34
N THR E 71 25.98 -24.29 -16.80
CA THR E 71 26.96 -25.37 -16.65
C THR E 71 27.51 -25.74 -18.01
N ALA E 72 26.95 -26.78 -18.60
CA ALA E 72 27.36 -27.31 -19.90
C ALA E 72 27.63 -26.27 -21.00
N MET E 73 26.76 -25.27 -21.12
CA MET E 73 26.90 -24.23 -22.15
C MET E 73 27.41 -22.94 -21.54
N GLY E 74 28.03 -23.08 -20.36
CA GLY E 74 28.61 -21.96 -19.64
C GLY E 74 28.14 -20.57 -20.04
N LYS E 75 27.19 -20.05 -19.28
CA LYS E 75 26.62 -18.72 -19.51
C LYS E 75 26.29 -18.19 -18.13
N LYS E 76 26.29 -16.88 -17.96
CA LYS E 76 25.97 -16.32 -16.67
C LYS E 76 24.46 -16.31 -16.58
N VAL E 77 23.95 -16.86 -15.49
CA VAL E 77 22.49 -16.94 -15.25
C VAL E 77 22.01 -16.18 -14.02
N GLY E 78 21.13 -15.21 -14.26
CA GLY E 78 20.59 -14.43 -13.17
C GLY E 78 19.30 -15.04 -12.69
N LEU E 79 19.26 -15.37 -11.40
CA LEU E 79 18.06 -15.98 -10.83
C LEU E 79 17.38 -15.09 -9.82
N ALA E 80 16.10 -14.81 -10.04
CA ALA E 80 15.31 -13.99 -9.13
C ALA E 80 14.07 -14.79 -8.72
N MET E 81 14.30 -15.77 -7.85
CA MET E 81 13.24 -16.66 -7.34
C MET E 81 12.53 -16.01 -6.17
N LEU E 82 11.53 -15.20 -6.50
CA LEU E 82 10.77 -14.45 -5.51
C LEU E 82 9.96 -15.20 -4.46
N GLU E 83 9.91 -16.53 -4.52
CA GLU E 83 9.13 -17.25 -3.52
C GLU E 83 9.91 -18.18 -2.62
N GLU E 84 11.22 -18.17 -2.79
CA GLU E 84 12.11 -19.02 -2.00
C GLU E 84 13.44 -18.29 -1.78
N SER E 85 14.13 -18.64 -0.70
CA SER E 85 15.42 -18.03 -0.34
C SER E 85 16.51 -18.46 -1.31
N VAL E 86 17.58 -17.68 -1.38
CA VAL E 86 18.65 -18.08 -2.27
C VAL E 86 19.21 -19.45 -1.86
N GLU E 87 19.24 -19.75 -0.55
CA GLU E 87 19.78 -21.05 -0.10
C GLU E 87 18.94 -22.22 -0.57
N GLU E 88 17.64 -21.99 -0.72
CA GLU E 88 16.75 -23.05 -1.20
C GLU E 88 17.01 -23.31 -2.67
N THR E 89 16.84 -22.26 -3.46
CA THR E 89 17.04 -22.33 -4.90
C THR E 89 18.43 -22.94 -5.18
N ALA E 90 19.42 -22.53 -4.40
CA ALA E 90 20.78 -23.05 -4.59
C ALA E 90 20.81 -24.50 -4.11
N GLU E 91 19.96 -24.80 -3.13
CA GLU E 91 19.90 -26.15 -2.63
C GLU E 91 19.45 -27.05 -3.78
N ASP E 92 18.34 -26.66 -4.42
CA ASP E 92 17.81 -27.43 -5.56
C ASP E 92 18.89 -27.53 -6.63
N LEU E 93 19.40 -26.37 -7.03
CA LEU E 93 20.45 -26.30 -8.05
C LEU E 93 21.56 -27.31 -7.74
N ILE E 94 21.94 -27.43 -6.47
CA ILE E 94 22.97 -28.39 -6.13
C ILE E 94 22.40 -29.79 -6.36
N GLY E 95 21.30 -30.10 -5.69
CA GLY E 95 20.69 -31.40 -5.85
C GLY E 95 20.58 -31.74 -7.34
N LEU E 96 19.90 -30.87 -8.07
CA LEU E 96 19.70 -31.03 -9.49
C LEU E 96 20.97 -31.40 -10.23
N HIS E 97 22.01 -30.59 -10.11
CA HIS E 97 23.27 -30.85 -10.80
C HIS E 97 23.78 -32.26 -10.53
N ASN E 98 23.68 -32.69 -9.28
CA ASN E 98 24.15 -34.02 -8.90
C ASN E 98 23.10 -35.14 -9.03
N ARG E 99 22.10 -34.92 -9.87
CA ARG E 99 21.04 -35.89 -10.14
C ARG E 99 20.45 -36.54 -8.90
N VAL E 100 20.24 -35.77 -7.83
CA VAL E 100 19.64 -36.30 -6.63
C VAL E 100 18.68 -35.27 -6.08
N ARG E 101 17.63 -35.71 -5.40
CA ARG E 101 16.69 -34.78 -4.80
C ARG E 101 17.17 -34.59 -3.37
N LEU E 102 18.05 -33.60 -3.21
CA LEU E 102 18.65 -33.28 -1.93
C LEU E 102 17.68 -32.79 -0.85
N ARG E 103 16.69 -32.02 -1.27
CA ARG E 103 15.67 -31.48 -0.36
C ARG E 103 14.91 -32.64 0.31
N GLN E 104 14.34 -33.49 -0.53
CA GLN E 104 13.56 -34.65 -0.10
C GLN E 104 14.35 -35.72 0.67
N SER E 105 15.60 -35.47 0.99
CA SER E 105 16.35 -36.48 1.73
C SER E 105 17.16 -35.94 2.90
N ASP E 106 16.71 -36.23 4.12
CA ASP E 106 17.42 -35.76 5.31
C ASP E 106 18.75 -36.48 5.49
N SER E 107 18.78 -37.74 5.09
CA SER E 107 19.98 -38.58 5.18
C SER E 107 21.07 -38.09 4.24
N LEU E 108 20.69 -37.83 3.00
CA LEU E 108 21.65 -37.33 2.02
C LEU E 108 22.18 -35.98 2.45
N LYS E 109 21.31 -35.13 3.02
CA LYS E 109 21.71 -33.82 3.50
C LYS E 109 22.81 -33.96 4.53
N ARG E 110 22.47 -34.65 5.62
CA ARG E 110 23.42 -34.88 6.70
C ARG E 110 24.72 -35.36 6.08
N GLU E 111 24.62 -36.43 5.30
CA GLU E 111 25.77 -37.00 4.62
C GLU E 111 26.72 -35.94 4.06
N ILE E 112 26.50 -35.59 2.79
CA ILE E 112 27.30 -34.63 2.06
C ILE E 112 27.86 -33.49 2.91
N ILE E 113 27.26 -33.27 4.07
CA ILE E 113 27.70 -32.23 4.98
C ILE E 113 28.93 -32.66 5.79
N GLU E 114 28.86 -33.86 6.34
CA GLU E 114 29.93 -34.39 7.17
C GLU E 114 31.04 -35.09 6.39
N ASN E 115 30.71 -35.70 5.26
CA ASN E 115 31.72 -36.37 4.46
C ASN E 115 32.41 -35.39 3.50
N GLY E 116 32.22 -34.10 3.76
CA GLY E 116 32.85 -33.06 2.95
C GLY E 116 32.41 -32.91 1.50
N LYS E 117 31.63 -33.86 0.97
CA LYS E 117 31.17 -33.79 -0.41
C LYS E 117 30.44 -32.50 -0.79
N PHE E 118 29.65 -31.96 0.14
CA PHE E 118 28.92 -30.72 -0.11
C PHE E 118 29.82 -29.70 -0.78
N ASP E 119 30.95 -29.42 -0.13
CA ASP E 119 31.94 -28.47 -0.63
C ASP E 119 32.40 -28.79 -2.04
N GLN E 120 32.45 -30.08 -2.35
CA GLN E 120 32.86 -30.52 -3.67
C GLN E 120 31.81 -30.15 -4.71
N TRP E 121 30.61 -30.69 -4.51
CA TRP E 121 29.47 -30.44 -5.39
C TRP E 121 29.34 -28.95 -5.59
N PHE E 122 29.58 -28.21 -4.52
CA PHE E 122 29.49 -26.75 -4.50
C PHE E 122 30.46 -26.05 -5.44
N ASP E 123 31.74 -26.42 -5.35
CA ASP E 123 32.76 -25.85 -6.23
C ASP E 123 32.46 -26.27 -7.65
N GLU E 124 32.42 -27.59 -7.83
CA GLU E 124 32.16 -28.22 -9.11
C GLU E 124 31.02 -27.57 -9.90
N LEU E 125 30.11 -26.92 -9.19
CA LEU E 125 28.97 -26.25 -9.81
C LEU E 125 29.11 -24.74 -9.84
N PHE E 126 29.08 -24.14 -8.66
CA PHE E 126 29.17 -22.71 -8.53
C PHE E 126 30.53 -22.12 -8.89
N GLY E 127 31.53 -23.00 -9.01
CA GLY E 127 32.88 -22.59 -9.34
C GLY E 127 33.13 -21.49 -10.38
N ASN E 128 32.74 -21.72 -11.63
CA ASN E 128 32.96 -20.72 -12.69
C ASN E 128 32.22 -19.40 -12.54
N ASP E 129 31.78 -19.09 -11.32
CA ASP E 129 31.02 -17.87 -11.05
C ASP E 129 30.08 -17.55 -12.22
N THR E 130 28.96 -18.28 -12.29
CA THR E 130 27.96 -18.10 -13.33
C THR E 130 26.59 -17.89 -12.72
N PHE E 131 26.41 -18.43 -11.52
CA PHE E 131 25.12 -18.32 -10.86
C PHE E 131 25.01 -17.13 -9.91
N HIS E 132 24.01 -16.29 -10.16
CA HIS E 132 23.74 -15.09 -9.36
C HIS E 132 22.25 -14.99 -9.06
N LEU E 133 21.94 -14.60 -7.82
CA LEU E 133 20.56 -14.54 -7.39
C LEU E 133 20.11 -13.30 -6.60
N TYR E 134 18.94 -12.75 -6.96
CA TYR E 134 18.37 -11.61 -6.23
C TYR E 134 17.99 -12.21 -4.89
N ASP E 135 18.06 -11.43 -3.81
CA ASP E 135 17.78 -11.97 -2.48
C ASP E 135 16.85 -11.12 -1.62
N SER E 136 15.90 -11.78 -0.95
CA SER E 136 14.98 -11.09 -0.04
C SER E 136 13.81 -11.92 0.49
N PHE E 137 12.75 -11.96 -0.30
CA PHE E 137 11.47 -12.64 0.01
C PHE E 137 10.52 -11.54 0.49
N ALA E 138 11.10 -10.43 0.96
CA ALA E 138 10.34 -9.30 1.44
C ALA E 138 9.90 -8.44 0.25
N GLU E 139 8.73 -8.79 -0.31
CA GLU E 139 8.10 -8.11 -1.45
C GLU E 139 8.90 -7.07 -2.24
N ALA E 140 9.17 -7.37 -3.51
CA ALA E 140 9.92 -6.47 -4.38
C ALA E 140 9.03 -5.64 -5.30
N GLU E 141 9.40 -4.38 -5.50
CA GLU E 141 8.65 -3.47 -6.37
C GLU E 141 9.12 -3.64 -7.82
N THR E 142 8.34 -3.11 -8.76
CA THR E 142 8.66 -3.20 -10.18
C THR E 142 9.99 -2.55 -10.62
N ASP E 143 10.11 -1.23 -10.49
CA ASP E 143 11.35 -0.54 -10.87
C ASP E 143 12.50 -0.99 -9.99
N ARG E 144 12.16 -1.41 -8.76
CA ARG E 144 13.10 -1.92 -7.75
C ARG E 144 13.78 -3.19 -8.25
N LEU E 145 12.93 -4.14 -8.67
CA LEU E 145 13.35 -5.42 -9.21
C LEU E 145 14.06 -5.17 -10.54
N LEU E 146 13.35 -4.51 -11.46
CA LEU E 146 13.90 -4.20 -12.78
C LEU E 146 15.29 -3.61 -12.62
N ALA E 147 15.41 -2.78 -11.59
CA ALA E 147 16.66 -2.12 -11.25
C ALA E 147 17.75 -3.18 -11.03
N LYS E 148 17.44 -4.10 -10.12
CA LYS E 148 18.36 -5.20 -9.79
C LYS E 148 18.60 -6.10 -10.99
N LEU E 149 17.52 -6.42 -11.71
CA LEU E 149 17.61 -7.27 -12.90
C LEU E 149 18.49 -6.59 -13.92
N ALA E 150 18.32 -5.28 -14.04
CA ALA E 150 19.11 -4.49 -14.98
C ALA E 150 20.57 -4.61 -14.56
N TYR E 151 20.78 -4.70 -13.25
CA TYR E 151 22.11 -4.83 -12.68
C TYR E 151 22.79 -6.09 -13.16
N MET E 152 22.11 -7.22 -12.98
CA MET E 152 22.65 -8.50 -13.42
C MET E 152 23.02 -8.44 -14.88
N ARG E 153 22.04 -8.05 -15.69
CA ARG E 153 22.27 -7.96 -17.12
C ARG E 153 23.43 -7.06 -17.47
N SER E 154 23.32 -5.79 -17.08
CA SER E 154 24.33 -4.77 -17.37
C SER E 154 25.55 -4.78 -16.44
N GLY E 155 25.31 -4.91 -15.14
CA GLY E 155 26.38 -4.94 -14.17
C GLY E 155 27.19 -6.23 -14.25
N LEU E 156 26.61 -7.35 -13.81
CA LEU E 156 27.29 -8.65 -13.80
C LEU E 156 27.50 -9.33 -15.17
N GLY E 157 26.86 -8.80 -16.21
CA GLY E 157 27.03 -9.37 -17.54
C GLY E 157 26.32 -10.67 -17.83
N CYS E 158 25.20 -10.90 -17.14
CA CYS E 158 24.41 -12.11 -17.32
C CYS E 158 23.85 -12.18 -18.74
N ASP E 159 23.64 -13.39 -19.24
CA ASP E 159 23.08 -13.60 -20.58
C ASP E 159 21.59 -13.99 -20.46
N VAL E 160 21.27 -14.69 -19.37
CA VAL E 160 19.92 -15.16 -19.10
C VAL E 160 19.48 -14.74 -17.71
N ILE E 161 18.27 -14.22 -17.62
CA ILE E 161 17.68 -13.78 -16.35
C ILE E 161 16.39 -14.53 -16.12
N ILE E 162 16.37 -15.36 -15.08
CA ILE E 162 15.18 -16.14 -14.76
C ILE E 162 14.40 -15.41 -13.68
N LEU E 163 13.15 -15.08 -13.98
CA LEU E 163 12.28 -14.40 -13.02
C LEU E 163 11.04 -15.24 -12.79
N ASP E 164 11.06 -15.96 -11.67
CA ASP E 164 9.97 -16.84 -11.32
C ASP E 164 8.81 -16.16 -10.64
N HIS E 165 7.64 -16.32 -11.26
CA HIS E 165 6.38 -15.81 -10.75
C HIS E 165 6.13 -14.31 -10.95
N ILE E 166 5.48 -13.95 -12.05
CA ILE E 166 5.21 -12.54 -12.31
C ILE E 166 3.88 -12.05 -11.75
N SER E 167 3.34 -12.76 -10.76
CA SER E 167 2.06 -12.32 -10.18
C SER E 167 2.36 -11.59 -8.87
N ILE E 168 3.57 -11.81 -8.37
CA ILE E 168 4.02 -11.14 -7.17
C ILE E 168 4.54 -9.79 -7.67
N VAL E 169 3.64 -8.82 -7.65
CA VAL E 169 3.90 -7.47 -8.13
C VAL E 169 4.54 -6.49 -7.12
N VAL E 170 3.76 -6.08 -6.11
CA VAL E 170 4.24 -5.16 -5.08
C VAL E 170 4.66 -3.78 -5.61
N SER E 171 3.72 -3.06 -6.21
CA SER E 171 4.02 -1.72 -6.75
C SER E 171 2.88 -0.72 -6.50
N ALA E 172 3.22 0.57 -6.60
CA ALA E 172 2.29 1.69 -6.40
C ALA E 172 0.82 1.31 -6.23
N SER E 173 0.46 0.86 -5.03
CA SER E 173 -0.92 0.45 -4.69
C SER E 173 -1.85 1.65 -4.50
N GLY E 174 -2.97 1.63 -5.21
CA GLY E 174 -3.93 2.71 -5.15
C GLY E 174 -4.53 2.91 -6.53
N GLU E 175 -4.52 1.83 -7.30
CA GLU E 175 -5.05 1.80 -8.65
C GLU E 175 -5.69 0.42 -8.90
N SER E 176 -7.02 0.40 -8.90
CA SER E 176 -7.84 -0.81 -9.08
C SER E 176 -7.22 -1.94 -9.90
N ASP E 177 -7.80 -3.13 -9.75
CA ASP E 177 -7.37 -4.33 -10.45
C ASP E 177 -5.90 -4.35 -10.87
N GLU E 178 -5.16 -5.29 -10.31
CA GLU E 178 -3.73 -5.42 -10.63
C GLU E 178 -3.53 -5.87 -12.08
N ARG E 179 -4.62 -6.00 -12.82
CA ARG E 179 -4.58 -6.41 -14.23
C ARG E 179 -3.71 -5.44 -15.02
N LYS E 180 -3.63 -4.20 -14.56
CA LYS E 180 -2.84 -3.17 -15.23
C LYS E 180 -1.38 -3.23 -14.76
N MET E 181 -1.17 -3.81 -13.59
CA MET E 181 0.18 -3.94 -13.04
C MET E 181 0.93 -4.99 -13.85
N ILE E 182 0.27 -6.12 -14.05
CA ILE E 182 0.84 -7.22 -14.81
C ILE E 182 1.22 -6.74 -16.21
N ASP E 183 0.29 -6.06 -16.88
CA ASP E 183 0.51 -5.56 -18.25
C ASP E 183 1.59 -4.50 -18.36
N ASN E 184 1.68 -3.61 -17.38
CA ASN E 184 2.69 -2.56 -17.42
C ASN E 184 4.06 -3.13 -17.04
N LEU E 185 4.05 -4.23 -16.29
CA LEU E 185 5.28 -4.88 -15.88
C LEU E 185 5.95 -5.50 -17.11
N MET E 186 5.14 -6.29 -17.82
CA MET E 186 5.55 -6.94 -19.04
C MET E 186 6.20 -5.89 -19.91
N THR E 187 5.39 -4.93 -20.37
CA THR E 187 5.87 -3.84 -21.23
C THR E 187 7.25 -3.33 -20.81
N LYS E 188 7.53 -3.38 -19.50
CA LYS E 188 8.82 -2.94 -19.01
C LYS E 188 9.88 -4.04 -19.14
N LEU E 189 9.49 -5.27 -18.86
CA LEU E 189 10.41 -6.39 -18.99
C LEU E 189 10.76 -6.57 -20.48
N LYS E 190 9.72 -6.69 -21.31
CA LYS E 190 9.92 -6.86 -22.75
C LYS E 190 10.84 -5.76 -23.27
N GLY E 191 10.61 -4.54 -22.78
CA GLY E 191 11.42 -3.41 -23.17
C GLY E 191 12.84 -3.60 -22.69
N PHE E 192 12.97 -3.90 -21.41
CA PHE E 192 14.26 -4.14 -20.80
C PHE E 192 14.98 -5.20 -21.64
N ALA E 193 14.27 -6.29 -21.91
CA ALA E 193 14.80 -7.40 -22.69
C ALA E 193 15.32 -6.94 -24.05
N LYS E 194 14.41 -6.39 -24.87
CA LYS E 194 14.76 -5.97 -26.22
C LYS E 194 15.92 -4.97 -26.37
N SER E 195 16.09 -4.10 -25.37
CA SER E 195 17.14 -3.10 -25.41
C SER E 195 18.50 -3.62 -24.92
N THR E 196 18.51 -4.53 -23.94
CA THR E 196 19.75 -5.09 -23.40
C THR E 196 20.24 -6.29 -24.21
N GLY E 197 19.31 -6.95 -24.90
CA GLY E 197 19.67 -8.11 -25.69
C GLY E 197 19.93 -9.34 -24.83
N VAL E 198 19.39 -9.32 -23.61
CA VAL E 198 19.53 -10.43 -22.68
C VAL E 198 18.41 -11.42 -22.92
N VAL E 199 18.58 -12.65 -22.44
CA VAL E 199 17.54 -13.65 -22.57
C VAL E 199 16.71 -13.61 -21.29
N LEU E 200 15.40 -13.36 -21.43
CA LEU E 200 14.52 -13.28 -20.28
C LEU E 200 13.44 -14.38 -20.24
N VAL E 201 13.56 -15.26 -19.25
CA VAL E 201 12.60 -16.34 -19.06
C VAL E 201 11.75 -15.94 -17.85
N VAL E 202 10.46 -15.75 -18.11
CA VAL E 202 9.51 -15.36 -17.07
C VAL E 202 8.40 -16.37 -16.89
N ILE E 203 8.05 -16.64 -15.64
CA ILE E 203 6.98 -17.59 -15.32
C ILE E 203 5.70 -16.86 -14.93
N CYS E 204 4.57 -17.41 -15.36
CA CYS E 204 3.28 -16.83 -15.02
C CYS E 204 2.40 -18.03 -14.66
N HIS E 205 1.29 -17.77 -13.97
CA HIS E 205 0.35 -18.83 -13.60
C HIS E 205 -0.94 -18.69 -14.42
N LEU E 206 -1.85 -19.65 -14.30
CA LEU E 206 -3.06 -19.58 -15.10
C LEU E 206 -4.36 -19.24 -14.35
N LYS E 207 -5.25 -18.48 -15.00
CA LYS E 207 -6.52 -18.11 -14.37
C LYS E 207 -7.29 -19.40 -14.09
N ASN E 208 -7.95 -19.46 -12.94
CA ASN E 208 -8.72 -20.64 -12.54
C ASN E 208 -9.93 -20.78 -13.48
N PRO E 209 -9.91 -21.77 -14.39
CA PRO E 209 -11.02 -21.95 -15.33
C PRO E 209 -12.37 -22.23 -14.68
N ASP E 210 -12.36 -23.06 -13.64
CA ASP E 210 -13.57 -23.44 -12.91
C ASP E 210 -14.79 -23.31 -13.81
N LYS E 211 -14.77 -24.14 -14.84
CA LYS E 211 -15.82 -24.21 -15.84
C LYS E 211 -15.44 -25.44 -16.66
N GLY E 212 -15.39 -26.59 -16.00
CA GLY E 212 -15.02 -27.82 -16.66
C GLY E 212 -13.92 -28.51 -15.87
N LYS E 213 -13.24 -29.49 -16.46
CA LYS E 213 -12.16 -30.20 -15.78
C LYS E 213 -10.86 -29.41 -15.96
N ALA E 214 -9.98 -29.40 -14.96
CA ALA E 214 -8.79 -28.55 -15.09
C ALA E 214 -7.34 -28.99 -14.92
N HIS E 215 -6.50 -28.09 -15.45
CA HIS E 215 -5.05 -28.12 -15.52
C HIS E 215 -4.22 -29.14 -14.77
N GLU E 216 -4.55 -29.44 -13.53
CA GLU E 216 -3.77 -30.44 -12.81
C GLU E 216 -4.36 -31.82 -13.06
N GLU E 217 -5.38 -31.85 -13.90
CA GLU E 217 -6.05 -33.09 -14.22
C GLU E 217 -5.98 -33.32 -15.71
N GLY E 218 -4.97 -32.73 -16.33
CA GLY E 218 -4.86 -32.81 -17.78
C GLY E 218 -5.60 -31.55 -18.16
N ARG E 219 -5.93 -31.38 -19.43
CA ARG E 219 -6.62 -30.18 -19.90
C ARG E 219 -5.62 -29.21 -20.44
N PRO E 220 -5.62 -29.06 -21.75
CA PRO E 220 -4.71 -28.15 -22.42
C PRO E 220 -4.91 -26.71 -21.96
N VAL E 221 -3.81 -26.00 -21.80
CA VAL E 221 -3.88 -24.60 -21.43
C VAL E 221 -4.12 -23.92 -22.78
N SER E 222 -4.72 -22.74 -22.80
CA SER E 222 -4.90 -22.05 -24.09
C SER E 222 -4.45 -20.62 -23.83
N ILE E 223 -4.14 -19.88 -24.89
CA ILE E 223 -3.66 -18.52 -24.67
C ILE E 223 -4.62 -17.64 -23.90
N THR E 224 -5.88 -18.05 -23.83
CA THR E 224 -6.86 -17.28 -23.07
C THR E 224 -6.69 -17.59 -21.56
N ASP E 225 -6.30 -18.82 -21.24
CA ASP E 225 -6.10 -19.26 -19.86
C ASP E 225 -5.03 -18.45 -19.14
N LEU E 226 -4.19 -17.73 -19.88
CA LEU E 226 -3.13 -16.97 -19.23
C LEU E 226 -3.57 -15.87 -18.27
N ARG E 227 -3.21 -16.06 -17.01
CA ARG E 227 -3.52 -15.06 -15.98
C ARG E 227 -2.96 -13.76 -16.53
N GLY E 228 -3.48 -12.64 -16.05
CA GLY E 228 -3.01 -11.35 -16.53
C GLY E 228 -3.64 -11.03 -17.87
N SER E 229 -4.45 -9.96 -17.91
CA SER E 229 -5.13 -9.55 -19.12
C SER E 229 -4.20 -9.54 -20.32
N GLY E 230 -4.41 -10.52 -21.20
CA GLY E 230 -3.62 -10.70 -22.41
C GLY E 230 -2.62 -9.66 -22.87
N ALA E 231 -1.79 -9.17 -21.97
CA ALA E 231 -0.78 -8.19 -22.35
C ALA E 231 0.44 -9.03 -22.71
N LEU E 232 0.77 -9.94 -21.80
CA LEU E 232 1.89 -10.83 -22.01
C LEU E 232 1.65 -11.66 -23.25
N ARG E 233 0.40 -12.06 -23.49
CA ARG E 233 0.09 -12.85 -24.68
C ARG E 233 0.60 -12.13 -25.94
N GLN E 234 1.08 -10.90 -25.76
CA GLN E 234 1.58 -10.10 -26.87
C GLN E 234 3.03 -9.69 -26.66
N LEU E 235 3.35 -9.16 -25.49
CA LEU E 235 4.72 -8.72 -25.21
C LEU E 235 5.81 -9.80 -25.14
N SER E 236 5.48 -11.02 -24.73
CA SER E 236 6.50 -12.06 -24.68
C SER E 236 6.61 -12.66 -26.07
N ASP E 237 7.78 -13.21 -26.42
CA ASP E 237 7.99 -13.81 -27.76
C ASP E 237 7.72 -15.31 -27.88
N THR E 238 7.91 -16.03 -26.78
CA THR E 238 7.65 -17.45 -26.74
C THR E 238 6.87 -17.79 -25.48
N ILE E 239 5.90 -18.67 -25.61
CA ILE E 239 5.06 -19.09 -24.51
C ILE E 239 5.20 -20.62 -24.45
N ILE E 240 5.87 -21.11 -23.42
CA ILE E 240 6.06 -22.55 -23.25
C ILE E 240 5.15 -23.02 -22.14
N ALA E 241 4.23 -23.93 -22.45
CA ALA E 241 3.31 -24.40 -21.42
C ALA E 241 3.48 -25.89 -21.15
N LEU E 242 3.37 -26.27 -19.89
CA LEU E 242 3.46 -27.67 -19.53
C LEU E 242 2.13 -28.22 -19.00
N GLU E 243 1.66 -29.29 -19.60
CA GLU E 243 0.39 -29.92 -19.19
C GLU E 243 0.55 -31.36 -18.72
N ARG E 244 -0.10 -31.71 -17.63
CA ARG E 244 -0.05 -33.06 -17.12
C ARG E 244 -1.25 -33.29 -16.19
N ASN E 245 -1.69 -34.53 -16.11
CA ASN E 245 -2.81 -34.89 -15.26
C ASN E 245 -2.27 -35.66 -14.08
N GLN E 246 -1.95 -34.92 -13.01
CA GLN E 246 -1.39 -35.51 -11.79
C GLN E 246 -2.27 -36.62 -11.17
N GLN E 247 -3.54 -36.67 -11.54
CA GLN E 247 -4.42 -37.68 -11.02
C GLN E 247 -4.71 -38.77 -12.06
N GLY E 248 -3.66 -39.44 -12.55
CA GLY E 248 -3.89 -40.49 -13.53
C GLY E 248 -2.90 -41.64 -13.46
N ASP E 249 -2.76 -42.38 -14.55
CA ASP E 249 -1.82 -43.51 -14.61
C ASP E 249 -0.40 -43.03 -14.80
N MET E 250 -0.26 -41.95 -15.59
CA MET E 250 1.06 -41.38 -15.88
C MET E 250 1.16 -39.95 -15.43
N PRO E 251 1.14 -39.72 -14.11
CA PRO E 251 1.23 -38.40 -13.51
C PRO E 251 2.46 -37.61 -13.93
N ASN E 252 3.59 -38.30 -13.98
CA ASN E 252 4.85 -37.68 -14.32
C ASN E 252 5.06 -37.40 -15.82
N LEU E 253 4.20 -37.95 -16.69
CA LEU E 253 4.33 -37.68 -18.13
C LEU E 253 3.85 -36.26 -18.34
N VAL E 254 4.72 -35.39 -18.86
CA VAL E 254 4.31 -34.01 -19.08
C VAL E 254 4.40 -33.60 -20.54
N LEU E 255 3.35 -32.95 -21.02
CA LEU E 255 3.28 -32.50 -22.42
C LEU E 255 3.76 -31.07 -22.60
N VAL E 256 4.54 -30.87 -23.65
CA VAL E 256 5.08 -29.57 -23.99
C VAL E 256 4.33 -28.94 -25.16
N ARG E 257 3.85 -27.73 -24.97
CA ARG E 257 3.09 -27.04 -26.00
C ARG E 257 3.61 -25.65 -26.25
N ILE E 258 4.04 -25.40 -27.47
CA ILE E 258 4.50 -24.05 -27.79
C ILE E 258 3.20 -23.24 -28.03
N LEU E 259 2.86 -22.41 -27.05
CA LEU E 259 1.66 -21.60 -27.14
C LEU E 259 1.87 -20.49 -28.16
N LYS E 260 3.14 -20.18 -28.41
CA LYS E 260 3.50 -19.17 -29.38
C LYS E 260 5.03 -19.05 -29.47
N CYS E 261 5.51 -18.68 -30.66
CA CYS E 261 6.93 -18.48 -30.91
C CYS E 261 7.08 -17.51 -32.07
N ARG E 262 7.09 -16.22 -31.74
CA ARG E 262 7.18 -15.15 -32.71
C ARG E 262 8.15 -15.48 -33.83
N PHE E 263 9.42 -15.55 -33.45
CA PHE E 263 10.50 -15.81 -34.38
C PHE E 263 10.26 -16.87 -35.44
N THR E 264 9.47 -17.88 -35.11
CA THR E 264 9.21 -18.96 -36.07
C THR E 264 7.76 -19.09 -36.55
N GLY E 265 6.80 -18.78 -35.68
CA GLY E 265 5.42 -18.93 -36.06
C GLY E 265 5.02 -20.39 -35.93
N ASP E 266 6.01 -21.25 -35.70
CA ASP E 266 5.76 -22.68 -35.54
C ASP E 266 5.25 -22.97 -34.12
N THR E 267 3.95 -23.20 -33.98
CA THR E 267 3.35 -23.47 -32.68
C THR E 267 2.93 -24.93 -32.62
N GLY E 268 2.27 -25.32 -31.53
CA GLY E 268 1.80 -26.69 -31.42
C GLY E 268 2.43 -27.56 -30.36
N ILE E 269 2.23 -28.86 -30.47
CA ILE E 269 2.80 -29.78 -29.50
C ILE E 269 4.22 -30.12 -29.89
N ALA E 270 5.15 -29.62 -29.08
CA ALA E 270 6.58 -29.86 -29.29
C ALA E 270 6.87 -31.36 -28.98
N GLY E 271 6.58 -31.76 -27.75
CA GLY E 271 6.85 -33.13 -27.37
C GLY E 271 6.43 -33.43 -25.95
N TYR E 272 7.02 -34.48 -25.39
CA TYR E 272 6.70 -34.92 -24.05
C TYR E 272 7.97 -35.12 -23.24
N MET E 273 7.80 -35.13 -21.92
CA MET E 273 8.92 -35.35 -21.02
C MET E 273 8.38 -36.11 -19.82
N GLU E 274 9.28 -36.72 -19.05
CA GLU E 274 8.88 -37.49 -17.87
C GLU E 274 9.60 -37.08 -16.61
N TYR E 275 8.83 -36.89 -15.55
CA TYR E 275 9.45 -36.53 -14.32
C TYR E 275 10.05 -37.76 -13.66
N ASN E 276 11.35 -37.68 -13.41
CA ASN E 276 12.06 -38.78 -12.81
C ASN E 276 12.18 -38.59 -11.30
N LYS E 277 11.22 -39.11 -10.54
CA LYS E 277 11.21 -38.99 -9.08
C LYS E 277 12.55 -39.22 -8.40
N GLU E 278 13.49 -39.85 -9.10
CA GLU E 278 14.81 -40.15 -8.54
C GLU E 278 15.86 -39.07 -8.78
N THR E 279 16.02 -38.64 -10.03
CA THR E 279 16.99 -37.61 -10.33
C THR E 279 16.37 -36.23 -10.12
N GLY E 280 15.06 -36.14 -10.39
CA GLY E 280 14.39 -34.87 -10.20
C GLY E 280 14.39 -34.11 -11.50
N TRP E 281 15.09 -34.66 -12.49
CA TRP E 281 15.15 -34.04 -13.79
C TRP E 281 13.91 -34.33 -14.63
N LEU E 282 13.73 -33.50 -15.64
CA LEU E 282 12.62 -33.62 -16.56
C LEU E 282 13.28 -34.13 -17.85
N GLU E 283 13.40 -35.44 -17.99
CA GLU E 283 14.01 -36.11 -19.13
C GLU E 283 13.06 -36.21 -20.30
N PRO E 284 13.58 -36.21 -21.54
CA PRO E 284 12.74 -36.31 -22.74
C PRO E 284 12.09 -37.68 -22.87
N SER E 285 10.84 -37.71 -23.30
CA SER E 285 10.14 -38.99 -23.42
C SER E 285 9.83 -39.30 -24.88
N SER E 286 9.14 -40.42 -25.08
CA SER E 286 8.75 -40.93 -26.39
C SER E 286 7.33 -41.41 -26.18
N TYR E 287 6.37 -40.62 -26.63
CA TYR E 287 4.98 -40.96 -26.44
C TYR E 287 4.09 -40.35 -27.54
N SER E 288 2.85 -40.81 -27.60
CA SER E 288 1.89 -40.33 -28.58
C SER E 288 0.46 -40.72 -28.15
N GLY E 289 -0.38 -39.70 -27.94
CA GLY E 289 -1.76 -39.94 -27.52
C GLY E 289 -2.71 -39.94 -28.70
N PRO F 2 21.57 0.04 -6.73
CA PRO F 2 20.64 -0.68 -5.80
C PRO F 2 21.07 -2.14 -5.67
N ASP F 3 22.13 -2.39 -4.90
CA ASP F 3 22.63 -3.76 -4.76
C ASP F 3 21.98 -4.59 -3.64
N GLY F 4 21.46 -5.75 -4.05
CA GLY F 4 20.82 -6.70 -3.14
C GLY F 4 21.15 -8.08 -3.73
N VAL F 5 21.67 -8.00 -4.94
CA VAL F 5 22.07 -9.14 -5.75
C VAL F 5 23.33 -9.84 -5.22
N VAL F 6 23.11 -11.04 -4.67
CA VAL F 6 24.17 -11.89 -4.12
C VAL F 6 24.63 -12.92 -5.17
N SER F 7 25.94 -13.09 -5.34
CA SER F 7 26.45 -14.07 -6.30
C SER F 7 26.48 -15.46 -5.63
N ALA F 8 26.04 -16.49 -6.36
CA ALA F 8 25.98 -17.86 -5.83
C ALA F 8 27.12 -18.16 -4.86
N LEU F 9 28.34 -18.26 -5.41
CA LEU F 9 29.55 -18.50 -4.63
C LEU F 9 29.59 -17.87 -3.21
N SER F 10 28.96 -16.72 -3.04
CA SER F 10 28.94 -15.99 -1.78
C SER F 10 27.99 -16.53 -0.74
N LEU F 11 27.39 -17.69 -1.01
CA LEU F 11 26.43 -18.27 -0.09
C LEU F 11 26.87 -19.64 0.44
N ARG F 12 28.09 -20.05 0.12
CA ARG F 12 28.64 -21.34 0.56
C ARG F 12 28.30 -21.67 2.03
N GLU F 13 28.61 -20.75 2.92
CA GLU F 13 28.34 -20.95 4.36
C GLU F 13 26.85 -20.79 4.64
N ARG F 14 26.25 -19.80 3.98
CA ARG F 14 24.84 -19.53 4.14
C ARG F 14 24.00 -20.70 3.68
N ILE F 15 24.65 -21.65 3.01
CA ILE F 15 24.00 -22.84 2.51
C ILE F 15 24.26 -23.98 3.48
N ARG F 16 25.52 -24.13 3.88
CA ARG F 16 25.87 -25.17 4.82
C ARG F 16 24.93 -25.02 6.01
N GLU F 17 24.85 -23.80 6.53
CA GLU F 17 23.98 -23.48 7.67
C GLU F 17 22.64 -24.15 7.41
N HIS F 18 22.03 -23.78 6.28
CA HIS F 18 20.76 -24.31 5.83
C HIS F 18 20.69 -25.83 5.94
N LEU F 19 21.41 -26.52 5.05
CA LEU F 19 21.46 -27.98 4.97
C LEU F 19 21.52 -28.75 6.28
N SER F 20 22.02 -28.12 7.35
CA SER F 20 22.12 -28.77 8.66
C SER F 20 21.09 -28.20 9.62
N SER F 21 20.08 -29.01 9.92
CA SER F 21 18.96 -28.64 10.81
C SER F 21 17.80 -28.06 10.00
N GLU F 22 17.77 -28.40 8.72
CA GLU F 22 16.71 -27.98 7.81
C GLU F 22 15.85 -29.21 7.70
N GLU F 23 14.60 -29.14 8.19
CA GLU F 23 13.73 -30.32 8.15
C GLU F 23 12.84 -30.54 6.92
N SER F 24 13.01 -31.72 6.34
CA SER F 24 12.26 -32.13 5.17
C SER F 24 11.21 -33.17 5.60
N VAL F 25 11.44 -33.77 6.78
CA VAL F 25 10.55 -34.77 7.34
C VAL F 25 10.25 -34.43 8.80
N GLY F 26 8.98 -34.11 9.06
CA GLY F 26 8.58 -33.77 10.41
C GLY F 26 7.12 -34.08 10.62
N LEU F 27 6.81 -34.84 11.67
CA LEU F 27 5.43 -35.18 11.95
C LEU F 27 4.86 -36.05 10.84
N LEU F 28 4.55 -37.29 11.19
CA LEU F 28 3.99 -38.26 10.27
C LEU F 28 2.51 -38.50 10.61
N PHE F 29 1.69 -38.63 9.58
CA PHE F 29 0.30 -38.89 9.82
C PHE F 29 0.24 -40.32 10.31
N SER F 30 -0.84 -40.66 10.98
CA SER F 30 -1.02 -41.98 11.54
C SER F 30 -2.22 -42.70 11.03
N GLY F 31 -2.03 -43.97 10.73
CA GLY F 31 -3.12 -44.81 10.26
C GLY F 31 -3.19 -45.04 8.79
N CYS F 32 -2.11 -44.76 8.08
CA CYS F 32 -2.10 -44.95 6.64
C CYS F 32 -0.80 -44.48 6.05
N THR F 33 0.21 -45.35 6.10
CA THR F 33 1.49 -45.03 5.51
C THR F 33 1.13 -44.76 4.05
N GLY F 34 1.89 -43.93 3.37
CA GLY F 34 1.54 -43.65 1.99
C GLY F 34 1.14 -42.19 1.92
N ILE F 35 0.43 -41.73 2.95
CA ILE F 35 0.10 -40.31 3.01
C ILE F 35 1.52 -39.83 3.24
N ASN F 36 2.20 -40.56 4.12
CA ASN F 36 3.56 -40.26 4.47
C ASN F 36 4.52 -40.50 3.34
N ASP F 37 4.11 -41.31 2.39
CA ASP F 37 4.96 -41.62 1.24
C ASP F 37 4.93 -40.59 0.14
N LYS F 38 3.77 -39.98 -0.07
CA LYS F 38 3.64 -38.97 -1.11
C LYS F 38 3.88 -37.56 -0.58
N THR F 39 4.08 -37.44 0.73
CA THR F 39 4.27 -36.13 1.35
C THR F 39 5.40 -36.03 2.35
N LEU F 40 5.93 -37.16 2.80
CA LEU F 40 7.03 -37.09 3.75
C LEU F 40 6.59 -36.32 4.99
N GLY F 41 5.31 -36.43 5.33
CA GLY F 41 4.77 -35.78 6.51
C GLY F 41 4.37 -34.30 6.42
N ALA F 42 4.37 -33.66 7.58
CA ALA F 42 3.97 -32.27 7.67
C ALA F 42 5.12 -31.37 8.11
N ARG F 43 5.69 -30.61 7.17
CA ARG F 43 6.77 -29.68 7.50
C ARG F 43 6.16 -28.43 8.16
N GLY F 44 6.89 -27.85 9.13
CA GLY F 44 6.43 -26.65 9.81
C GLY F 44 6.47 -25.44 8.89
N GLY F 45 5.47 -24.58 8.97
CA GLY F 45 5.46 -23.42 8.10
C GLY F 45 4.58 -23.69 6.88
N GLU F 46 4.14 -24.94 6.77
CA GLU F 46 3.28 -25.38 5.65
C GLU F 46 1.82 -25.28 6.02
N VAL F 47 0.95 -25.47 5.02
CA VAL F 47 -0.49 -25.43 5.24
C VAL F 47 -1.11 -26.72 4.69
N ILE F 48 -1.56 -27.59 5.58
CA ILE F 48 -2.17 -28.86 5.18
C ILE F 48 -3.67 -28.72 5.06
N MET F 49 -4.17 -28.99 3.86
CA MET F 49 -5.59 -28.89 3.55
C MET F 49 -6.23 -30.27 3.60
N VAL F 50 -7.28 -30.41 4.41
CA VAL F 50 -7.99 -31.68 4.51
C VAL F 50 -9.47 -31.49 4.17
N THR F 51 -9.92 -32.11 3.07
CA THR F 51 -11.29 -31.97 2.61
C THR F 51 -11.99 -33.29 2.27
N SER F 52 -13.30 -33.22 2.03
CA SER F 52 -14.13 -34.38 1.68
C SER F 52 -15.64 -34.06 1.60
N GLY F 53 -16.42 -35.05 1.19
CA GLY F 53 -17.87 -34.87 1.12
C GLY F 53 -18.27 -34.75 2.57
N SER F 54 -19.43 -34.15 2.86
CA SER F 54 -19.84 -34.00 4.25
C SER F 54 -20.03 -35.33 4.96
N GLY F 55 -19.43 -35.41 6.15
CA GLY F 55 -19.50 -36.61 6.95
C GLY F 55 -18.84 -37.78 6.22
N MET F 56 -17.58 -37.63 5.83
CA MET F 56 -16.90 -38.69 5.11
C MET F 56 -15.42 -38.88 5.47
N GLY F 57 -15.01 -38.37 6.63
CA GLY F 57 -13.63 -38.55 7.04
C GLY F 57 -12.84 -37.34 7.46
N LYS F 58 -13.08 -36.18 6.86
CA LYS F 58 -12.34 -34.95 7.19
C LYS F 58 -12.09 -34.82 8.67
N SER F 59 -13.19 -34.70 9.41
CA SER F 59 -13.16 -34.52 10.85
C SER F 59 -12.36 -35.57 11.60
N THR F 60 -12.83 -36.81 11.58
CA THR F 60 -12.15 -37.89 12.28
C THR F 60 -10.66 -37.97 11.94
N PHE F 61 -10.32 -38.03 10.66
CA PHE F 61 -8.93 -38.14 10.30
C PHE F 61 -8.09 -37.06 10.94
N VAL F 62 -8.53 -35.82 10.85
CA VAL F 62 -7.80 -34.70 11.44
C VAL F 62 -7.77 -34.79 12.96
N ARG F 63 -8.84 -35.32 13.54
CA ARG F 63 -8.97 -35.46 14.98
C ARG F 63 -8.05 -36.58 15.49
N GLN F 64 -7.76 -37.53 14.62
CA GLN F 64 -6.89 -38.63 14.98
C GLN F 64 -5.45 -38.19 14.92
N GLN F 65 -5.11 -37.42 13.89
CA GLN F 65 -3.75 -36.93 13.75
C GLN F 65 -3.39 -36.07 14.97
N ALA F 66 -4.32 -35.22 15.39
CA ALA F 66 -4.10 -34.37 16.55
C ALA F 66 -3.84 -35.26 17.75
N LEU F 67 -4.74 -36.22 17.95
CA LEU F 67 -4.64 -37.17 19.04
C LEU F 67 -3.29 -37.92 19.07
N GLN F 68 -2.79 -38.32 17.91
CA GLN F 68 -1.51 -39.03 17.91
C GLN F 68 -0.41 -38.05 18.20
N TRP F 69 -0.32 -37.01 17.38
CA TRP F 69 0.67 -35.97 17.53
C TRP F 69 0.75 -35.49 18.97
N GLY F 70 -0.40 -35.33 19.62
CA GLY F 70 -0.40 -34.83 20.99
C GLY F 70 -0.02 -35.80 22.11
N THR F 71 0.13 -37.07 21.78
CA THR F 71 0.48 -38.09 22.77
C THR F 71 1.79 -38.76 22.38
N ALA F 72 1.69 -39.98 21.87
CA ALA F 72 2.83 -40.76 21.44
C ALA F 72 3.98 -39.93 20.89
N MET F 73 3.68 -38.82 20.24
CA MET F 73 4.75 -38.00 19.71
C MET F 73 5.03 -36.71 20.49
N GLY F 74 4.23 -36.50 21.54
CA GLY F 74 4.40 -35.36 22.43
C GLY F 74 4.47 -33.93 21.91
N LYS F 75 3.92 -33.67 20.74
CA LYS F 75 3.92 -32.32 20.21
C LYS F 75 2.83 -31.55 20.92
N LYS F 76 2.84 -30.23 20.75
CA LYS F 76 1.81 -29.39 21.34
C LYS F 76 0.84 -29.10 20.21
N VAL F 77 -0.44 -29.33 20.46
CA VAL F 77 -1.46 -29.13 19.45
C VAL F 77 -2.55 -28.17 19.88
N GLY F 78 -2.86 -27.23 18.99
CA GLY F 78 -3.89 -26.25 19.28
C GLY F 78 -5.11 -26.56 18.46
N LEU F 79 -6.26 -26.61 19.12
CA LEU F 79 -7.50 -26.92 18.41
C LEU F 79 -8.43 -25.72 18.23
N ALA F 80 -8.80 -25.47 16.99
CA ALA F 80 -9.70 -24.37 16.66
C ALA F 80 -10.93 -24.98 15.99
N MET F 81 -11.75 -25.59 16.84
CA MET F 81 -12.96 -26.23 16.39
C MET F 81 -14.07 -25.20 16.53
N LEU F 82 -14.47 -24.61 15.42
CA LEU F 82 -15.50 -23.59 15.50
C LEU F 82 -16.95 -24.08 15.64
N GLU F 83 -17.30 -25.22 15.04
CA GLU F 83 -18.68 -25.71 15.12
C GLU F 83 -19.03 -26.45 16.41
N GLU F 84 -18.09 -26.50 17.35
CA GLU F 84 -18.34 -27.20 18.59
C GLU F 84 -17.75 -26.47 19.80
N SER F 85 -18.23 -26.82 21.01
CA SER F 85 -17.81 -26.23 22.29
C SER F 85 -16.54 -26.90 22.78
N VAL F 86 -15.79 -26.29 23.69
CA VAL F 86 -14.56 -26.96 24.12
C VAL F 86 -14.78 -28.31 24.77
N GLU F 87 -15.85 -28.46 25.54
CA GLU F 87 -16.14 -29.72 26.22
C GLU F 87 -16.73 -30.73 25.24
N GLU F 88 -17.19 -30.23 24.10
CA GLU F 88 -17.74 -31.08 23.07
C GLU F 88 -16.58 -31.82 22.43
N THR F 89 -15.68 -31.07 21.82
CA THR F 89 -14.51 -31.61 21.18
C THR F 89 -13.67 -32.39 22.18
N ALA F 90 -13.56 -31.90 23.41
CA ALA F 90 -12.79 -32.63 24.40
C ALA F 90 -13.44 -33.99 24.64
N GLU F 91 -14.76 -33.99 24.75
CA GLU F 91 -15.50 -35.23 24.95
C GLU F 91 -15.10 -36.22 23.86
N ASP F 92 -15.17 -35.77 22.59
CA ASP F 92 -14.78 -36.63 21.48
C ASP F 92 -13.37 -37.18 21.73
N LEU F 93 -12.41 -36.28 21.88
CA LEU F 93 -11.04 -36.72 22.11
C LEU F 93 -10.94 -37.87 23.08
N ILE F 94 -11.41 -37.66 24.30
CA ILE F 94 -11.37 -38.70 25.33
C ILE F 94 -11.87 -40.02 24.79
N GLY F 95 -13.13 -40.03 24.39
CA GLY F 95 -13.69 -41.25 23.85
C GLY F 95 -12.83 -41.77 22.71
N LEU F 96 -12.38 -40.89 21.83
CA LEU F 96 -11.57 -41.34 20.70
C LEU F 96 -10.31 -42.03 21.13
N HIS F 97 -9.65 -41.47 22.12
CA HIS F 97 -8.42 -42.05 22.63
C HIS F 97 -8.70 -43.44 23.21
N ASN F 98 -9.84 -43.59 23.89
CA ASN F 98 -10.20 -44.87 24.50
C ASN F 98 -11.05 -45.77 23.61
N ARG F 99 -10.90 -45.62 22.30
CA ARG F 99 -11.61 -46.41 21.31
C ARG F 99 -13.05 -46.73 21.72
N VAL F 100 -13.76 -45.73 22.20
CA VAL F 100 -15.16 -45.90 22.60
C VAL F 100 -15.97 -44.69 22.16
N ARG F 101 -17.18 -44.94 21.63
CA ARG F 101 -18.08 -43.88 21.17
C ARG F 101 -18.67 -43.23 22.41
N LEU F 102 -17.88 -42.38 23.06
CA LEU F 102 -18.32 -41.74 24.29
C LEU F 102 -19.55 -40.86 24.13
N ARG F 103 -19.68 -40.19 23.00
CA ARG F 103 -20.83 -39.32 22.78
C ARG F 103 -22.15 -40.06 22.52
N GLN F 104 -22.14 -40.99 21.56
CA GLN F 104 -23.33 -41.75 21.19
C GLN F 104 -23.77 -42.76 22.26
N SER F 105 -23.30 -42.62 23.50
CA SER F 105 -23.67 -43.59 24.54
C SER F 105 -23.81 -43.01 25.94
N ASP F 106 -25.04 -42.96 26.44
CA ASP F 106 -25.29 -42.41 27.78
C ASP F 106 -24.80 -43.33 28.89
N SER F 107 -25.03 -44.62 28.71
CA SER F 107 -24.61 -45.60 29.69
C SER F 107 -23.16 -45.38 30.13
N LEU F 108 -22.27 -45.23 29.14
CA LEU F 108 -20.85 -45.03 29.39
C LEU F 108 -20.45 -43.73 30.08
N LYS F 109 -21.12 -42.62 29.73
CA LYS F 109 -20.82 -41.34 30.37
C LYS F 109 -21.19 -41.47 31.84
N ARG F 110 -22.32 -42.14 32.10
CA ARG F 110 -22.81 -42.38 33.45
C ARG F 110 -21.71 -43.11 34.21
N GLU F 111 -21.30 -44.25 33.66
CA GLU F 111 -20.24 -45.07 34.26
C GLU F 111 -19.01 -44.25 34.65
N ILE F 112 -18.03 -44.22 33.74
CA ILE F 112 -16.77 -43.51 33.96
C ILE F 112 -16.84 -42.34 34.91
N ILE F 113 -17.94 -41.59 34.90
CA ILE F 113 -18.06 -40.47 35.83
C ILE F 113 -18.26 -40.98 37.25
N GLU F 114 -19.12 -41.98 37.39
CA GLU F 114 -19.43 -42.59 38.67
C GLU F 114 -18.31 -43.54 39.13
N ASN F 115 -17.85 -44.43 38.24
CA ASN F 115 -16.78 -45.36 38.62
C ASN F 115 -15.41 -44.68 38.68
N GLY F 116 -15.37 -43.37 38.45
CA GLY F 116 -14.12 -42.64 38.50
C GLY F 116 -13.14 -42.77 37.35
N LYS F 117 -13.46 -43.63 36.40
CA LYS F 117 -12.60 -43.85 35.25
C LYS F 117 -12.41 -42.62 34.39
N PHE F 118 -13.28 -41.63 34.56
CA PHE F 118 -13.18 -40.39 33.78
C PHE F 118 -11.89 -39.65 34.13
N ASP F 119 -11.69 -39.39 35.42
CA ASP F 119 -10.51 -38.69 35.90
C ASP F 119 -9.26 -39.39 35.39
N GLN F 120 -9.32 -40.71 35.31
CA GLN F 120 -8.19 -41.50 34.82
C GLN F 120 -7.97 -41.10 33.37
N TRP F 121 -8.94 -41.44 32.55
CA TRP F 121 -8.89 -41.14 31.13
C TRP F 121 -8.43 -39.71 30.85
N PHE F 122 -8.99 -38.77 31.59
CA PHE F 122 -8.66 -37.36 31.42
C PHE F 122 -7.15 -37.13 31.60
N ASP F 123 -6.65 -37.49 32.78
CA ASP F 123 -5.24 -37.34 33.08
C ASP F 123 -4.36 -38.05 32.07
N GLU F 124 -4.79 -39.25 31.64
CA GLU F 124 -4.00 -40.02 30.70
C GLU F 124 -3.89 -39.33 29.34
N LEU F 125 -4.98 -38.71 28.89
CA LEU F 125 -4.98 -38.00 27.61
C LEU F 125 -4.37 -36.59 27.70
N PHE F 126 -4.91 -35.75 28.58
CA PHE F 126 -4.42 -34.37 28.73
C PHE F 126 -3.34 -34.15 29.79
N GLY F 127 -2.88 -35.23 30.41
CA GLY F 127 -1.88 -35.13 31.45
C GLY F 127 -0.66 -34.33 31.08
N ASN F 128 -0.10 -34.56 29.90
CA ASN F 128 1.10 -33.83 29.49
C ASN F 128 0.93 -32.40 28.96
N ASP F 129 -0.22 -31.78 29.22
CA ASP F 129 -0.43 -30.42 28.77
C ASP F 129 0.09 -30.27 27.33
N THR F 130 -0.55 -30.97 26.41
CA THR F 130 -0.14 -30.92 25.00
C THR F 130 -1.33 -30.44 24.18
N PHE F 131 -2.43 -30.23 24.89
CA PHE F 131 -3.67 -29.81 24.24
C PHE F 131 -4.20 -28.50 24.78
N HIS F 132 -4.51 -27.60 23.85
CA HIS F 132 -5.08 -26.27 24.15
C HIS F 132 -6.10 -25.99 23.06
N LEU F 133 -7.11 -25.18 23.38
CA LEU F 133 -8.14 -24.90 22.40
C LEU F 133 -8.52 -23.42 22.28
N TYR F 134 -9.30 -23.09 21.24
CA TYR F 134 -9.81 -21.74 21.04
C TYR F 134 -11.21 -21.91 21.61
N ASP F 135 -11.65 -20.98 22.43
CA ASP F 135 -12.96 -21.11 23.06
C ASP F 135 -13.96 -20.00 22.73
N SER F 136 -15.15 -20.36 22.28
CA SER F 136 -16.19 -19.36 21.98
C SER F 136 -17.48 -19.91 21.42
N PHE F 137 -17.42 -20.30 20.15
CA PHE F 137 -18.56 -20.82 19.38
C PHE F 137 -19.21 -19.62 18.69
N ALA F 138 -19.15 -18.45 19.33
CA ALA F 138 -19.72 -17.20 18.81
C ALA F 138 -18.90 -16.60 17.67
N GLU F 139 -19.47 -16.63 16.46
CA GLU F 139 -18.86 -16.11 15.24
C GLU F 139 -17.57 -15.31 15.44
N ALA F 140 -16.44 -15.95 15.15
CA ALA F 140 -15.13 -15.32 15.30
C ALA F 140 -14.74 -14.59 14.02
N GLU F 141 -14.17 -13.40 14.18
CA GLU F 141 -13.74 -12.60 13.05
C GLU F 141 -12.33 -13.04 12.65
N THR F 142 -11.98 -12.81 11.39
CA THR F 142 -10.66 -13.20 10.85
C THR F 142 -9.49 -12.70 11.69
N ASP F 143 -9.32 -11.38 11.76
CA ASP F 143 -8.23 -10.82 12.54
C ASP F 143 -8.42 -11.24 13.99
N ARG F 144 -9.68 -11.41 14.36
CA ARG F 144 -10.06 -11.82 15.71
C ARG F 144 -9.49 -13.20 16.00
N LEU F 145 -9.46 -14.03 14.96
CA LEU F 145 -8.97 -15.40 15.02
C LEU F 145 -7.45 -15.47 14.87
N LEU F 146 -6.96 -15.17 13.68
CA LEU F 146 -5.53 -15.21 13.42
C LEU F 146 -4.74 -14.86 14.67
N ALA F 147 -5.24 -13.90 15.42
CA ALA F 147 -4.59 -13.46 16.65
C ALA F 147 -4.53 -14.53 17.75
N LYS F 148 -5.61 -15.29 17.93
CA LYS F 148 -5.65 -16.33 18.95
C LYS F 148 -4.76 -17.50 18.53
N LEU F 149 -4.86 -17.89 17.26
CA LEU F 149 -4.03 -18.97 16.74
C LEU F 149 -2.60 -18.47 16.92
N ALA F 150 -2.40 -17.21 16.57
CA ALA F 150 -1.11 -16.53 16.67
C ALA F 150 -0.61 -16.66 18.10
N TYR F 151 -1.54 -16.58 19.05
CA TYR F 151 -1.17 -16.70 20.45
C TYR F 151 -0.72 -18.11 20.76
N MET F 152 -1.52 -19.09 20.33
CA MET F 152 -1.24 -20.51 20.56
C MET F 152 0.19 -20.84 20.18
N ARG F 153 0.52 -20.40 18.98
CA ARG F 153 1.83 -20.65 18.44
C ARG F 153 2.93 -20.03 19.30
N SER F 154 3.01 -18.70 19.27
CA SER F 154 4.02 -17.90 19.99
C SER F 154 3.88 -17.87 21.50
N GLY F 155 2.64 -17.76 21.98
CA GLY F 155 2.39 -17.71 23.41
C GLY F 155 2.54 -19.08 24.06
N LEU F 156 1.65 -20.01 23.65
CA LEU F 156 1.61 -21.38 24.16
C LEU F 156 2.59 -22.39 23.56
N GLY F 157 3.18 -22.08 22.41
CA GLY F 157 4.17 -22.99 21.85
C GLY F 157 3.73 -24.27 21.14
N CYS F 158 2.49 -24.29 20.67
CA CYS F 158 1.95 -25.43 19.98
C CYS F 158 2.72 -25.61 18.67
N ASP F 159 2.98 -26.88 18.28
CA ASP F 159 3.69 -27.16 17.04
C ASP F 159 2.67 -27.34 15.92
N VAL F 160 1.45 -27.72 16.31
CA VAL F 160 0.37 -27.94 15.37
C VAL F 160 -0.89 -27.17 15.77
N ILE F 161 -1.60 -26.68 14.76
CA ILE F 161 -2.85 -25.95 15.00
C ILE F 161 -3.84 -26.54 14.02
N ILE F 162 -5.03 -26.83 14.51
CA ILE F 162 -6.08 -27.40 13.67
C ILE F 162 -7.26 -26.45 13.57
N LEU F 163 -7.52 -25.92 12.37
CA LEU F 163 -8.65 -25.02 12.21
C LEU F 163 -9.76 -25.78 11.53
N ASP F 164 -10.79 -26.12 12.31
CA ASP F 164 -11.90 -26.87 11.73
C ASP F 164 -12.91 -25.92 11.12
N HIS F 165 -13.15 -26.13 9.83
CA HIS F 165 -14.08 -25.36 9.03
C HIS F 165 -13.59 -23.96 8.73
N ILE F 166 -13.26 -23.72 7.47
CA ILE F 166 -12.80 -22.41 7.03
C ILE F 166 -13.85 -21.87 6.07
N SER F 167 -15.08 -21.79 6.56
CA SER F 167 -16.21 -21.26 5.78
C SER F 167 -16.90 -20.38 6.80
N ILE F 168 -16.54 -20.62 8.06
CA ILE F 168 -17.05 -19.85 9.16
C ILE F 168 -16.08 -18.68 9.21
N VAL F 169 -16.28 -17.76 8.26
CA VAL F 169 -15.46 -16.56 8.12
C VAL F 169 -15.78 -15.49 9.15
N VAL F 170 -16.96 -14.89 9.03
CA VAL F 170 -17.41 -13.84 9.95
C VAL F 170 -16.42 -12.67 9.97
N SER F 171 -16.33 -11.93 8.88
CA SER F 171 -15.41 -10.80 8.81
C SER F 171 -15.93 -9.68 7.92
N ALA F 172 -15.43 -8.46 8.18
CA ALA F 172 -15.81 -7.26 7.44
C ALA F 172 -16.94 -7.48 6.43
N SER F 173 -18.18 -7.34 6.90
CA SER F 173 -19.37 -7.52 6.07
C SER F 173 -19.77 -6.24 5.31
N GLY F 174 -19.81 -6.36 3.98
CA GLY F 174 -20.16 -5.23 3.13
C GLY F 174 -19.34 -5.27 1.85
N GLU F 175 -18.86 -6.46 1.51
CA GLU F 175 -18.05 -6.68 0.31
C GLU F 175 -18.51 -7.97 -0.38
N SER F 176 -19.24 -7.80 -1.49
CA SER F 176 -19.81 -8.89 -2.28
C SER F 176 -19.02 -10.20 -2.31
N ASP F 177 -19.77 -11.28 -2.55
CA ASP F 177 -19.24 -12.65 -2.63
C ASP F 177 -18.14 -12.95 -1.62
N GLU F 178 -18.47 -13.81 -0.66
CA GLU F 178 -17.53 -14.21 0.37
C GLU F 178 -16.34 -14.93 -0.26
N ARG F 179 -16.40 -15.14 -1.58
CA ARG F 179 -15.33 -15.80 -2.32
C ARG F 179 -14.04 -15.04 -2.04
N LYS F 180 -14.18 -13.74 -1.80
CA LYS F 180 -13.04 -12.88 -1.52
C LYS F 180 -12.52 -13.22 -0.12
N MET F 181 -13.46 -13.39 0.81
CA MET F 181 -13.18 -13.71 2.21
C MET F 181 -12.35 -14.98 2.40
N ILE F 182 -12.73 -16.04 1.69
CA ILE F 182 -12.04 -17.32 1.77
C ILE F 182 -10.62 -17.20 1.22
N ASP F 183 -10.42 -16.24 0.31
CA ASP F 183 -9.11 -16.04 -0.29
C ASP F 183 -8.23 -15.17 0.58
N ASN F 184 -8.79 -14.10 1.13
CA ASN F 184 -8.00 -13.22 1.98
C ASN F 184 -7.60 -13.92 3.26
N LEU F 185 -8.53 -14.66 3.86
CA LEU F 185 -8.24 -15.37 5.10
C LEU F 185 -7.06 -16.31 4.87
N MET F 186 -7.14 -17.08 3.79
CA MET F 186 -6.07 -18.02 3.43
C MET F 186 -4.75 -17.27 3.47
N THR F 187 -4.64 -16.26 2.60
CA THR F 187 -3.44 -15.44 2.49
C THR F 187 -2.92 -14.95 3.85
N LYS F 188 -3.81 -14.78 4.83
CA LYS F 188 -3.38 -14.34 6.14
C LYS F 188 -2.86 -15.51 6.99
N LEU F 189 -3.43 -16.69 6.75
CA LEU F 189 -3.06 -17.92 7.45
C LEU F 189 -1.73 -18.41 6.94
N LYS F 190 -1.62 -18.48 5.61
CA LYS F 190 -0.38 -18.92 4.96
C LYS F 190 0.77 -18.08 5.47
N GLY F 191 0.58 -16.75 5.40
CA GLY F 191 1.59 -15.85 5.90
C GLY F 191 1.86 -16.20 7.35
N PHE F 192 0.78 -16.34 8.12
CA PHE F 192 0.90 -16.69 9.53
C PHE F 192 1.78 -17.90 9.70
N ALA F 193 1.42 -18.97 9.01
CA ALA F 193 2.16 -20.22 9.12
C ALA F 193 3.62 -20.13 8.72
N LYS F 194 3.86 -19.71 7.49
CA LYS F 194 5.21 -19.60 6.97
C LYS F 194 6.13 -18.80 7.90
N SER F 195 5.69 -17.61 8.27
CA SER F 195 6.44 -16.75 9.16
C SER F 195 6.59 -17.32 10.58
N THR F 196 5.50 -17.80 11.16
CA THR F 196 5.59 -18.37 12.50
C THR F 196 6.28 -19.72 12.54
N GLY F 197 6.17 -20.49 11.45
CA GLY F 197 6.80 -21.80 11.40
C GLY F 197 6.02 -22.97 12.00
N VAL F 198 4.80 -22.70 12.45
CA VAL F 198 3.95 -23.73 13.04
C VAL F 198 3.29 -24.55 11.93
N VAL F 199 2.73 -25.70 12.31
CA VAL F 199 2.05 -26.56 11.36
C VAL F 199 0.58 -26.17 11.34
N LEU F 200 0.09 -25.84 10.16
CA LEU F 200 -1.30 -25.46 10.04
C LEU F 200 -2.10 -26.48 9.26
N VAL F 201 -3.02 -27.16 9.95
CA VAL F 201 -3.90 -28.17 9.35
C VAL F 201 -5.31 -27.57 9.34
N VAL F 202 -5.74 -27.15 8.15
CA VAL F 202 -7.04 -26.53 7.93
C VAL F 202 -8.01 -27.44 7.22
N ILE F 203 -9.26 -27.41 7.68
CA ILE F 203 -10.34 -28.21 7.10
C ILE F 203 -11.27 -27.30 6.31
N CYS F 204 -11.74 -27.76 5.15
CA CYS F 204 -12.68 -27.01 4.33
C CYS F 204 -13.56 -28.04 3.67
N HIS F 205 -14.76 -27.63 3.25
CA HIS F 205 -15.70 -28.55 2.61
C HIS F 205 -15.70 -28.52 1.09
N LEU F 206 -16.70 -29.17 0.50
CA LEU F 206 -16.79 -29.28 -0.94
C LEU F 206 -17.94 -28.58 -1.63
N LYS F 207 -17.74 -28.26 -2.91
CA LYS F 207 -18.77 -27.63 -3.74
C LYS F 207 -19.70 -28.78 -4.11
N ASN F 208 -21.00 -28.58 -3.96
CA ASN F 208 -21.92 -29.63 -4.34
C ASN F 208 -22.06 -29.57 -5.86
N PRO F 209 -21.39 -30.51 -6.55
CA PRO F 209 -21.37 -30.63 -8.02
C PRO F 209 -22.74 -30.62 -8.69
N ASP F 210 -23.68 -31.37 -8.13
CA ASP F 210 -25.02 -31.46 -8.70
C ASP F 210 -24.89 -31.50 -10.22
N LYS F 211 -24.09 -32.45 -10.69
CA LYS F 211 -23.84 -32.63 -12.12
C LYS F 211 -23.12 -33.97 -12.21
N GLY F 212 -23.86 -35.02 -11.91
CA GLY F 212 -23.34 -36.38 -11.92
C GLY F 212 -23.75 -37.00 -10.59
N LYS F 213 -23.14 -38.12 -10.23
CA LYS F 213 -23.45 -38.77 -8.95
C LYS F 213 -22.29 -38.26 -8.10
N ALA F 214 -22.56 -37.81 -6.88
CA ALA F 214 -21.46 -37.26 -6.09
C ALA F 214 -21.24 -37.62 -4.62
N HIS F 215 -20.07 -37.19 -4.17
CA HIS F 215 -19.54 -37.34 -2.82
C HIS F 215 -20.13 -38.40 -1.91
N GLU F 216 -21.38 -38.21 -1.49
CA GLU F 216 -22.01 -39.17 -0.59
C GLU F 216 -22.05 -40.55 -1.24
N GLU F 217 -21.83 -40.59 -2.54
CA GLU F 217 -21.86 -41.82 -3.32
C GLU F 217 -20.56 -42.22 -4.00
N GLY F 218 -19.42 -41.81 -3.45
CA GLY F 218 -18.15 -42.16 -4.06
C GLY F 218 -17.60 -40.95 -4.78
N ARG F 219 -17.43 -41.06 -6.10
CA ARG F 219 -16.92 -39.95 -6.90
C ARG F 219 -15.64 -39.31 -6.38
N PRO F 220 -14.56 -39.37 -7.16
CA PRO F 220 -13.31 -38.76 -6.70
C PRO F 220 -13.40 -37.23 -6.61
N VAL F 221 -12.80 -36.65 -5.58
CA VAL F 221 -12.83 -35.21 -5.46
C VAL F 221 -11.63 -34.70 -6.24
N SER F 222 -11.83 -33.63 -7.00
CA SER F 222 -10.76 -33.04 -7.81
C SER F 222 -10.39 -31.73 -7.14
N ILE F 223 -9.30 -31.12 -7.58
CA ILE F 223 -8.90 -29.86 -6.99
C ILE F 223 -9.93 -28.76 -7.23
N THR F 224 -10.50 -28.75 -8.42
CA THR F 224 -11.50 -27.74 -8.78
C THR F 224 -12.69 -27.76 -7.81
N ASP F 225 -13.15 -28.96 -7.46
CA ASP F 225 -14.28 -29.15 -6.54
C ASP F 225 -14.17 -28.38 -5.25
N LEU F 226 -13.00 -27.81 -4.99
CA LEU F 226 -12.78 -27.08 -3.76
C LEU F 226 -13.58 -25.81 -3.54
N ARG F 227 -14.15 -25.71 -2.34
CA ARG F 227 -14.94 -24.53 -1.95
C ARG F 227 -14.04 -23.32 -1.89
N GLY F 228 -14.66 -22.15 -2.06
CA GLY F 228 -13.89 -20.93 -2.05
C GLY F 228 -13.02 -20.97 -3.29
N SER F 229 -13.28 -20.05 -4.22
CA SER F 229 -12.51 -19.99 -5.46
C SER F 229 -11.03 -20.23 -5.17
N GLY F 230 -10.53 -21.33 -5.71
CA GLY F 230 -9.15 -21.74 -5.55
C GLY F 230 -8.04 -20.76 -5.20
N ALA F 231 -8.10 -20.15 -4.02
CA ALA F 231 -7.04 -19.27 -3.59
C ALA F 231 -6.26 -20.24 -2.72
N LEU F 232 -7.01 -21.02 -1.96
CA LEU F 232 -6.45 -22.05 -1.09
C LEU F 232 -5.75 -23.07 -1.97
N ARG F 233 -6.39 -23.45 -3.09
CA ARG F 233 -5.78 -24.42 -3.97
C ARG F 233 -4.35 -24.02 -4.25
N GLN F 234 -4.03 -22.75 -4.00
CA GLN F 234 -2.68 -22.24 -4.24
C GLN F 234 -1.88 -21.96 -2.97
N LEU F 235 -2.53 -21.35 -1.98
CA LEU F 235 -1.88 -21.02 -0.72
C LEU F 235 -1.52 -22.23 0.15
N SER F 236 -2.35 -23.28 0.12
CA SER F 236 -2.06 -24.46 0.92
C SER F 236 -0.93 -25.26 0.26
N ASP F 237 -0.10 -25.91 1.07
CA ASP F 237 1.04 -26.68 0.55
C ASP F 237 0.81 -28.18 0.35
N THR F 238 -0.23 -28.73 0.96
CA THR F 238 -0.53 -30.15 0.83
C THR F 238 -2.01 -30.32 1.06
N ILE F 239 -2.71 -30.78 0.04
CA ILE F 239 -4.14 -31.01 0.14
C ILE F 239 -4.43 -32.51 0.23
N ILE F 240 -5.10 -32.92 1.31
CA ILE F 240 -5.46 -34.31 1.52
C ILE F 240 -6.94 -34.38 1.30
N ALA F 241 -7.42 -35.31 0.49
CA ALA F 241 -8.86 -35.42 0.25
C ALA F 241 -9.33 -36.83 0.55
N LEU F 242 -10.47 -36.92 1.21
CA LEU F 242 -11.03 -38.21 1.54
C LEU F 242 -12.29 -38.45 0.70
N GLU F 243 -12.42 -39.67 0.20
CA GLU F 243 -13.59 -40.02 -0.61
C GLU F 243 -14.14 -41.32 -0.07
N ARG F 244 -15.45 -41.49 -0.19
CA ARG F 244 -16.08 -42.73 0.27
C ARG F 244 -17.52 -42.79 -0.17
N ASN F 245 -18.05 -44.01 -0.23
CA ASN F 245 -19.41 -44.25 -0.68
C ASN F 245 -20.27 -44.88 0.42
N GLN F 246 -20.90 -44.05 1.24
CA GLN F 246 -21.75 -44.54 2.33
C GLN F 246 -23.04 -45.16 1.82
N GLN F 247 -23.28 -45.01 0.51
CA GLN F 247 -24.46 -45.57 -0.15
C GLN F 247 -24.00 -46.63 -1.14
N GLY F 248 -22.99 -47.39 -0.74
CA GLY F 248 -22.46 -48.43 -1.61
C GLY F 248 -22.25 -49.73 -0.85
N ASP F 249 -21.23 -50.49 -1.24
CA ASP F 249 -20.94 -51.76 -0.59
C ASP F 249 -20.09 -51.67 0.66
N MET F 250 -18.96 -50.98 0.57
CA MET F 250 -18.06 -50.85 1.70
C MET F 250 -18.14 -49.40 2.16
N PRO F 251 -19.19 -49.06 2.90
CA PRO F 251 -19.41 -47.71 3.41
C PRO F 251 -18.36 -47.29 4.42
N ASN F 252 -17.53 -48.23 4.83
CA ASN F 252 -16.51 -47.93 5.78
C ASN F 252 -15.16 -47.74 5.14
N LEU F 253 -15.02 -48.20 3.90
CA LEU F 253 -13.75 -48.05 3.18
C LEU F 253 -13.65 -46.64 2.65
N VAL F 254 -12.70 -45.87 3.17
CA VAL F 254 -12.51 -44.50 2.72
C VAL F 254 -11.15 -44.42 2.04
N LEU F 255 -11.12 -43.75 0.90
CA LEU F 255 -9.91 -43.58 0.11
C LEU F 255 -9.25 -42.24 0.45
N VAL F 256 -7.92 -42.23 0.47
CA VAL F 256 -7.16 -41.04 0.81
C VAL F 256 -6.32 -40.50 -0.34
N ARG F 257 -6.78 -39.40 -0.92
CA ARG F 257 -6.11 -38.79 -2.06
C ARG F 257 -5.29 -37.53 -1.75
N ILE F 258 -4.00 -37.55 -2.12
CA ILE F 258 -3.17 -36.38 -1.93
C ILE F 258 -3.40 -35.55 -3.20
N LEU F 259 -4.30 -34.57 -3.10
CA LEU F 259 -4.62 -33.73 -4.24
C LEU F 259 -3.49 -32.81 -4.65
N LYS F 260 -2.59 -32.55 -3.71
CA LYS F 260 -1.46 -31.67 -3.96
C LYS F 260 -0.43 -31.71 -2.85
N CYS F 261 0.85 -31.61 -3.20
CA CYS F 261 1.91 -31.59 -2.19
C CYS F 261 3.15 -30.88 -2.69
N ARG F 262 3.13 -29.55 -2.59
CA ARG F 262 4.24 -28.70 -3.01
C ARG F 262 5.58 -29.45 -2.90
N PHE F 263 6.07 -29.53 -1.68
CA PHE F 263 7.33 -30.16 -1.32
C PHE F 263 7.86 -31.30 -2.19
N THR F 264 7.04 -32.33 -2.39
CA THR F 264 7.46 -33.50 -3.16
C THR F 264 6.89 -33.58 -4.57
N GLY F 265 5.74 -32.96 -4.78
CA GLY F 265 5.13 -33.00 -6.10
C GLY F 265 4.46 -34.35 -6.31
N ASP F 266 4.75 -35.25 -5.37
CA ASP F 266 4.19 -36.58 -5.43
C ASP F 266 2.70 -36.49 -5.11
N THR F 267 1.87 -36.73 -6.13
CA THR F 267 0.43 -36.66 -5.97
C THR F 267 -0.23 -38.01 -6.27
N GLY F 268 -1.57 -38.04 -6.27
CA GLY F 268 -2.28 -39.27 -6.55
C GLY F 268 -2.78 -39.96 -5.28
N ILE F 269 -3.50 -41.06 -5.47
CA ILE F 269 -4.07 -41.81 -4.38
C ILE F 269 -3.03 -42.35 -3.41
N ALA F 270 -3.05 -41.85 -2.17
CA ALA F 270 -2.08 -42.29 -1.16
C ALA F 270 -2.37 -43.67 -0.56
N GLY F 271 -3.66 -44.00 -0.40
CA GLY F 271 -4.01 -45.29 0.18
C GLY F 271 -5.46 -45.41 0.60
N TYR F 272 -5.73 -46.34 1.50
CA TYR F 272 -7.10 -46.52 1.96
C TYR F 272 -7.18 -46.70 3.48
N MET F 273 -8.39 -46.58 4.02
CA MET F 273 -8.65 -46.75 5.44
C MET F 273 -10.08 -47.25 5.66
N GLU F 274 -10.32 -47.86 6.81
CA GLU F 274 -11.64 -48.39 7.14
C GLU F 274 -12.23 -47.83 8.41
N TYR F 275 -13.51 -47.50 8.36
CA TYR F 275 -14.18 -46.99 9.51
C TYR F 275 -14.68 -48.12 10.39
N ASN F 276 -14.35 -48.07 11.67
CA ASN F 276 -14.75 -49.06 12.63
C ASN F 276 -15.79 -48.46 13.57
N LYS F 277 -17.06 -48.78 13.34
CA LYS F 277 -18.16 -48.26 14.15
C LYS F 277 -18.05 -48.50 15.64
N GLU F 278 -17.19 -49.41 16.04
CA GLU F 278 -17.01 -49.67 17.46
C GLU F 278 -16.11 -48.60 18.10
N THR F 279 -14.89 -48.52 17.61
CA THR F 279 -13.89 -47.58 18.11
C THR F 279 -14.16 -46.13 17.69
N GLY F 280 -14.76 -45.96 16.52
CA GLY F 280 -15.03 -44.62 16.03
C GLY F 280 -13.82 -44.14 15.25
N TRP F 281 -12.90 -45.06 15.02
CA TRP F 281 -11.65 -44.80 14.33
C TRP F 281 -11.64 -45.12 12.85
N LEU F 282 -10.56 -44.71 12.19
CA LEU F 282 -10.33 -44.95 10.77
C LEU F 282 -9.09 -45.84 10.70
N GLU F 283 -9.31 -47.13 10.88
CA GLU F 283 -8.25 -48.13 10.87
C GLU F 283 -7.52 -48.31 9.55
N PRO F 284 -6.23 -48.67 9.62
CA PRO F 284 -5.42 -48.89 8.42
C PRO F 284 -6.04 -50.03 7.61
N SER F 285 -6.02 -49.92 6.27
CA SER F 285 -6.62 -50.94 5.42
C SER F 285 -5.79 -51.35 4.22
N SER F 286 -6.11 -52.54 3.71
CA SER F 286 -5.44 -53.11 2.54
C SER F 286 -6.50 -53.23 1.47
N TYR F 287 -6.27 -52.62 0.31
CA TYR F 287 -7.27 -52.68 -0.74
C TYR F 287 -6.73 -52.18 -2.08
N SER F 288 -7.52 -52.42 -3.14
CA SER F 288 -7.19 -51.99 -4.49
C SER F 288 -8.40 -52.27 -5.40
N GLY F 289 -9.12 -51.20 -5.76
CA GLY F 289 -10.30 -51.36 -6.60
C GLY F 289 -10.01 -51.46 -8.09
#